data_2JWG
#
_entry.id   2JWG
#
_entity_poly.entity_id   1
_entity_poly.type   'polypeptide(L)'
_entity_poly.pdbx_seq_one_letter_code
;GKSPEAECNKITEEPKCSEEKICSWHKEVKAGEKNCQFNSTKASKS
;
_entity_poly.pdbx_strand_id   A
#
# COMPACT_ATOMS: atom_id res chain seq x y z
N GLY A 1 -8.67 -3.98 10.20
CA GLY A 1 -9.34 -4.89 9.24
C GLY A 1 -10.50 -4.23 8.54
N LYS A 2 -10.31 -2.97 8.16
CA LYS A 2 -11.31 -2.22 7.42
C LYS A 2 -10.95 -2.18 5.94
N SER A 3 -11.08 -1.01 5.32
CA SER A 3 -10.73 -0.84 3.91
C SER A 3 -9.26 -1.17 3.68
N PRO A 4 -8.97 -2.00 2.66
CA PRO A 4 -7.61 -2.42 2.34
C PRO A 4 -6.64 -1.25 2.17
N GLU A 5 -7.14 -0.14 1.62
CA GLU A 5 -6.33 1.06 1.47
C GLU A 5 -5.82 1.53 2.83
N ALA A 6 -6.75 1.65 3.78
CA ALA A 6 -6.40 2.04 5.14
C ALA A 6 -5.49 1.00 5.79
N GLU A 7 -5.75 -0.26 5.47
CA GLU A 7 -4.94 -1.36 5.98
C GLU A 7 -3.47 -1.18 5.58
N CYS A 8 -3.24 -0.95 4.30
CA CYS A 8 -1.88 -0.74 3.80
C CYS A 8 -1.26 0.52 4.40
N ASN A 9 -2.06 1.58 4.53
CA ASN A 9 -1.57 2.88 5.00
C ASN A 9 -0.76 2.77 6.30
N LYS A 10 -1.15 1.87 7.20
CA LYS A 10 -0.52 1.79 8.53
C LYS A 10 0.91 1.23 8.47
N ILE A 11 1.20 0.38 7.48
CA ILE A 11 2.48 -0.32 7.42
C ILE A 11 3.66 0.64 7.47
N THR A 12 3.65 1.63 6.57
CA THR A 12 4.69 2.66 6.51
C THR A 12 6.10 2.06 6.43
N GLU A 13 6.21 0.94 5.72
CA GLU A 13 7.49 0.25 5.53
C GLU A 13 7.54 -0.38 4.15
N GLU A 14 8.58 -0.07 3.39
CA GLU A 14 8.73 -0.56 2.02
C GLU A 14 8.84 -2.09 1.96
N PRO A 15 9.75 -2.72 2.75
CA PRO A 15 9.92 -4.17 2.72
C PRO A 15 8.63 -4.91 3.07
N LYS A 16 7.97 -4.45 4.12
CA LYS A 16 6.71 -5.05 4.54
C LYS A 16 5.61 -4.79 3.50
N CYS A 17 5.46 -3.53 3.10
CA CYS A 17 4.38 -3.11 2.21
C CYS A 17 4.42 -3.85 0.88
N SER A 18 5.61 -3.97 0.33
CA SER A 18 5.78 -4.60 -0.98
C SER A 18 5.32 -6.06 -0.93
N GLU A 19 5.52 -6.71 0.22
CA GLU A 19 5.11 -8.09 0.40
C GLU A 19 3.66 -8.17 0.89
N GLU A 20 3.17 -7.10 1.50
CA GLU A 20 1.81 -7.06 2.04
C GLU A 20 0.77 -7.37 0.97
N LYS A 21 -0.25 -8.12 1.35
CA LYS A 21 -1.32 -8.50 0.45
C LYS A 21 -2.05 -7.28 -0.08
N ILE A 22 -2.11 -7.16 -1.40
CA ILE A 22 -2.79 -6.07 -2.11
C ILE A 22 -2.30 -4.67 -1.66
N CYS A 23 -1.09 -4.63 -1.14
CA CYS A 23 -0.42 -3.37 -0.84
C CYS A 23 0.78 -3.20 -1.76
N SER A 24 1.13 -1.96 -2.05
CA SER A 24 2.28 -1.69 -2.91
C SER A 24 2.91 -0.37 -2.49
N TRP A 25 4.23 -0.31 -2.56
CA TRP A 25 4.97 0.85 -2.08
C TRP A 25 4.95 1.99 -3.09
N HIS A 26 4.41 3.11 -2.66
CA HIS A 26 4.42 4.35 -3.42
C HIS A 26 5.76 5.02 -3.20
N LYS A 27 6.75 4.63 -4.01
CA LYS A 27 8.14 5.03 -3.78
C LYS A 27 8.28 6.55 -3.70
N GLU A 28 7.98 7.23 -4.79
CA GLU A 28 7.95 8.68 -4.80
C GLU A 28 6.57 9.15 -4.32
N VAL A 29 6.55 10.15 -3.44
CA VAL A 29 5.28 10.63 -2.90
C VAL A 29 5.24 12.15 -2.79
N LYS A 30 4.10 12.71 -3.17
CA LYS A 30 3.84 14.13 -3.00
C LYS A 30 3.48 14.39 -1.54
N ALA A 31 3.82 15.57 -1.03
CA ALA A 31 3.51 15.92 0.35
C ALA A 31 2.01 15.91 0.58
N GLY A 32 1.52 14.86 1.20
CA GLY A 32 0.10 14.69 1.38
C GLY A 32 -0.34 13.27 1.06
N GLU A 33 0.36 12.66 0.11
CA GLU A 33 0.07 11.28 -0.30
C GLU A 33 0.55 10.28 0.75
N LYS A 34 0.52 9.00 0.40
CA LYS A 34 1.00 7.96 1.31
C LYS A 34 1.82 6.94 0.54
N ASN A 35 2.93 6.51 1.13
CA ASN A 35 3.81 5.56 0.48
C ASN A 35 3.20 4.17 0.48
N CYS A 36 2.94 3.61 1.66
CA CYS A 36 2.28 2.32 1.71
C CYS A 36 0.78 2.52 1.53
N GLN A 37 0.23 1.97 0.46
CA GLN A 37 -1.15 2.19 0.12
C GLN A 37 -1.70 1.10 -0.79
N PHE A 38 -3.02 1.13 -0.95
CA PHE A 38 -3.74 0.14 -1.73
C PHE A 38 -3.31 0.17 -3.20
N ASN A 39 -2.87 -0.97 -3.72
CA ASN A 39 -2.47 -1.04 -5.11
C ASN A 39 -3.66 -1.33 -6.01
N SER A 40 -4.83 -1.48 -5.41
CA SER A 40 -6.07 -1.74 -6.14
C SER A 40 -5.99 -3.11 -6.84
N THR A 41 -6.35 -3.15 -8.11
CA THR A 41 -6.32 -4.39 -8.87
C THR A 41 -4.94 -4.63 -9.47
N LYS A 42 -3.91 -4.16 -8.78
CA LYS A 42 -2.53 -4.41 -9.21
C LYS A 42 -2.11 -5.81 -8.82
N ALA A 43 -2.44 -6.21 -7.60
CA ALA A 43 -2.06 -7.52 -7.08
C ALA A 43 -2.65 -8.64 -7.93
N SER A 44 -3.97 -8.66 -8.03
CA SER A 44 -4.68 -9.66 -8.84
C SER A 44 -4.20 -11.07 -8.50
N LYS A 45 -4.17 -11.38 -7.22
CA LYS A 45 -3.66 -12.66 -6.75
C LYS A 45 -4.45 -13.12 -5.54
N SER A 46 -4.91 -14.36 -5.59
CA SER A 46 -5.71 -14.92 -4.51
C SER A 46 -5.36 -16.39 -4.29
N GLY A 1 -8.81 -4.97 7.65
CA GLY A 1 -8.82 -3.69 8.38
C GLY A 1 -9.65 -2.63 7.69
N LYS A 2 -10.91 -2.97 7.39
CA LYS A 2 -11.83 -2.08 6.68
C LYS A 2 -11.27 -1.74 5.30
N SER A 3 -11.04 -0.47 5.04
CA SER A 3 -10.47 -0.04 3.77
C SER A 3 -9.09 -0.67 3.57
N PRO A 4 -8.92 -1.41 2.47
CA PRO A 4 -7.65 -2.09 2.17
C PRO A 4 -6.49 -1.10 2.02
N GLU A 5 -6.79 0.09 1.54
CA GLU A 5 -5.78 1.14 1.45
C GLU A 5 -5.42 1.62 2.85
N ALA A 6 -6.46 1.91 3.64
CA ALA A 6 -6.29 2.37 5.00
C ALA A 6 -5.54 1.34 5.86
N GLU A 7 -5.88 0.07 5.69
CA GLU A 7 -5.27 -0.98 6.49
C GLU A 7 -3.77 -1.09 6.17
N CYS A 8 -3.43 -1.04 4.88
CA CYS A 8 -2.04 -1.14 4.47
C CYS A 8 -1.25 0.09 4.89
N ASN A 9 -1.94 1.23 5.01
CA ASN A 9 -1.32 2.50 5.41
C ASN A 9 -0.38 2.35 6.60
N LYS A 10 -0.67 1.39 7.49
CA LYS A 10 0.12 1.19 8.71
C LYS A 10 1.60 0.98 8.43
N ILE A 11 1.94 0.28 7.33
CA ILE A 11 3.33 0.02 7.01
C ILE A 11 4.07 1.32 6.67
N THR A 12 5.33 1.40 7.07
CA THR A 12 6.16 2.55 6.74
C THR A 12 7.49 2.08 6.14
N GLU A 13 7.45 0.93 5.49
CA GLU A 13 8.64 0.34 4.86
C GLU A 13 8.25 -0.39 3.59
N GLU A 14 9.02 -0.21 2.52
CA GLU A 14 8.72 -0.83 1.24
C GLU A 14 8.53 -2.35 1.35
N PRO A 15 9.52 -3.09 1.92
CA PRO A 15 9.44 -4.56 2.00
C PRO A 15 8.17 -5.05 2.70
N LYS A 16 7.91 -4.55 3.90
CA LYS A 16 6.74 -4.94 4.67
C LYS A 16 5.44 -4.59 3.94
N CYS A 17 5.42 -3.40 3.35
CA CYS A 17 4.25 -2.92 2.60
C CYS A 17 4.00 -3.83 1.40
N SER A 18 5.10 -4.25 0.77
CA SER A 18 5.04 -5.13 -0.38
C SER A 18 4.55 -6.52 0.01
N GLU A 19 4.88 -6.95 1.21
CA GLU A 19 4.43 -8.25 1.72
C GLU A 19 2.92 -8.26 1.91
N GLU A 20 2.35 -7.10 2.19
CA GLU A 20 0.91 -6.96 2.38
C GLU A 20 0.15 -7.48 1.16
N LYS A 21 -0.93 -8.20 1.42
CA LYS A 21 -1.74 -8.77 0.36
C LYS A 21 -2.32 -7.67 -0.51
N ILE A 22 -2.09 -7.78 -1.83
CA ILE A 22 -2.57 -6.83 -2.84
C ILE A 22 -2.34 -5.36 -2.42
N CYS A 23 -1.18 -5.10 -1.86
CA CYS A 23 -0.76 -3.73 -1.57
C CYS A 23 0.60 -3.46 -2.24
N SER A 24 0.94 -2.19 -2.41
CA SER A 24 2.17 -1.83 -3.11
C SER A 24 2.79 -0.55 -2.54
N TRP A 25 4.10 -0.47 -2.57
CA TRP A 25 4.82 0.68 -2.04
C TRP A 25 4.80 1.85 -3.02
N HIS A 26 4.78 3.04 -2.47
CA HIS A 26 4.78 4.28 -3.23
C HIS A 26 6.01 5.08 -2.85
N LYS A 27 7.12 4.83 -3.56
CA LYS A 27 8.43 5.39 -3.18
C LYS A 27 8.38 6.92 -3.05
N GLU A 28 8.24 7.59 -4.19
CA GLU A 28 8.17 9.04 -4.19
C GLU A 28 6.76 9.47 -3.81
N VAL A 29 6.65 10.46 -2.93
CA VAL A 29 5.34 10.89 -2.45
C VAL A 29 5.24 12.40 -2.34
N LYS A 30 4.18 12.94 -2.90
CA LYS A 30 3.87 14.35 -2.76
C LYS A 30 3.06 14.56 -1.49
N ALA A 31 3.13 15.75 -0.90
CA ALA A 31 2.39 16.05 0.31
C ALA A 31 0.90 15.82 0.08
N GLY A 32 0.36 14.77 0.69
CA GLY A 32 -1.02 14.40 0.46
C GLY A 32 -1.16 12.90 0.24
N GLU A 33 -0.18 12.31 -0.43
CA GLU A 33 -0.22 10.89 -0.77
C GLU A 33 0.15 10.03 0.44
N LYS A 34 0.40 8.75 0.18
CA LYS A 34 0.84 7.82 1.19
C LYS A 34 1.81 6.83 0.57
N ASN A 35 2.90 6.54 1.26
CA ASN A 35 3.91 5.64 0.73
C ASN A 35 3.38 4.22 0.68
N CYS A 36 2.81 3.77 1.78
CA CYS A 36 2.17 2.46 1.77
C CYS A 36 0.69 2.63 1.47
N GLN A 37 0.22 1.97 0.42
CA GLN A 37 -1.15 2.19 -0.04
C GLN A 37 -1.62 1.07 -0.97
N PHE A 38 -2.93 0.89 -1.01
CA PHE A 38 -3.55 -0.13 -1.85
C PHE A 38 -3.31 0.18 -3.32
N ASN A 39 -2.85 -0.81 -4.07
CA ASN A 39 -2.60 -0.63 -5.50
C ASN A 39 -3.91 -0.64 -6.29
N SER A 40 -4.85 -1.46 -5.82
CA SER A 40 -6.15 -1.63 -6.47
C SER A 40 -5.98 -2.31 -7.83
N THR A 41 -6.56 -3.51 -7.94
CA THR A 41 -6.55 -4.29 -9.18
C THR A 41 -5.16 -4.35 -9.82
N LYS A 42 -4.17 -4.81 -9.05
CA LYS A 42 -2.81 -4.91 -9.56
C LYS A 42 -2.04 -5.96 -8.77
N ALA A 43 -1.99 -5.77 -7.45
CA ALA A 43 -1.29 -6.67 -6.53
C ALA A 43 0.22 -6.67 -6.79
N SER A 44 1.00 -6.81 -5.73
CA SER A 44 2.44 -6.89 -5.85
C SER A 44 2.86 -8.28 -6.32
N LYS A 45 2.31 -9.30 -5.68
CA LYS A 45 2.51 -10.67 -6.11
C LYS A 45 1.39 -11.09 -7.05
N SER A 46 1.45 -12.32 -7.54
CA SER A 46 0.41 -12.82 -8.42
C SER A 46 0.31 -14.33 -8.26
N GLY A 1 -14.42 -2.61 8.75
CA GLY A 1 -14.45 -3.76 7.83
C GLY A 1 -13.07 -4.19 7.41
N LYS A 2 -12.92 -4.56 6.14
CA LYS A 2 -11.62 -4.94 5.62
C LYS A 2 -10.75 -3.71 5.44
N SER A 3 -11.35 -2.63 4.93
CA SER A 3 -10.67 -1.35 4.72
C SER A 3 -9.29 -1.55 4.08
N PRO A 4 -9.26 -1.99 2.81
CA PRO A 4 -8.02 -2.30 2.10
C PRO A 4 -7.10 -1.09 1.97
N GLU A 5 -7.67 0.09 1.78
CA GLU A 5 -6.88 1.30 1.70
C GLU A 5 -6.25 1.57 3.06
N ALA A 6 -7.06 1.47 4.10
CA ALA A 6 -6.60 1.72 5.46
C ALA A 6 -5.54 0.71 5.89
N GLU A 7 -5.75 -0.56 5.57
CA GLU A 7 -4.83 -1.62 5.98
C GLU A 7 -3.44 -1.37 5.38
N CYS A 8 -3.41 -1.03 4.11
CA CYS A 8 -2.16 -0.69 3.45
C CYS A 8 -1.56 0.59 4.03
N ASN A 9 -2.43 1.57 4.30
CA ASN A 9 -2.00 2.84 4.87
C ASN A 9 -1.26 2.67 6.19
N LYS A 10 -1.63 1.62 6.94
CA LYS A 10 -1.02 1.35 8.24
C LYS A 10 0.46 1.04 8.10
N ILE A 11 0.84 0.44 6.98
CA ILE A 11 2.22 0.11 6.72
C ILE A 11 2.99 1.36 6.29
N THR A 12 4.24 1.47 6.69
CA THR A 12 5.04 2.64 6.39
C THR A 12 6.50 2.26 6.15
N GLU A 13 6.69 1.06 5.60
CA GLU A 13 8.02 0.56 5.25
C GLU A 13 7.95 -0.21 3.94
N GLU A 14 8.93 0.03 3.05
CA GLU A 14 8.98 -0.64 1.76
C GLU A 14 9.08 -2.17 1.93
N PRO A 15 10.06 -2.69 2.71
CA PRO A 15 10.23 -4.13 2.91
C PRO A 15 8.94 -4.79 3.42
N LYS A 16 8.21 -4.09 4.26
CA LYS A 16 6.95 -4.61 4.78
C LYS A 16 5.82 -4.48 3.76
N CYS A 17 5.62 -3.27 3.26
CA CYS A 17 4.52 -2.96 2.35
C CYS A 17 4.60 -3.81 1.08
N SER A 18 5.81 -4.07 0.63
CA SER A 18 6.01 -4.86 -0.58
C SER A 18 5.50 -6.28 -0.40
N GLU A 19 5.70 -6.83 0.79
CA GLU A 19 5.24 -8.19 1.10
C GLU A 19 3.75 -8.20 1.48
N GLU A 20 3.25 -7.07 1.97
CA GLU A 20 1.85 -6.97 2.38
C GLU A 20 0.91 -7.32 1.24
N LYS A 21 -0.15 -8.03 1.57
CA LYS A 21 -1.13 -8.45 0.59
C LYS A 21 -1.87 -7.27 -0.01
N ILE A 22 -1.90 -7.24 -1.35
CA ILE A 22 -2.60 -6.22 -2.13
C ILE A 22 -2.21 -4.79 -1.73
N CYS A 23 -1.04 -4.65 -1.13
CA CYS A 23 -0.48 -3.34 -0.85
C CYS A 23 0.75 -3.12 -1.73
N SER A 24 0.97 -1.89 -2.14
CA SER A 24 2.09 -1.59 -3.03
C SER A 24 2.78 -0.31 -2.59
N TRP A 25 4.10 -0.29 -2.71
CA TRP A 25 4.88 0.85 -2.26
C TRP A 25 4.86 1.99 -3.27
N HIS A 26 4.45 3.13 -2.76
CA HIS A 26 4.45 4.39 -3.49
C HIS A 26 5.83 5.03 -3.32
N LYS A 27 6.80 4.61 -4.13
CA LYS A 27 8.19 5.01 -3.95
C LYS A 27 8.33 6.53 -4.00
N GLU A 28 7.92 7.11 -5.11
CA GLU A 28 7.85 8.56 -5.22
C GLU A 28 6.52 9.03 -4.67
N VAL A 29 6.54 10.03 -3.81
CA VAL A 29 5.32 10.52 -3.17
C VAL A 29 5.28 12.03 -3.08
N LYS A 30 4.12 12.57 -3.35
CA LYS A 30 3.83 13.95 -3.06
C LYS A 30 3.64 14.10 -1.56
N ALA A 31 4.18 15.17 -0.99
CA ALA A 31 4.08 15.38 0.45
C ALA A 31 2.61 15.47 0.87
N GLY A 32 2.23 14.62 1.81
CA GLY A 32 0.84 14.53 2.21
C GLY A 32 0.22 13.21 1.80
N GLU A 33 0.71 12.65 0.70
CA GLU A 33 0.20 11.39 0.18
C GLU A 33 0.66 10.21 1.03
N LYS A 34 0.45 8.99 0.54
CA LYS A 34 0.83 7.80 1.29
C LYS A 34 1.76 6.91 0.49
N ASN A 35 2.80 6.43 1.14
CA ASN A 35 3.73 5.53 0.50
C ASN A 35 3.15 4.13 0.43
N CYS A 36 2.62 3.62 1.54
CA CYS A 36 1.94 2.35 1.47
C CYS A 36 0.45 2.61 1.33
N GLN A 37 -0.11 2.11 0.25
CA GLN A 37 -1.49 2.41 -0.10
C GLN A 37 -2.06 1.32 -0.98
N PHE A 38 -3.38 1.28 -1.04
CA PHE A 38 -4.07 0.25 -1.80
C PHE A 38 -3.82 0.44 -3.30
N ASN A 39 -3.12 -0.51 -3.90
CA ASN A 39 -2.81 -0.42 -5.33
C ASN A 39 -3.97 -0.89 -6.20
N SER A 40 -5.14 -1.04 -5.57
CA SER A 40 -6.35 -1.53 -6.25
C SER A 40 -6.03 -2.79 -7.05
N THR A 41 -6.41 -2.83 -8.32
CA THR A 41 -6.05 -3.96 -9.16
C THR A 41 -4.59 -3.82 -9.61
N LYS A 42 -3.78 -4.76 -9.15
CA LYS A 42 -2.35 -4.77 -9.43
C LYS A 42 -1.75 -6.02 -8.80
N ALA A 43 -1.98 -6.16 -7.51
CA ALA A 43 -1.64 -7.37 -6.80
C ALA A 43 -2.92 -8.12 -6.47
N SER A 44 -3.05 -9.32 -7.01
CA SER A 44 -4.28 -10.10 -6.86
C SER A 44 -3.99 -11.57 -7.12
N LYS A 45 -4.79 -12.43 -6.51
CA LYS A 45 -4.62 -13.87 -6.66
C LYS A 45 -4.73 -14.27 -8.13
N SER A 46 -5.66 -13.64 -8.83
CA SER A 46 -5.85 -13.87 -10.26
C SER A 46 -6.77 -12.81 -10.82
N GLY A 1 -16.11 -6.85 8.14
CA GLY A 1 -15.61 -6.04 6.99
C GLY A 1 -14.17 -5.63 7.17
N LYS A 2 -13.43 -5.63 6.09
CA LYS A 2 -12.02 -5.27 6.11
C LYS A 2 -11.72 -4.14 5.13
N SER A 3 -11.05 -3.11 5.61
CA SER A 3 -10.65 -2.00 4.75
C SER A 3 -9.23 -2.23 4.23
N PRO A 4 -9.08 -2.50 2.92
CA PRO A 4 -7.78 -2.80 2.32
C PRO A 4 -6.91 -1.57 2.19
N GLU A 5 -7.51 -0.43 1.86
CA GLU A 5 -6.78 0.82 1.77
C GLU A 5 -6.20 1.15 3.14
N ALA A 6 -7.05 1.08 4.15
CA ALA A 6 -6.64 1.35 5.53
C ALA A 6 -5.54 0.40 6.00
N GLU A 7 -5.70 -0.90 5.74
CA GLU A 7 -4.75 -1.89 6.22
C GLU A 7 -3.35 -1.64 5.64
N CYS A 8 -3.29 -1.33 4.35
CA CYS A 8 -2.03 -1.00 3.71
C CYS A 8 -1.51 0.35 4.21
N ASN A 9 -2.42 1.30 4.46
CA ASN A 9 -2.03 2.62 4.97
C ASN A 9 -1.31 2.52 6.30
N LYS A 10 -1.61 1.45 7.04
CA LYS A 10 -0.96 1.20 8.31
C LYS A 10 0.53 0.88 8.11
N ILE A 11 0.86 0.21 7.02
CA ILE A 11 2.24 -0.14 6.72
C ILE A 11 3.08 1.11 6.53
N THR A 12 4.29 1.11 7.06
CA THR A 12 5.16 2.28 6.96
C THR A 12 6.59 1.86 6.59
N GLU A 13 6.72 0.71 5.93
CA GLU A 13 8.01 0.25 5.44
C GLU A 13 7.85 -0.39 4.06
N GLU A 14 8.75 -0.04 3.13
CA GLU A 14 8.69 -0.52 1.76
C GLU A 14 8.66 -2.06 1.70
N PRO A 15 9.63 -2.76 2.34
CA PRO A 15 9.67 -4.23 2.33
C PRO A 15 8.39 -4.86 2.88
N LYS A 16 7.93 -4.34 4.01
CA LYS A 16 6.72 -4.84 4.65
C LYS A 16 5.50 -4.59 3.78
N CYS A 17 5.36 -3.37 3.28
CA CYS A 17 4.23 -2.98 2.44
C CYS A 17 4.17 -3.86 1.21
N SER A 18 5.34 -4.08 0.62
CA SER A 18 5.47 -4.93 -0.56
C SER A 18 5.12 -6.37 -0.24
N GLU A 19 5.53 -6.82 0.95
CA GLU A 19 5.27 -8.18 1.40
C GLU A 19 3.78 -8.42 1.59
N GLU A 20 3.10 -7.43 2.15
CA GLU A 20 1.68 -7.52 2.43
C GLU A 20 0.88 -7.79 1.16
N LYS A 21 -0.20 -8.53 1.31
CA LYS A 21 -1.06 -8.88 0.20
C LYS A 21 -1.76 -7.65 -0.35
N ILE A 22 -1.65 -7.48 -1.68
CA ILE A 22 -2.28 -6.38 -2.44
C ILE A 22 -2.02 -4.99 -1.83
N CYS A 23 -0.88 -4.85 -1.16
CA CYS A 23 -0.39 -3.52 -0.78
C CYS A 23 0.78 -3.13 -1.68
N SER A 24 0.99 -1.84 -1.88
CA SER A 24 2.03 -1.38 -2.79
C SER A 24 2.65 -0.08 -2.28
N TRP A 25 3.96 0.05 -2.44
CA TRP A 25 4.67 1.22 -1.95
C TRP A 25 4.72 2.31 -3.02
N HIS A 26 4.26 3.48 -2.63
CA HIS A 26 4.29 4.68 -3.44
C HIS A 26 5.65 5.35 -3.24
N LYS A 27 6.68 4.71 -3.80
CA LYS A 27 8.07 5.07 -3.50
C LYS A 27 8.33 6.57 -3.62
N GLU A 28 8.09 7.13 -4.79
CA GLU A 28 8.25 8.56 -4.99
C GLU A 28 6.95 9.26 -4.58
N VAL A 29 7.03 10.18 -3.63
CA VAL A 29 5.82 10.80 -3.09
C VAL A 29 5.88 12.32 -3.08
N LYS A 30 4.80 12.92 -3.57
CA LYS A 30 4.58 14.34 -3.44
C LYS A 30 3.99 14.62 -2.05
N ALA A 31 4.40 15.72 -1.44
CA ALA A 31 3.93 16.07 -0.10
C ALA A 31 2.40 16.10 -0.05
N GLY A 32 1.83 15.09 0.59
CA GLY A 32 0.38 14.94 0.61
C GLY A 32 -0.04 13.52 0.33
N GLU A 33 0.73 12.83 -0.49
CA GLU A 33 0.46 11.45 -0.85
C GLU A 33 0.80 10.51 0.32
N LYS A 34 0.40 9.26 0.15
CA LYS A 34 0.74 8.21 1.10
C LYS A 34 1.66 7.21 0.43
N ASN A 35 2.70 6.79 1.14
CA ASN A 35 3.64 5.84 0.57
C ASN A 35 3.01 4.47 0.46
N CYS A 36 2.66 3.86 1.57
CA CYS A 36 1.99 2.58 1.48
C CYS A 36 0.48 2.79 1.43
N GLN A 37 -0.12 2.29 0.38
CA GLN A 37 -1.54 2.43 0.15
C GLN A 37 -2.05 1.29 -0.70
N PHE A 38 -3.37 1.13 -0.73
CA PHE A 38 -3.98 0.06 -1.51
C PHE A 38 -3.69 0.29 -2.98
N ASN A 39 -3.04 -0.68 -3.61
CA ASN A 39 -2.63 -0.52 -5.00
C ASN A 39 -3.81 -0.50 -5.96
N SER A 40 -4.96 -0.97 -5.47
CA SER A 40 -6.20 -0.96 -6.25
C SER A 40 -6.05 -1.78 -7.52
N THR A 41 -6.05 -3.10 -7.35
CA THR A 41 -6.01 -4.04 -8.45
C THR A 41 -4.68 -3.96 -9.24
N LYS A 42 -3.61 -3.62 -8.54
CA LYS A 42 -2.28 -3.75 -9.13
C LYS A 42 -1.79 -5.17 -8.93
N ALA A 43 -1.98 -5.66 -7.71
CA ALA A 43 -1.76 -7.07 -7.41
C ALA A 43 -3.10 -7.81 -7.46
N SER A 44 -3.30 -8.76 -6.56
CA SER A 44 -4.57 -9.48 -6.48
C SER A 44 -4.60 -10.38 -5.25
N LYS A 45 -5.12 -11.58 -5.41
CA LYS A 45 -5.20 -12.57 -4.33
C LYS A 45 -5.45 -13.94 -4.93
N SER A 46 -6.47 -14.01 -5.77
CA SER A 46 -6.83 -15.23 -6.45
C SER A 46 -5.93 -15.43 -7.67
N GLY A 1 -16.20 -5.84 2.67
CA GLY A 1 -15.69 -6.84 3.64
C GLY A 1 -14.83 -6.20 4.71
N LYS A 2 -13.84 -5.44 4.29
CA LYS A 2 -12.96 -4.71 5.20
C LYS A 2 -12.22 -3.63 4.43
N SER A 3 -11.95 -2.53 5.09
CA SER A 3 -11.27 -1.40 4.44
C SER A 3 -9.80 -1.75 4.16
N PRO A 4 -9.44 -1.94 2.88
CA PRO A 4 -8.10 -2.34 2.49
C PRO A 4 -7.11 -1.16 2.41
N GLU A 5 -7.62 -0.02 1.96
CA GLU A 5 -6.79 1.18 1.83
C GLU A 5 -6.18 1.55 3.17
N ALA A 6 -7.01 1.59 4.20
CA ALA A 6 -6.56 1.90 5.55
C ALA A 6 -5.48 0.94 6.01
N GLU A 7 -5.67 -0.35 5.72
CA GLU A 7 -4.70 -1.38 6.07
C GLU A 7 -3.35 -1.09 5.43
N CYS A 8 -3.36 -0.80 4.13
CA CYS A 8 -2.14 -0.50 3.40
C CYS A 8 -1.53 0.81 3.87
N ASN A 9 -2.38 1.81 4.13
CA ASN A 9 -1.91 3.12 4.59
C ASN A 9 -1.18 3.01 5.93
N LYS A 10 -1.61 2.05 6.75
CA LYS A 10 -1.00 1.82 8.06
C LYS A 10 0.48 1.46 7.93
N ILE A 11 0.79 0.70 6.88
CA ILE A 11 2.18 0.31 6.62
C ILE A 11 3.02 1.53 6.30
N THR A 12 4.22 1.58 6.85
CA THR A 12 5.11 2.71 6.67
C THR A 12 6.54 2.23 6.43
N GLU A 13 6.65 1.04 5.85
CA GLU A 13 7.94 0.44 5.56
C GLU A 13 7.90 -0.30 4.23
N GLU A 14 8.90 -0.05 3.40
CA GLU A 14 8.99 -0.67 2.08
C GLU A 14 9.01 -2.19 2.17
N PRO A 15 9.90 -2.80 2.98
CA PRO A 15 9.97 -4.26 3.10
C PRO A 15 8.62 -4.89 3.45
N LYS A 16 7.94 -4.33 4.44
CA LYS A 16 6.64 -4.84 4.86
C LYS A 16 5.58 -4.61 3.78
N CYS A 17 5.55 -3.42 3.21
CA CYS A 17 4.54 -3.06 2.21
C CYS A 17 4.75 -3.85 0.93
N SER A 18 6.00 -4.00 0.52
CA SER A 18 6.33 -4.74 -0.69
C SER A 18 5.98 -6.22 -0.51
N GLU A 19 6.20 -6.72 0.71
CA GLU A 19 5.83 -8.08 1.07
C GLU A 19 4.31 -8.23 1.11
N GLU A 20 3.61 -7.14 1.45
CA GLU A 20 2.16 -7.15 1.52
C GLU A 20 1.53 -7.51 0.18
N LYS A 21 0.35 -8.08 0.25
CA LYS A 21 -0.35 -8.58 -0.92
C LYS A 21 -0.83 -7.44 -1.81
N ILE A 22 -1.97 -6.86 -1.46
CA ILE A 22 -2.60 -5.85 -2.30
C ILE A 22 -2.24 -4.43 -1.83
N CYS A 23 -1.07 -4.30 -1.24
CA CYS A 23 -0.52 -3.00 -0.87
C CYS A 23 0.74 -2.75 -1.68
N SER A 24 0.90 -1.54 -2.20
CA SER A 24 2.05 -1.21 -3.04
C SER A 24 2.84 -0.06 -2.46
N TRP A 25 4.16 -0.14 -2.56
CA TRP A 25 5.03 0.92 -2.06
C TRP A 25 5.12 2.06 -3.05
N HIS A 26 5.32 3.26 -2.52
CA HIS A 26 5.32 4.49 -3.29
C HIS A 26 6.52 5.32 -2.86
N LYS A 27 7.66 5.05 -3.48
CA LYS A 27 8.92 5.64 -3.05
C LYS A 27 8.93 7.16 -3.15
N GLU A 28 8.57 7.68 -4.33
CA GLU A 28 8.59 9.12 -4.55
C GLU A 28 7.23 9.74 -4.23
N VAL A 29 6.88 9.75 -2.96
CA VAL A 29 5.60 10.31 -2.54
C VAL A 29 5.62 11.83 -2.52
N LYS A 30 4.59 12.41 -3.08
CA LYS A 30 4.34 13.83 -2.97
C LYS A 30 3.75 14.11 -1.59
N ALA A 31 4.13 15.22 -0.98
CA ALA A 31 3.68 15.51 0.39
C ALA A 31 2.16 15.48 0.48
N GLY A 32 1.63 14.62 1.34
CA GLY A 32 0.20 14.47 1.47
C GLY A 32 -0.28 13.09 1.05
N GLU A 33 0.51 12.43 0.21
CA GLU A 33 0.14 11.12 -0.32
C GLU A 33 0.37 10.02 0.71
N LYS A 34 0.78 8.84 0.24
CA LYS A 34 1.06 7.71 1.12
C LYS A 34 2.07 6.79 0.46
N ASN A 35 3.08 6.40 1.21
CA ASN A 35 4.11 5.51 0.69
C ASN A 35 3.53 4.12 0.48
N CYS A 36 2.80 3.62 1.45
CA CYS A 36 2.09 2.36 1.27
C CYS A 36 0.61 2.66 1.09
N GLN A 37 0.06 2.18 -0.02
CA GLN A 37 -1.32 2.48 -0.36
C GLN A 37 -1.96 1.31 -1.09
N PHE A 38 -3.28 1.23 -1.00
CA PHE A 38 -4.03 0.13 -1.60
C PHE A 38 -3.96 0.17 -3.12
N ASN A 39 -3.57 -0.93 -3.73
CA ASN A 39 -3.67 -1.06 -5.16
C ASN A 39 -4.97 -1.76 -5.49
N SER A 40 -5.78 -1.16 -6.34
CA SER A 40 -7.10 -1.70 -6.59
C SER A 40 -7.06 -2.69 -7.75
N THR A 41 -7.29 -3.97 -7.43
CA THR A 41 -7.33 -5.03 -8.43
C THR A 41 -6.04 -5.08 -9.25
N LYS A 42 -4.92 -5.11 -8.55
CA LYS A 42 -3.61 -5.11 -9.20
C LYS A 42 -2.74 -6.25 -8.67
N ALA A 43 -2.81 -6.46 -7.35
CA ALA A 43 -2.02 -7.48 -6.68
C ALA A 43 -2.32 -8.87 -7.25
N SER A 44 -1.30 -9.72 -7.25
CA SER A 44 -1.48 -11.09 -7.71
C SER A 44 -2.31 -11.87 -6.69
N LYS A 45 -3.35 -12.53 -7.17
CA LYS A 45 -4.28 -13.23 -6.28
C LYS A 45 -3.61 -14.45 -5.66
N SER A 46 -3.01 -15.28 -6.51
CA SER A 46 -2.31 -16.47 -6.05
C SER A 46 -1.40 -17.00 -7.16
N GLY A 1 -14.05 -3.16 10.18
CA GLY A 1 -13.98 -4.37 9.32
C GLY A 1 -12.87 -4.28 8.30
N LYS A 2 -13.17 -4.67 7.07
CA LYS A 2 -12.21 -4.58 5.98
C LYS A 2 -12.05 -3.14 5.53
N SER A 3 -10.80 -2.73 5.35
CA SER A 3 -10.49 -1.39 4.87
C SER A 3 -9.09 -1.40 4.27
N PRO A 4 -8.93 -2.07 3.10
CA PRO A 4 -7.62 -2.27 2.48
C PRO A 4 -6.81 -1.00 2.30
N GLU A 5 -7.48 0.10 1.99
CA GLU A 5 -6.80 1.39 1.84
C GLU A 5 -6.12 1.78 3.15
N ALA A 6 -6.88 1.74 4.23
CA ALA A 6 -6.35 2.03 5.56
C ALA A 6 -5.32 0.99 5.98
N GLU A 7 -5.60 -0.28 5.65
CA GLU A 7 -4.72 -1.38 5.98
C GLU A 7 -3.36 -1.21 5.31
N CYS A 8 -3.35 -0.80 4.05
CA CYS A 8 -2.10 -0.53 3.37
C CYS A 8 -1.46 0.75 3.90
N ASN A 9 -2.28 1.77 4.13
CA ASN A 9 -1.79 3.08 4.56
C ASN A 9 -1.04 3.03 5.90
N LYS A 10 -1.41 2.09 6.76
CA LYS A 10 -0.79 1.98 8.08
C LYS A 10 0.64 1.48 7.98
N ILE A 11 0.95 0.77 6.89
CA ILE A 11 2.28 0.23 6.70
C ILE A 11 3.27 1.34 6.36
N THR A 12 4.38 1.37 7.09
CA THR A 12 5.39 2.41 6.90
C THR A 12 6.61 1.87 6.16
N GLU A 13 6.85 0.57 6.28
CA GLU A 13 8.03 -0.04 5.71
C GLU A 13 7.79 -0.51 4.29
N GLU A 14 8.80 -0.36 3.43
CA GLU A 14 8.72 -0.82 2.05
C GLU A 14 8.63 -2.34 2.00
N PRO A 15 9.57 -3.09 2.64
CA PRO A 15 9.53 -4.56 2.64
C PRO A 15 8.21 -5.10 3.21
N LYS A 16 7.70 -4.45 4.25
CA LYS A 16 6.44 -4.85 4.86
C LYS A 16 5.27 -4.59 3.91
N CYS A 17 5.31 -3.45 3.23
CA CYS A 17 4.28 -3.12 2.26
C CYS A 17 4.39 -4.05 1.06
N SER A 18 5.62 -4.33 0.68
CA SER A 18 5.92 -5.16 -0.48
C SER A 18 5.49 -6.61 -0.27
N GLU A 19 5.65 -7.12 0.95
CA GLU A 19 5.22 -8.48 1.26
C GLU A 19 3.70 -8.56 1.24
N GLU A 20 3.03 -7.44 1.54
CA GLU A 20 1.59 -7.35 1.43
C GLU A 20 1.16 -7.50 -0.03
N LYS A 21 0.12 -8.29 -0.26
CA LYS A 21 -0.30 -8.63 -1.62
C LYS A 21 -1.02 -7.47 -2.31
N ILE A 22 -1.96 -6.83 -1.62
CA ILE A 22 -2.80 -5.82 -2.24
C ILE A 22 -2.31 -4.40 -1.89
N CYS A 23 -1.13 -4.34 -1.30
CA CYS A 23 -0.49 -3.06 -1.04
C CYS A 23 0.73 -2.88 -1.92
N SER A 24 0.92 -1.67 -2.43
CA SER A 24 2.06 -1.38 -3.29
C SER A 24 2.76 -0.11 -2.83
N TRP A 25 4.07 -0.10 -2.93
CA TRP A 25 4.87 0.99 -2.39
C TRP A 25 4.90 2.19 -3.31
N HIS A 26 4.50 3.32 -2.75
CA HIS A 26 4.53 4.61 -3.44
C HIS A 26 5.85 5.30 -3.09
N LYS A 27 6.87 5.04 -3.88
CA LYS A 27 8.23 5.47 -3.57
C LYS A 27 8.32 6.96 -3.26
N GLU A 28 7.96 7.80 -4.22
CA GLU A 28 8.05 9.24 -4.04
C GLU A 28 6.70 9.81 -3.66
N VAL A 29 6.66 10.54 -2.55
CA VAL A 29 5.45 11.19 -2.10
C VAL A 29 5.73 12.67 -1.85
N LYS A 30 4.92 13.53 -2.43
CA LYS A 30 5.20 14.95 -2.41
C LYS A 30 3.92 15.78 -2.47
N ALA A 31 2.99 15.40 -1.63
CA ALA A 31 1.71 16.06 -1.53
C ALA A 31 0.98 15.51 -0.32
N GLY A 32 1.74 15.24 0.73
CA GLY A 32 1.21 14.53 1.87
C GLY A 32 0.70 13.16 1.47
N GLU A 33 1.36 12.55 0.49
CA GLU A 33 0.91 11.29 -0.07
C GLU A 33 1.24 10.13 0.87
N LYS A 34 0.73 8.95 0.54
CA LYS A 34 0.99 7.77 1.33
C LYS A 34 1.89 6.83 0.56
N ASN A 35 2.93 6.34 1.21
CA ASN A 35 3.86 5.44 0.57
C ASN A 35 3.22 4.06 0.38
N CYS A 36 2.80 3.43 1.45
CA CYS A 36 2.04 2.21 1.30
C CYS A 36 0.57 2.55 1.12
N GLN A 37 -0.03 2.06 0.05
CA GLN A 37 -1.40 2.41 -0.29
C GLN A 37 -2.06 1.33 -1.12
N PHE A 38 -3.38 1.30 -1.06
CA PHE A 38 -4.19 0.30 -1.74
C PHE A 38 -4.03 0.42 -3.25
N ASN A 39 -3.48 -0.61 -3.89
CA ASN A 39 -3.29 -0.58 -5.34
C ASN A 39 -4.58 -0.95 -6.06
N SER A 40 -5.49 -1.58 -5.32
CA SER A 40 -6.80 -2.01 -5.81
C SER A 40 -6.69 -3.21 -6.74
N THR A 41 -5.93 -3.09 -7.80
CA THR A 41 -5.75 -4.20 -8.71
C THR A 41 -4.27 -4.38 -9.05
N LYS A 42 -3.72 -5.49 -8.59
CA LYS A 42 -2.30 -5.81 -8.76
C LYS A 42 -2.00 -7.10 -8.03
N ALA A 43 -2.71 -7.33 -6.93
CA ALA A 43 -2.59 -8.57 -6.16
C ALA A 43 -2.86 -9.79 -7.06
N SER A 44 -2.01 -10.79 -6.92
CA SER A 44 -2.04 -11.95 -7.81
C SER A 44 -3.32 -12.77 -7.63
N LYS A 45 -3.58 -13.20 -6.40
CA LYS A 45 -4.74 -14.04 -6.12
C LYS A 45 -5.94 -13.19 -5.72
N SER A 46 -5.86 -12.63 -4.52
CA SER A 46 -6.92 -11.78 -3.97
C SER A 46 -6.34 -11.01 -2.79
N GLY A 1 -14.73 1.43 7.34
CA GLY A 1 -14.59 0.14 8.06
C GLY A 1 -14.02 -0.93 7.17
N LYS A 2 -12.97 -1.60 7.64
CA LYS A 2 -12.27 -2.63 6.87
C LYS A 2 -11.84 -2.06 5.52
N SER A 3 -11.19 -0.90 5.58
CA SER A 3 -10.74 -0.22 4.39
C SER A 3 -9.37 -0.74 3.98
N PRO A 4 -9.28 -1.44 2.84
CA PRO A 4 -8.02 -2.02 2.36
C PRO A 4 -6.93 -0.96 2.17
N GLU A 5 -7.34 0.23 1.75
CA GLU A 5 -6.40 1.32 1.58
C GLU A 5 -5.84 1.75 2.93
N ALA A 6 -6.72 1.91 3.91
CA ALA A 6 -6.31 2.28 5.27
C ALA A 6 -5.45 1.19 5.88
N GLU A 7 -5.86 -0.06 5.70
CA GLU A 7 -5.11 -1.20 6.22
C GLU A 7 -3.70 -1.24 5.65
N CYS A 8 -3.57 -0.94 4.38
CA CYS A 8 -2.27 -0.87 3.73
C CYS A 8 -1.48 0.36 4.19
N ASN A 9 -2.17 1.50 4.30
CA ASN A 9 -1.55 2.77 4.65
C ASN A 9 -0.75 2.72 5.95
N LYS A 10 -1.20 1.90 6.91
CA LYS A 10 -0.54 1.85 8.22
C LYS A 10 0.90 1.37 8.10
N ILE A 11 1.17 0.53 7.11
CA ILE A 11 2.53 0.02 6.88
C ILE A 11 3.48 1.18 6.56
N THR A 12 4.66 1.18 7.14
CA THR A 12 5.60 2.27 6.94
C THR A 12 6.99 1.71 6.68
N GLU A 13 7.04 0.49 6.18
CA GLU A 13 8.28 -0.15 5.81
C GLU A 13 8.16 -0.76 4.42
N GLU A 14 9.14 -0.50 3.58
CA GLU A 14 9.10 -0.98 2.19
C GLU A 14 9.06 -2.51 2.11
N PRO A 15 9.97 -3.26 2.78
CA PRO A 15 9.97 -4.73 2.72
C PRO A 15 8.63 -5.32 3.15
N LYS A 16 8.10 -4.81 4.24
CA LYS A 16 6.82 -5.29 4.77
C LYS A 16 5.68 -4.92 3.82
N CYS A 17 5.71 -3.70 3.31
CA CYS A 17 4.69 -3.23 2.36
C CYS A 17 4.77 -4.04 1.07
N SER A 18 5.99 -4.35 0.65
CA SER A 18 6.25 -5.15 -0.54
C SER A 18 5.67 -6.54 -0.39
N GLU A 19 5.77 -7.09 0.82
CA GLU A 19 5.24 -8.42 1.12
C GLU A 19 3.74 -8.49 0.86
N GLU A 20 3.05 -7.37 1.11
CA GLU A 20 1.62 -7.28 0.89
C GLU A 20 1.27 -7.43 -0.59
N LYS A 21 0.18 -8.10 -0.87
CA LYS A 21 -0.25 -8.33 -2.24
C LYS A 21 -1.10 -7.16 -2.74
N ILE A 22 -2.24 -6.96 -2.09
CA ILE A 22 -3.18 -5.91 -2.46
C ILE A 22 -2.76 -4.58 -1.82
N CYS A 23 -1.46 -4.36 -1.79
CA CYS A 23 -0.88 -3.17 -1.18
C CYS A 23 0.56 -3.02 -1.67
N SER A 24 0.99 -1.78 -1.88
CA SER A 24 2.27 -1.53 -2.55
C SER A 24 2.91 -0.23 -2.07
N TRP A 25 4.23 -0.16 -2.20
CA TRP A 25 5.01 0.98 -1.73
C TRP A 25 4.88 2.17 -2.69
N HIS A 26 5.49 3.29 -2.30
CA HIS A 26 5.40 4.54 -3.04
C HIS A 26 6.57 5.44 -2.66
N LYS A 27 7.76 5.07 -3.11
CA LYS A 27 9.01 5.73 -2.70
C LYS A 27 8.92 7.26 -2.76
N GLU A 28 8.52 7.78 -3.90
CA GLU A 28 8.42 9.23 -4.07
C GLU A 28 6.96 9.68 -3.97
N VAL A 29 6.54 10.00 -2.75
CA VAL A 29 5.17 10.39 -2.50
C VAL A 29 4.90 11.85 -2.85
N LYS A 30 3.74 12.10 -3.42
CA LYS A 30 3.27 13.46 -3.63
C LYS A 30 2.57 13.93 -2.37
N ALA A 31 2.74 15.19 -2.01
CA ALA A 31 2.18 15.72 -0.78
C ALA A 31 0.68 15.43 -0.67
N GLY A 32 0.31 14.61 0.30
CA GLY A 32 -1.07 14.22 0.45
C GLY A 32 -1.27 12.72 0.39
N GLU A 33 -0.38 12.04 -0.31
CA GLU A 33 -0.48 10.59 -0.49
C GLU A 33 0.04 9.83 0.72
N LYS A 34 0.56 8.64 0.47
CA LYS A 34 1.15 7.81 1.49
C LYS A 34 2.13 6.84 0.84
N ASN A 35 3.15 6.42 1.59
CA ASN A 35 4.18 5.56 1.01
C ASN A 35 3.64 4.16 0.76
N CYS A 36 3.18 3.50 1.80
CA CYS A 36 2.48 2.24 1.60
C CYS A 36 1.02 2.56 1.30
N GLN A 37 0.53 2.14 0.14
CA GLN A 37 -0.79 2.55 -0.29
C GLN A 37 -1.47 1.49 -1.15
N PHE A 38 -2.79 1.50 -1.09
CA PHE A 38 -3.62 0.56 -1.81
C PHE A 38 -3.36 0.67 -3.31
N ASN A 39 -2.89 -0.40 -3.92
CA ASN A 39 -2.60 -0.39 -5.35
C ASN A 39 -3.88 -0.39 -6.17
N SER A 40 -4.92 -1.01 -5.62
CA SER A 40 -6.23 -1.10 -6.26
C SER A 40 -6.18 -2.01 -7.50
N THR A 41 -6.89 -3.12 -7.41
CA THR A 41 -6.98 -4.11 -8.50
C THR A 41 -5.61 -4.47 -9.07
N LYS A 42 -4.65 -4.72 -8.18
CA LYS A 42 -3.30 -5.07 -8.57
C LYS A 42 -2.62 -5.89 -7.48
N ALA A 43 -3.40 -6.69 -6.79
CA ALA A 43 -2.90 -7.57 -5.74
C ALA A 43 -1.83 -8.52 -6.27
N SER A 44 -2.14 -9.16 -7.39
CA SER A 44 -1.17 -10.00 -8.08
C SER A 44 -0.74 -9.31 -9.36
N LYS A 45 -0.53 -8.00 -9.25
CA LYS A 45 -0.33 -7.12 -10.40
C LYS A 45 -1.62 -7.05 -11.22
N SER A 46 -2.69 -7.55 -10.60
CA SER A 46 -4.02 -7.56 -11.16
C SER A 46 -5.00 -7.92 -10.04
N GLY A 1 -13.89 -4.77 -0.38
CA GLY A 1 -13.08 -4.58 0.84
C GLY A 1 -13.75 -3.66 1.83
N LYS A 2 -13.54 -3.91 3.10
CA LYS A 2 -14.12 -3.07 4.15
C LYS A 2 -13.42 -1.72 4.18
N SER A 3 -12.09 -1.78 4.16
CA SER A 3 -11.25 -0.60 4.11
C SER A 3 -9.82 -1.02 3.79
N PRO A 4 -9.59 -1.57 2.59
CA PRO A 4 -8.29 -2.16 2.20
C PRO A 4 -7.16 -1.14 2.21
N GLU A 5 -7.44 0.07 1.75
CA GLU A 5 -6.43 1.12 1.71
C GLU A 5 -5.96 1.44 3.13
N ALA A 6 -6.90 1.48 4.07
CA ALA A 6 -6.60 1.71 5.47
C ALA A 6 -5.70 0.61 6.02
N GLU A 7 -5.97 -0.63 5.61
CA GLU A 7 -5.15 -1.77 6.02
C GLU A 7 -3.70 -1.56 5.58
N CYS A 8 -3.54 -1.18 4.32
CA CYS A 8 -2.23 -0.93 3.75
C CYS A 8 -1.52 0.24 4.44
N ASN A 9 -2.27 1.27 4.80
CA ASN A 9 -1.70 2.48 5.42
C ASN A 9 -0.86 2.17 6.66
N LYS A 10 -1.05 1.00 7.24
CA LYS A 10 -0.33 0.60 8.44
C LYS A 10 1.18 0.53 8.22
N ILE A 11 1.61 -0.08 7.11
CA ILE A 11 3.04 -0.31 6.89
C ILE A 11 3.83 1.00 6.69
N THR A 12 5.04 1.03 7.21
CA THR A 12 5.90 2.20 7.10
C THR A 12 7.19 1.90 6.32
N GLU A 13 7.29 0.68 5.76
CA GLU A 13 8.49 0.27 5.04
C GLU A 13 8.14 -0.45 3.74
N GLU A 14 8.89 -0.13 2.67
CA GLU A 14 8.70 -0.73 1.35
C GLU A 14 8.68 -2.26 1.39
N PRO A 15 9.73 -2.93 1.95
CA PRO A 15 9.79 -4.39 2.01
C PRO A 15 8.54 -5.02 2.61
N LYS A 16 8.03 -4.41 3.68
CA LYS A 16 6.86 -4.92 4.37
C LYS A 16 5.57 -4.57 3.63
N CYS A 17 5.50 -3.35 3.12
CA CYS A 17 4.28 -2.85 2.47
C CYS A 17 3.91 -3.69 1.26
N SER A 18 4.85 -3.83 0.34
CA SER A 18 4.63 -4.59 -0.88
C SER A 18 4.44 -6.08 -0.57
N GLU A 19 4.91 -6.48 0.61
CA GLU A 19 4.72 -7.84 1.10
C GLU A 19 3.25 -8.08 1.48
N GLU A 20 2.56 -7.01 1.86
CA GLU A 20 1.17 -7.11 2.29
C GLU A 20 0.20 -7.30 1.12
N LYS A 21 0.61 -8.14 0.17
CA LYS A 21 -0.25 -8.59 -0.92
C LYS A 21 -0.84 -7.42 -1.72
N ILE A 22 -2.08 -7.04 -1.37
CA ILE A 22 -2.82 -6.00 -2.09
C ILE A 22 -2.28 -4.59 -1.75
N CYS A 23 -1.22 -4.56 -0.98
CA CYS A 23 -0.54 -3.32 -0.66
C CYS A 23 0.76 -3.20 -1.46
N SER A 24 1.11 -1.98 -1.83
CA SER A 24 2.32 -1.73 -2.62
C SER A 24 2.88 -0.36 -2.31
N TRP A 25 4.21 -0.27 -2.29
CA TRP A 25 4.90 0.91 -1.82
C TRP A 25 4.74 2.10 -2.77
N HIS A 26 4.78 3.27 -2.18
CA HIS A 26 4.62 4.54 -2.87
C HIS A 26 5.84 5.40 -2.59
N LYS A 27 6.99 4.96 -3.09
CA LYS A 27 8.30 5.56 -2.76
C LYS A 27 8.28 7.08 -2.77
N GLU A 28 7.81 7.66 -3.88
CA GLU A 28 7.73 9.10 -4.00
C GLU A 28 6.29 9.54 -3.81
N VAL A 29 6.07 10.56 -2.99
CA VAL A 29 4.72 11.02 -2.72
C VAL A 29 4.57 12.50 -3.06
N LYS A 30 3.53 12.81 -3.84
CA LYS A 30 3.26 14.19 -4.23
C LYS A 30 2.52 14.90 -3.11
N ALA A 31 3.09 16.01 -2.65
CA ALA A 31 2.47 16.84 -1.63
C ALA A 31 2.04 16.03 -0.40
N GLY A 32 2.91 15.11 0.01
CA GLY A 32 2.65 14.34 1.21
C GLY A 32 1.54 13.31 1.05
N GLU A 33 1.66 12.45 0.04
CA GLU A 33 0.73 11.34 -0.12
C GLU A 33 1.07 10.23 0.87
N LYS A 34 0.47 9.06 0.69
CA LYS A 34 0.81 7.90 1.51
C LYS A 34 1.93 7.13 0.85
N ASN A 35 2.74 6.46 1.65
CA ASN A 35 3.80 5.61 1.10
C ASN A 35 3.32 4.17 1.01
N CYS A 36 2.39 3.80 1.86
CA CYS A 36 1.82 2.47 1.78
C CYS A 36 0.31 2.57 1.67
N GLN A 37 -0.24 1.99 0.62
CA GLN A 37 -1.66 2.11 0.33
C GLN A 37 -2.11 1.06 -0.66
N PHE A 38 -3.41 1.00 -0.88
CA PHE A 38 -4.03 0.05 -1.78
C PHE A 38 -3.43 0.19 -3.18
N ASN A 39 -2.94 -0.91 -3.75
CA ASN A 39 -2.31 -0.84 -5.06
C ASN A 39 -3.35 -0.83 -6.17
N SER A 40 -4.57 -1.21 -5.83
CA SER A 40 -5.69 -1.22 -6.77
C SER A 40 -5.47 -2.25 -7.88
N THR A 41 -5.94 -3.46 -7.63
CA THR A 41 -5.91 -4.58 -8.59
C THR A 41 -4.52 -4.87 -9.17
N LYS A 42 -3.46 -4.42 -8.51
CA LYS A 42 -2.11 -4.81 -8.92
C LYS A 42 -1.80 -6.19 -8.37
N ALA A 43 -2.25 -6.45 -7.15
CA ALA A 43 -2.13 -7.76 -6.55
C ALA A 43 -3.12 -8.72 -7.20
N SER A 44 -4.31 -8.21 -7.47
CA SER A 44 -5.38 -8.99 -8.06
C SER A 44 -5.02 -9.44 -9.48
N LYS A 45 -4.51 -8.50 -10.28
CA LYS A 45 -4.11 -8.75 -11.65
C LYS A 45 -5.28 -9.28 -12.48
N SER A 46 -5.07 -10.39 -13.18
CA SER A 46 -6.08 -10.96 -14.05
C SER A 46 -6.46 -9.98 -15.15
N GLY A 1 -17.02 -1.50 7.39
CA GLY A 1 -15.94 -2.40 6.93
C GLY A 1 -14.61 -1.69 6.87
N LYS A 2 -13.54 -2.40 7.22
CA LYS A 2 -12.21 -1.81 7.20
C LYS A 2 -11.76 -1.54 5.77
N SER A 3 -11.28 -0.34 5.52
CA SER A 3 -10.79 0.04 4.20
C SER A 3 -9.42 -0.60 3.94
N PRO A 4 -9.26 -1.26 2.79
CA PRO A 4 -8.02 -1.96 2.43
C PRO A 4 -6.81 -1.03 2.43
N GLU A 5 -7.00 0.20 1.94
CA GLU A 5 -5.94 1.20 1.93
C GLU A 5 -5.48 1.49 3.35
N ALA A 6 -6.43 1.76 4.24
CA ALA A 6 -6.15 2.07 5.62
C ALA A 6 -5.39 0.94 6.31
N GLU A 7 -5.70 -0.30 5.95
CA GLU A 7 -5.01 -1.46 6.51
C GLU A 7 -3.52 -1.41 6.18
N CYS A 8 -3.19 -1.26 4.90
CA CYS A 8 -1.80 -1.20 4.47
C CYS A 8 -1.12 0.09 4.94
N ASN A 9 -1.91 1.15 5.11
CA ASN A 9 -1.39 2.44 5.59
C ASN A 9 -0.65 2.29 6.93
N LYS A 10 -1.07 1.32 7.74
CA LYS A 10 -0.48 1.11 9.07
C LYS A 10 1.00 0.70 8.98
N ILE A 11 1.33 -0.08 7.96
CA ILE A 11 2.66 -0.65 7.81
C ILE A 11 3.76 0.41 7.84
N THR A 12 3.68 1.36 6.90
CA THR A 12 4.63 2.48 6.81
C THR A 12 6.09 2.01 6.72
N GLU A 13 6.29 0.82 6.19
CA GLU A 13 7.62 0.26 6.04
C GLU A 13 7.76 -0.45 4.70
N GLU A 14 8.84 -0.19 3.99
CA GLU A 14 9.03 -0.72 2.63
C GLU A 14 9.04 -2.26 2.62
N PRO A 15 9.90 -2.93 3.42
CA PRO A 15 9.99 -4.40 3.41
C PRO A 15 8.65 -5.08 3.67
N LYS A 16 7.94 -4.61 4.67
CA LYS A 16 6.64 -5.18 5.03
C LYS A 16 5.61 -4.89 3.94
N CYS A 17 5.54 -3.64 3.50
CA CYS A 17 4.57 -3.21 2.51
C CYS A 17 4.82 -3.92 1.18
N SER A 18 6.09 -4.12 0.85
CA SER A 18 6.49 -4.75 -0.40
C SER A 18 5.89 -6.16 -0.50
N GLU A 19 5.88 -6.87 0.61
CA GLU A 19 5.36 -8.24 0.62
C GLU A 19 3.90 -8.28 1.08
N GLU A 20 3.20 -7.16 0.99
CA GLU A 20 1.79 -7.11 1.34
C GLU A 20 0.94 -7.50 0.15
N LYS A 21 -0.06 -8.34 0.38
CA LYS A 21 -0.98 -8.74 -0.66
C LYS A 21 -1.81 -7.54 -1.13
N ILE A 22 -1.85 -7.38 -2.45
CA ILE A 22 -2.57 -6.29 -3.12
C ILE A 22 -2.26 -4.91 -2.50
N CYS A 23 -1.01 -4.76 -2.05
CA CYS A 23 -0.49 -3.46 -1.62
C CYS A 23 0.96 -3.34 -2.02
N SER A 24 1.43 -2.10 -2.19
CA SER A 24 2.76 -1.87 -2.75
C SER A 24 3.35 -0.58 -2.20
N TRP A 25 4.66 -0.52 -2.13
CA TRP A 25 5.35 0.66 -1.62
C TRP A 25 5.35 1.76 -2.66
N HIS A 26 4.81 2.91 -2.29
CA HIS A 26 4.79 4.08 -3.13
C HIS A 26 6.04 4.92 -2.85
N LYS A 27 7.08 4.71 -3.62
CA LYS A 27 8.38 5.32 -3.34
C LYS A 27 8.32 6.84 -3.47
N GLU A 28 8.19 7.32 -4.70
CA GLU A 28 8.02 8.75 -4.94
C GLU A 28 6.56 9.12 -4.70
N VAL A 29 6.31 10.00 -3.74
CA VAL A 29 4.94 10.35 -3.39
C VAL A 29 4.68 11.83 -3.57
N LYS A 30 3.48 12.15 -4.04
CA LYS A 30 3.04 13.54 -4.12
C LYS A 30 2.69 14.04 -2.72
N ALA A 31 2.89 15.32 -2.47
CA ALA A 31 2.64 15.92 -1.16
C ALA A 31 1.17 15.78 -0.76
N GLY A 32 0.82 14.64 -0.19
CA GLY A 32 -0.55 14.37 0.18
C GLY A 32 -0.89 12.89 0.16
N GLU A 33 -0.19 12.16 -0.70
CA GLU A 33 -0.46 10.74 -0.89
C GLU A 33 0.00 9.89 0.31
N LYS A 34 0.42 8.67 0.02
CA LYS A 34 0.86 7.73 1.04
C LYS A 34 1.85 6.75 0.43
N ASN A 35 2.91 6.43 1.16
CA ASN A 35 3.92 5.51 0.65
C ASN A 35 3.39 4.08 0.70
N CYS A 36 3.08 3.58 1.87
CA CYS A 36 2.44 2.28 1.95
C CYS A 36 0.95 2.44 1.79
N GLN A 37 0.40 1.89 0.71
CA GLN A 37 -1.02 2.07 0.40
C GLN A 37 -1.54 0.99 -0.54
N PHE A 38 -2.85 0.97 -0.67
CA PHE A 38 -3.55 0.02 -1.51
C PHE A 38 -3.32 0.36 -2.98
N ASN A 39 -2.87 -0.62 -3.76
CA ASN A 39 -2.64 -0.39 -5.18
C ASN A 39 -3.88 -0.70 -6.01
N SER A 40 -5.04 -0.61 -5.36
CA SER A 40 -6.33 -0.86 -6.00
C SER A 40 -6.31 -2.16 -6.82
N THR A 41 -6.62 -2.06 -8.11
CA THR A 41 -6.69 -3.24 -8.96
C THR A 41 -5.40 -3.45 -9.78
N LYS A 42 -4.26 -3.07 -9.21
CA LYS A 42 -2.97 -3.31 -9.86
C LYS A 42 -2.50 -4.74 -9.59
N ALA A 43 -2.48 -5.11 -8.32
CA ALA A 43 -2.02 -6.43 -7.92
C ALA A 43 -3.11 -7.47 -8.12
N SER A 44 -2.71 -8.69 -8.43
CA SER A 44 -3.64 -9.78 -8.59
C SER A 44 -4.05 -10.31 -7.22
N LYS A 45 -5.30 -10.77 -7.12
CA LYS A 45 -5.80 -11.32 -5.87
C LYS A 45 -5.04 -12.59 -5.50
N SER A 46 -4.71 -13.37 -6.51
CA SER A 46 -3.97 -14.60 -6.33
C SER A 46 -3.31 -14.98 -7.65
N GLY A 1 -15.04 3.02 7.76
CA GLY A 1 -14.71 1.86 8.62
C GLY A 1 -13.40 1.24 8.21
N LYS A 2 -13.35 -0.10 8.22
CA LYS A 2 -12.16 -0.80 7.78
C LYS A 2 -12.05 -0.74 6.26
N SER A 3 -10.85 -0.49 5.77
CA SER A 3 -10.62 -0.37 4.34
C SER A 3 -9.21 -0.83 4.00
N PRO A 4 -9.06 -1.58 2.89
CA PRO A 4 -7.77 -2.15 2.48
C PRO A 4 -6.67 -1.11 2.34
N GLU A 5 -7.04 0.07 1.81
CA GLU A 5 -6.08 1.15 1.67
C GLU A 5 -5.61 1.63 3.03
N ALA A 6 -6.55 1.79 3.96
CA ALA A 6 -6.24 2.19 5.32
C ALA A 6 -5.34 1.17 5.99
N GLU A 7 -5.61 -0.11 5.75
CA GLU A 7 -4.81 -1.19 6.28
C GLU A 7 -3.38 -1.11 5.75
N CYS A 8 -3.23 -1.04 4.44
CA CYS A 8 -1.92 -0.91 3.81
C CYS A 8 -1.23 0.39 4.23
N ASN A 9 -2.02 1.45 4.43
CA ASN A 9 -1.48 2.75 4.85
C ASN A 9 -0.72 2.68 6.19
N LYS A 10 -1.11 1.77 7.06
CA LYS A 10 -0.49 1.68 8.39
C LYS A 10 0.96 1.19 8.28
N ILE A 11 1.24 0.39 7.26
CA ILE A 11 2.58 -0.11 7.01
C ILE A 11 3.52 1.05 6.70
N THR A 12 4.67 1.05 7.34
CA THR A 12 5.63 2.14 7.19
C THR A 12 6.90 1.66 6.48
N GLU A 13 7.16 0.36 6.54
CA GLU A 13 8.35 -0.20 5.91
C GLU A 13 8.06 -0.72 4.50
N GLU A 14 8.96 -0.40 3.58
CA GLU A 14 8.87 -0.87 2.20
C GLU A 14 8.88 -2.40 2.12
N PRO A 15 9.82 -3.09 2.81
CA PRO A 15 9.89 -4.56 2.76
C PRO A 15 8.58 -5.22 3.21
N LYS A 16 7.99 -4.68 4.27
CA LYS A 16 6.71 -5.17 4.77
C LYS A 16 5.61 -4.84 3.77
N CYS A 17 5.59 -3.60 3.31
CA CYS A 17 4.58 -3.10 2.37
C CYS A 17 4.59 -3.95 1.10
N SER A 18 5.78 -4.25 0.62
CA SER A 18 5.95 -5.06 -0.57
C SER A 18 5.42 -6.49 -0.36
N GLU A 19 5.47 -6.98 0.87
CA GLU A 19 4.97 -8.32 1.19
C GLU A 19 3.45 -8.33 1.36
N GLU A 20 2.90 -7.21 1.82
CA GLU A 20 1.47 -7.12 2.13
C GLU A 20 0.59 -7.54 0.95
N LYS A 21 -0.52 -8.21 1.27
CA LYS A 21 -1.49 -8.65 0.28
C LYS A 21 -2.13 -7.45 -0.40
N ILE A 22 -2.04 -7.42 -1.73
CA ILE A 22 -2.57 -6.34 -2.58
C ILE A 22 -2.26 -4.96 -2.00
N CYS A 23 -1.03 -4.80 -1.55
CA CYS A 23 -0.53 -3.53 -1.05
C CYS A 23 0.88 -3.32 -1.57
N SER A 24 1.20 -2.08 -1.92
CA SER A 24 2.43 -1.82 -2.66
C SER A 24 3.06 -0.49 -2.24
N TRP A 25 4.39 -0.44 -2.30
CA TRP A 25 5.14 0.73 -1.87
C TRP A 25 5.18 1.81 -2.95
N HIS A 26 4.83 3.02 -2.54
CA HIS A 26 4.92 4.20 -3.37
C HIS A 26 6.24 4.91 -3.05
N LYS A 27 7.20 4.82 -3.94
CA LYS A 27 8.56 5.27 -3.64
C LYS A 27 8.62 6.79 -3.44
N GLU A 28 8.34 7.54 -4.49
CA GLU A 28 8.31 8.99 -4.40
C GLU A 28 6.86 9.44 -4.23
N VAL A 29 6.60 10.27 -3.24
CA VAL A 29 5.23 10.65 -2.91
C VAL A 29 5.07 12.17 -2.81
N LYS A 30 3.89 12.63 -3.19
CA LYS A 30 3.51 14.02 -3.02
C LYS A 30 2.72 14.16 -1.72
N ALA A 31 2.77 15.34 -1.11
CA ALA A 31 2.01 15.59 0.10
C ALA A 31 0.52 15.36 -0.14
N GLY A 32 -0.08 14.54 0.69
CA GLY A 32 -1.46 14.15 0.48
C GLY A 32 -1.57 12.68 0.13
N GLU A 33 -0.57 12.17 -0.58
CA GLU A 33 -0.51 10.76 -0.94
C GLU A 33 -0.02 9.93 0.25
N LYS A 34 0.52 8.75 -0.04
CA LYS A 34 1.03 7.86 0.99
C LYS A 34 1.98 6.86 0.37
N ASN A 35 3.09 6.59 1.04
CA ASN A 35 4.08 5.66 0.51
C ASN A 35 3.51 4.25 0.45
N CYS A 36 3.16 3.68 1.58
CA CYS A 36 2.48 2.40 1.55
C CYS A 36 1.00 2.65 1.31
N GLN A 37 0.46 2.14 0.21
CA GLN A 37 -0.91 2.43 -0.16
C GLN A 37 -1.50 1.33 -1.03
N PHE A 38 -2.81 1.20 -0.98
CA PHE A 38 -3.54 0.20 -1.74
C PHE A 38 -3.30 0.41 -3.23
N ASN A 39 -2.79 -0.61 -3.91
CA ASN A 39 -2.44 -0.48 -5.33
C ASN A 39 -3.69 -0.43 -6.20
N SER A 40 -4.80 -0.97 -5.70
CA SER A 40 -6.08 -0.93 -6.39
C SER A 40 -6.03 -1.74 -7.69
N THR A 41 -6.51 -2.98 -7.62
CA THR A 41 -6.61 -3.88 -8.77
C THR A 41 -5.31 -3.99 -9.57
N LYS A 42 -4.18 -3.72 -8.93
CA LYS A 42 -2.89 -3.90 -9.58
C LYS A 42 -2.39 -5.31 -9.29
N ALA A 43 -2.43 -5.68 -8.02
CA ALA A 43 -2.10 -7.04 -7.61
C ALA A 43 -3.34 -7.91 -7.62
N SER A 44 -4.02 -7.93 -8.76
CA SER A 44 -5.26 -8.68 -8.90
C SER A 44 -5.30 -9.37 -10.26
N LYS A 45 -4.23 -10.09 -10.55
CA LYS A 45 -4.09 -10.78 -11.82
C LYS A 45 -5.07 -11.93 -11.93
N SER A 46 -5.28 -12.61 -10.81
CA SER A 46 -6.21 -13.73 -10.76
C SER A 46 -6.54 -14.04 -9.31
N GLY A 1 -15.68 0.46 9.60
CA GLY A 1 -15.68 -0.92 9.04
C GLY A 1 -14.29 -1.42 8.77
N LYS A 2 -14.10 -2.03 7.62
CA LYS A 2 -12.80 -2.52 7.22
C LYS A 2 -12.62 -2.39 5.71
N SER A 3 -11.45 -1.90 5.31
CA SER A 3 -11.15 -1.69 3.90
C SER A 3 -9.65 -1.84 3.67
N PRO A 4 -9.24 -2.59 2.63
CA PRO A 4 -7.85 -2.86 2.33
C PRO A 4 -7.01 -1.60 2.15
N GLU A 5 -7.65 -0.52 1.70
CA GLU A 5 -6.97 0.76 1.56
C GLU A 5 -6.43 1.22 2.91
N ALA A 6 -7.28 1.16 3.92
CA ALA A 6 -6.92 1.54 5.28
C ALA A 6 -5.78 0.68 5.84
N GLU A 7 -5.85 -0.63 5.59
CA GLU A 7 -4.85 -1.55 6.13
C GLU A 7 -3.48 -1.29 5.50
N CYS A 8 -3.45 -1.12 4.17
CA CYS A 8 -2.22 -0.81 3.47
C CYS A 8 -1.62 0.52 3.94
N ASN A 9 -2.48 1.51 4.16
CA ASN A 9 -2.03 2.85 4.56
C ASN A 9 -1.24 2.81 5.88
N LYS A 10 -1.53 1.84 6.73
CA LYS A 10 -0.86 1.73 8.02
C LYS A 10 0.64 1.45 7.85
N ILE A 11 0.96 0.59 6.89
CA ILE A 11 2.34 0.18 6.65
C ILE A 11 3.20 1.38 6.23
N THR A 12 4.44 1.42 6.72
CA THR A 12 5.32 2.54 6.47
C THR A 12 6.73 2.09 6.13
N GLU A 13 6.84 0.87 5.57
CA GLU A 13 8.11 0.33 5.11
C GLU A 13 7.91 -0.34 3.75
N GLU A 14 8.78 -0.02 2.78
CA GLU A 14 8.69 -0.59 1.45
C GLU A 14 8.79 -2.12 1.48
N PRO A 15 9.84 -2.71 2.11
CA PRO A 15 10.01 -4.17 2.16
C PRO A 15 8.78 -4.86 2.74
N LYS A 16 8.22 -4.29 3.80
CA LYS A 16 7.03 -4.86 4.42
C LYS A 16 5.79 -4.64 3.56
N CYS A 17 5.60 -3.42 3.07
CA CYS A 17 4.43 -3.06 2.27
C CYS A 17 4.38 -3.89 1.00
N SER A 18 5.54 -4.05 0.37
CA SER A 18 5.64 -4.81 -0.87
C SER A 18 5.23 -6.27 -0.65
N GLU A 19 5.56 -6.80 0.54
CA GLU A 19 5.17 -8.15 0.92
C GLU A 19 3.68 -8.25 1.20
N GLU A 20 3.13 -7.20 1.81
CA GLU A 20 1.72 -7.18 2.22
C GLU A 20 0.79 -7.48 1.06
N LYS A 21 -0.25 -8.24 1.37
CA LYS A 21 -1.23 -8.65 0.38
C LYS A 21 -2.00 -7.45 -0.15
N ILE A 22 -1.97 -7.31 -1.47
CA ILE A 22 -2.67 -6.24 -2.21
C ILE A 22 -2.29 -4.83 -1.72
N CYS A 23 -1.11 -4.72 -1.15
CA CYS A 23 -0.55 -3.42 -0.82
C CYS A 23 0.65 -3.14 -1.71
N SER A 24 0.81 -1.88 -2.10
CA SER A 24 1.92 -1.49 -2.95
C SER A 24 2.55 -0.20 -2.45
N TRP A 25 3.86 -0.09 -2.64
CA TRP A 25 4.59 1.05 -2.13
C TRP A 25 4.61 2.20 -3.13
N HIS A 26 4.17 3.35 -2.68
CA HIS A 26 4.24 4.59 -3.44
C HIS A 26 5.66 5.13 -3.35
N LYS A 27 6.52 4.68 -4.27
CA LYS A 27 7.95 5.00 -4.25
C LYS A 27 8.19 6.45 -4.69
N GLU A 28 7.56 7.36 -3.99
CA GLU A 28 7.62 8.78 -4.29
C GLU A 28 7.02 9.54 -3.12
N VAL A 29 7.46 10.76 -2.87
CA VAL A 29 6.92 11.53 -1.76
C VAL A 29 6.68 12.98 -2.12
N LYS A 30 5.56 13.47 -1.63
CA LYS A 30 5.08 14.81 -1.92
C LYS A 30 4.25 15.25 -0.74
N ALA A 31 4.36 16.52 -0.35
CA ALA A 31 3.63 17.02 0.81
C ALA A 31 2.12 16.82 0.64
N GLY A 32 1.60 15.79 1.27
CA GLY A 32 0.22 15.42 1.10
C GLY A 32 0.07 13.96 0.74
N GLU A 33 1.02 13.44 -0.02
CA GLU A 33 1.01 12.04 -0.42
C GLU A 33 1.31 11.11 0.73
N LYS A 34 1.20 9.83 0.44
CA LYS A 34 1.53 8.78 1.36
C LYS A 34 2.03 7.59 0.56
N ASN A 35 2.79 6.74 1.20
CA ASN A 35 3.54 5.72 0.48
C ASN A 35 2.79 4.40 0.37
N CYS A 36 2.75 3.61 1.43
CA CYS A 36 2.07 2.33 1.33
C CYS A 36 0.59 2.54 1.10
N GLN A 37 0.09 2.03 -0.01
CA GLN A 37 -1.28 2.28 -0.41
C GLN A 37 -1.89 1.08 -1.10
N PHE A 38 -3.20 1.03 -1.09
CA PHE A 38 -3.96 -0.04 -1.72
C PHE A 38 -3.82 0.06 -3.23
N ASN A 39 -3.18 -0.92 -3.85
CA ASN A 39 -2.97 -0.91 -5.29
C ASN A 39 -4.27 -1.16 -6.04
N SER A 40 -5.19 -1.84 -5.36
CA SER A 40 -6.51 -2.20 -5.89
C SER A 40 -6.41 -3.31 -6.93
N THR A 41 -5.53 -3.13 -7.90
CA THR A 41 -5.36 -4.12 -8.95
C THR A 41 -3.90 -4.52 -9.10
N LYS A 42 -3.56 -5.68 -8.56
CA LYS A 42 -2.22 -6.23 -8.67
C LYS A 42 -2.22 -7.65 -8.10
N ALA A 43 -2.88 -7.80 -6.97
CA ALA A 43 -2.97 -9.09 -6.31
C ALA A 43 -3.99 -10.00 -6.98
N SER A 44 -3.72 -11.30 -6.93
CA SER A 44 -4.61 -12.30 -7.50
C SER A 44 -5.97 -12.27 -6.80
N LYS A 45 -7.01 -12.67 -7.53
CA LYS A 45 -8.37 -12.73 -6.98
C LYS A 45 -8.42 -13.70 -5.80
N SER A 46 -7.60 -14.75 -5.88
CA SER A 46 -7.47 -15.72 -4.82
C SER A 46 -6.16 -16.47 -5.01
N GLY A 1 -9.34 -5.84 6.78
CA GLY A 1 -10.60 -5.44 7.45
C GLY A 1 -11.58 -4.78 6.52
N LYS A 2 -12.18 -3.69 6.98
CA LYS A 2 -13.19 -2.98 6.22
C LYS A 2 -12.59 -2.30 4.98
N SER A 3 -11.48 -1.61 5.16
CA SER A 3 -10.88 -0.88 4.06
C SER A 3 -9.46 -1.35 3.80
N PRO A 4 -9.20 -1.85 2.58
CA PRO A 4 -7.88 -2.31 2.17
C PRO A 4 -6.86 -1.17 2.13
N GLU A 5 -7.33 0.02 1.77
CA GLU A 5 -6.48 1.22 1.78
C GLU A 5 -5.96 1.48 3.18
N ALA A 6 -6.86 1.43 4.16
CA ALA A 6 -6.50 1.61 5.56
C ALA A 6 -5.50 0.55 6.01
N GLU A 7 -5.66 -0.67 5.52
CA GLU A 7 -4.75 -1.76 5.86
C GLU A 7 -3.35 -1.49 5.31
N CYS A 8 -3.29 -1.11 4.05
CA CYS A 8 -2.01 -0.81 3.42
C CYS A 8 -1.36 0.43 4.07
N ASN A 9 -2.17 1.44 4.35
CA ASN A 9 -1.67 2.70 4.94
C ASN A 9 -0.87 2.46 6.23
N LYS A 10 -1.09 1.32 6.86
CA LYS A 10 -0.44 1.02 8.14
C LYS A 10 1.10 0.95 8.01
N ILE A 11 1.59 0.31 6.96
CA ILE A 11 3.03 0.05 6.84
C ILE A 11 3.83 1.31 6.54
N THR A 12 5.00 1.42 7.16
CA THR A 12 5.94 2.50 6.87
C THR A 12 7.29 1.92 6.43
N GLU A 13 7.24 0.76 5.78
CA GLU A 13 8.43 0.08 5.29
C GLU A 13 8.15 -0.52 3.92
N GLU A 14 9.09 -0.32 2.99
CA GLU A 14 8.96 -0.82 1.63
C GLU A 14 8.84 -2.35 1.59
N PRO A 15 9.78 -3.10 2.22
CA PRO A 15 9.74 -4.56 2.24
C PRO A 15 8.48 -5.08 2.94
N LYS A 16 8.15 -4.49 4.07
CA LYS A 16 6.97 -4.90 4.84
C LYS A 16 5.69 -4.66 4.05
N CYS A 17 5.57 -3.47 3.47
CA CYS A 17 4.41 -3.11 2.66
C CYS A 17 4.28 -4.06 1.48
N SER A 18 5.42 -4.47 0.94
CA SER A 18 5.47 -5.36 -0.21
C SER A 18 4.88 -6.73 0.13
N GLU A 19 5.10 -7.18 1.37
CA GLU A 19 4.56 -8.46 1.83
C GLU A 19 3.05 -8.39 2.00
N GLU A 20 2.56 -7.23 2.38
CA GLU A 20 1.12 -7.01 2.54
C GLU A 20 0.39 -7.32 1.25
N LYS A 21 -0.74 -8.01 1.36
CA LYS A 21 -1.53 -8.36 0.20
C LYS A 21 -2.14 -7.11 -0.42
N ILE A 22 -2.02 -7.01 -1.75
CA ILE A 22 -2.58 -5.92 -2.56
C ILE A 22 -2.16 -4.53 -2.04
N CYS A 23 -1.00 -4.49 -1.38
CA CYS A 23 -0.39 -3.23 -0.98
C CYS A 23 0.89 -3.03 -1.76
N SER A 24 1.24 -1.79 -2.04
CA SER A 24 2.44 -1.48 -2.81
C SER A 24 3.03 -0.15 -2.38
N TRP A 25 4.35 -0.05 -2.47
CA TRP A 25 5.06 1.12 -1.98
C TRP A 25 4.98 2.27 -2.99
N HIS A 26 4.46 3.38 -2.53
CA HIS A 26 4.34 4.60 -3.31
C HIS A 26 5.60 5.44 -3.16
N LYS A 27 6.69 4.95 -3.73
CA LYS A 27 8.01 5.55 -3.55
C LYS A 27 8.01 7.06 -3.81
N GLU A 28 7.48 7.47 -4.96
CA GLU A 28 7.46 8.89 -5.32
C GLU A 28 6.24 9.59 -4.71
N VAL A 29 6.29 9.83 -3.40
CA VAL A 29 5.18 10.47 -2.70
C VAL A 29 5.19 11.99 -2.85
N LYS A 30 4.09 12.52 -3.34
CA LYS A 30 3.85 13.95 -3.31
C LYS A 30 3.26 14.29 -1.95
N ALA A 31 3.71 15.39 -1.36
CA ALA A 31 3.25 15.78 -0.02
C ALA A 31 1.73 15.78 0.05
N GLY A 32 1.18 14.83 0.80
CA GLY A 32 -0.25 14.62 0.83
C GLY A 32 -0.60 13.16 0.61
N GLU A 33 0.24 12.48 -0.15
CA GLU A 33 0.06 11.05 -0.43
C GLU A 33 0.42 10.20 0.79
N LYS A 34 0.63 8.91 0.55
CA LYS A 34 1.04 7.99 1.58
C LYS A 34 1.85 6.87 0.92
N ASN A 35 2.96 6.49 1.52
CA ASN A 35 3.87 5.55 0.87
C ASN A 35 3.24 4.17 0.71
N CYS A 36 2.88 3.52 1.78
CA CYS A 36 2.16 2.25 1.64
C CYS A 36 0.68 2.53 1.48
N GLN A 37 0.12 2.06 0.38
CA GLN A 37 -1.26 2.35 0.06
C GLN A 37 -1.85 1.30 -0.86
N PHE A 38 -3.18 1.26 -0.91
CA PHE A 38 -3.91 0.29 -1.69
C PHE A 38 -3.70 0.55 -3.18
N ASN A 39 -3.06 -0.39 -3.87
CA ASN A 39 -2.82 -0.25 -5.31
C ASN A 39 -4.12 -0.45 -6.08
N SER A 40 -5.04 -1.20 -5.47
CA SER A 40 -6.40 -1.43 -5.99
C SER A 40 -6.41 -2.41 -7.15
N THR A 41 -5.49 -2.27 -8.09
CA THR A 41 -5.47 -3.14 -9.25
C THR A 41 -4.03 -3.45 -9.67
N LYS A 42 -3.38 -4.32 -8.92
CA LYS A 42 -1.98 -4.65 -9.14
C LYS A 42 -1.63 -6.05 -8.65
N ALA A 43 -2.28 -6.51 -7.60
CA ALA A 43 -1.96 -7.81 -7.01
C ALA A 43 -2.25 -8.96 -7.99
N SER A 44 -3.50 -9.07 -8.40
CA SER A 44 -3.92 -10.09 -9.36
C SER A 44 -5.31 -9.74 -9.86
N LYS A 45 -5.35 -9.02 -10.99
CA LYS A 45 -6.58 -8.40 -11.50
C LYS A 45 -6.91 -7.17 -10.66
N SER A 46 -6.98 -7.39 -9.36
CA SER A 46 -6.99 -6.31 -8.39
C SER A 46 -5.75 -6.46 -7.52
N GLY A 1 -15.48 -5.18 2.13
CA GLY A 1 -16.28 -4.31 3.05
C GLY A 1 -15.42 -3.64 4.08
N LYS A 2 -14.25 -3.18 3.67
CA LYS A 2 -13.35 -2.46 4.56
C LYS A 2 -12.73 -1.28 3.81
N SER A 3 -11.53 -0.91 4.22
CA SER A 3 -10.77 0.10 3.52
C SER A 3 -9.32 -0.36 3.41
N PRO A 4 -9.01 -1.18 2.38
CA PRO A 4 -7.68 -1.74 2.19
C PRO A 4 -6.62 -0.66 2.06
N GLU A 5 -7.02 0.50 1.56
CA GLU A 5 -6.15 1.66 1.47
C GLU A 5 -5.69 2.07 2.86
N ALA A 6 -6.65 2.25 3.76
CA ALA A 6 -6.35 2.59 5.15
C ALA A 6 -5.49 1.51 5.81
N GLU A 7 -5.76 0.26 5.45
CA GLU A 7 -4.99 -0.86 5.97
C GLU A 7 -3.53 -0.77 5.52
N CYS A 8 -3.30 -0.62 4.22
CA CYS A 8 -1.95 -0.48 3.69
C CYS A 8 -1.27 0.78 4.22
N ASN A 9 -2.05 1.84 4.45
CA ASN A 9 -1.52 3.13 4.90
C ASN A 9 -0.76 3.01 6.22
N LYS A 10 -1.12 2.04 7.06
CA LYS A 10 -0.47 1.90 8.37
C LYS A 10 0.96 1.37 8.20
N ILE A 11 1.19 0.62 7.13
CA ILE A 11 2.51 0.12 6.81
C ILE A 11 3.43 1.28 6.46
N THR A 12 4.66 1.26 6.96
CA THR A 12 5.59 2.33 6.72
C THR A 12 6.98 1.78 6.42
N GLU A 13 7.04 0.51 6.02
CA GLU A 13 8.29 -0.10 5.59
C GLU A 13 8.12 -0.82 4.27
N GLU A 14 9.04 -0.57 3.35
CA GLU A 14 8.98 -1.14 2.01
C GLU A 14 8.90 -2.67 2.03
N PRO A 15 9.82 -3.38 2.72
CA PRO A 15 9.81 -4.85 2.77
C PRO A 15 8.45 -5.39 3.23
N LYS A 16 7.85 -4.73 4.20
CA LYS A 16 6.55 -5.12 4.73
C LYS A 16 5.43 -4.83 3.72
N CYS A 17 5.47 -3.64 3.13
CA CYS A 17 4.47 -3.23 2.16
C CYS A 17 4.55 -4.10 0.91
N SER A 18 5.77 -4.32 0.45
CA SER A 18 6.02 -5.17 -0.70
C SER A 18 5.62 -6.62 -0.40
N GLU A 19 5.75 -7.01 0.86
CA GLU A 19 5.33 -8.33 1.30
C GLU A 19 3.83 -8.49 1.15
N GLU A 20 3.08 -7.45 1.52
CA GLU A 20 1.64 -7.46 1.41
C GLU A 20 1.21 -7.60 -0.05
N LYS A 21 0.54 -8.70 -0.36
CA LYS A 21 0.07 -8.95 -1.72
C LYS A 21 -1.22 -8.19 -2.01
N ILE A 22 -1.15 -6.87 -1.82
CA ILE A 22 -2.27 -5.98 -2.04
C ILE A 22 -1.84 -4.53 -1.85
N CYS A 23 -0.79 -4.34 -1.07
CA CYS A 23 -0.23 -3.02 -0.84
C CYS A 23 0.97 -2.79 -1.76
N SER A 24 1.17 -1.55 -2.17
CA SER A 24 2.26 -1.21 -3.06
C SER A 24 3.06 -0.03 -2.48
N TRP A 25 4.39 -0.14 -2.51
CA TRP A 25 5.24 0.90 -1.98
C TRP A 25 5.30 2.08 -2.94
N HIS A 26 5.55 3.25 -2.39
CA HIS A 26 5.48 4.50 -3.12
C HIS A 26 6.56 5.44 -2.61
N LYS A 27 7.80 5.23 -3.06
CA LYS A 27 8.95 5.97 -2.56
C LYS A 27 8.75 7.49 -2.65
N GLU A 28 8.42 7.97 -3.83
CA GLU A 28 8.32 9.41 -4.07
C GLU A 28 6.88 9.90 -3.91
N VAL A 29 6.38 9.90 -2.68
CA VAL A 29 5.01 10.33 -2.40
C VAL A 29 4.82 11.83 -2.55
N LYS A 30 3.77 12.21 -3.25
CA LYS A 30 3.35 13.60 -3.29
C LYS A 30 2.59 13.90 -2.00
N ALA A 31 2.72 15.12 -1.48
CA ALA A 31 2.09 15.48 -0.21
C ALA A 31 0.59 15.22 -0.26
N GLY A 32 0.14 14.26 0.52
CA GLY A 32 -1.25 13.87 0.51
C GLY A 32 -1.43 12.38 0.38
N GLU A 33 -0.47 11.73 -0.28
CA GLU A 33 -0.54 10.30 -0.51
C GLU A 33 -0.07 9.51 0.72
N LYS A 34 0.57 8.38 0.47
CA LYS A 34 1.11 7.54 1.51
C LYS A 34 2.07 6.55 0.88
N ASN A 35 3.21 6.32 1.53
CA ASN A 35 4.26 5.49 0.95
C ASN A 35 3.75 4.07 0.73
N CYS A 36 3.05 3.53 1.69
CA CYS A 36 2.37 2.27 1.48
C CYS A 36 0.89 2.52 1.29
N GLN A 37 0.35 2.03 0.18
CA GLN A 37 -1.04 2.29 -0.15
C GLN A 37 -1.61 1.15 -0.96
N PHE A 38 -2.93 1.09 -1.00
CA PHE A 38 -3.63 0.05 -1.72
C PHE A 38 -3.43 0.23 -3.22
N ASN A 39 -2.99 -0.83 -3.89
CA ASN A 39 -2.72 -0.76 -5.33
C ASN A 39 -4.01 -0.70 -6.15
N SER A 40 -5.13 -1.04 -5.50
CA SER A 40 -6.45 -1.01 -6.12
C SER A 40 -6.61 -2.14 -7.14
N THR A 41 -6.79 -3.35 -6.62
CA THR A 41 -7.01 -4.57 -7.42
C THR A 41 -5.92 -4.83 -8.46
N LYS A 42 -4.72 -4.32 -8.19
CA LYS A 42 -3.56 -4.67 -9.01
C LYS A 42 -3.01 -6.01 -8.56
N ALA A 43 -3.11 -6.24 -7.25
CA ALA A 43 -2.77 -7.54 -6.68
C ALA A 43 -3.95 -8.51 -6.84
N SER A 44 -4.55 -8.49 -8.02
CA SER A 44 -5.68 -9.33 -8.33
C SER A 44 -5.84 -9.43 -9.84
N LYS A 45 -5.88 -8.28 -10.51
CA LYS A 45 -5.99 -8.23 -11.97
C LYS A 45 -7.20 -9.02 -12.46
N SER A 46 -6.97 -9.95 -13.38
CA SER A 46 -8.04 -10.78 -13.91
C SER A 46 -7.57 -12.23 -14.03
N GLY A 1 -13.30 -2.29 10.98
CA GLY A 1 -13.37 -1.83 9.59
C GLY A 1 -12.73 -2.80 8.62
N LYS A 2 -11.47 -3.15 8.89
CA LYS A 2 -10.72 -4.09 8.05
C LYS A 2 -10.67 -3.58 6.60
N SER A 3 -10.34 -2.31 6.46
CA SER A 3 -10.29 -1.68 5.15
C SER A 3 -8.90 -1.85 4.55
N PRO A 4 -8.81 -2.46 3.36
CA PRO A 4 -7.53 -2.72 2.69
C PRO A 4 -6.72 -1.43 2.48
N GLU A 5 -7.38 -0.37 2.03
CA GLU A 5 -6.72 0.91 1.83
C GLU A 5 -6.12 1.42 3.14
N ALA A 6 -6.93 1.43 4.18
CA ALA A 6 -6.48 1.90 5.49
C ALA A 6 -5.33 1.05 6.00
N GLU A 7 -5.47 -0.26 5.88
CA GLU A 7 -4.43 -1.19 6.33
C GLU A 7 -3.12 -0.97 5.59
N CYS A 8 -3.20 -0.81 4.27
CA CYS A 8 -2.01 -0.56 3.47
C CYS A 8 -1.36 0.76 3.88
N ASN A 9 -2.16 1.80 4.05
CA ASN A 9 -1.65 3.12 4.42
C ASN A 9 -0.91 3.08 5.77
N LYS A 10 -1.33 2.18 6.65
CA LYS A 10 -0.71 2.04 7.96
C LYS A 10 0.74 1.58 7.86
N ILE A 11 1.02 0.72 6.88
CA ILE A 11 2.36 0.20 6.67
C ILE A 11 3.30 1.32 6.25
N THR A 12 4.52 1.32 6.79
CA THR A 12 5.45 2.42 6.53
C THR A 12 6.84 1.89 6.20
N GLU A 13 6.89 0.66 5.70
CA GLU A 13 8.15 0.08 5.24
C GLU A 13 7.94 -0.70 3.95
N GLU A 14 8.83 -0.51 3.00
CA GLU A 14 8.74 -1.13 1.68
C GLU A 14 8.66 -2.67 1.76
N PRO A 15 9.60 -3.34 2.45
CA PRO A 15 9.58 -4.80 2.58
C PRO A 15 8.29 -5.30 3.20
N LYS A 16 7.87 -4.64 4.27
CA LYS A 16 6.61 -4.98 4.94
C LYS A 16 5.44 -4.80 3.98
N CYS A 17 5.36 -3.63 3.38
CA CYS A 17 4.29 -3.28 2.46
C CYS A 17 4.25 -4.23 1.26
N SER A 18 5.42 -4.58 0.76
CA SER A 18 5.52 -5.45 -0.41
C SER A 18 4.99 -6.85 -0.09
N GLU A 19 5.16 -7.28 1.15
CA GLU A 19 4.65 -8.57 1.59
C GLU A 19 3.15 -8.52 1.83
N GLU A 20 2.66 -7.36 2.30
CA GLU A 20 1.23 -7.17 2.55
C GLU A 20 0.45 -7.35 1.26
N LYS A 21 -0.62 -8.12 1.33
CA LYS A 21 -1.42 -8.43 0.16
C LYS A 21 -2.19 -7.21 -0.30
N ILE A 22 -2.13 -6.94 -1.61
CA ILE A 22 -2.78 -5.83 -2.29
C ILE A 22 -2.32 -4.46 -1.74
N CYS A 23 -1.22 -4.46 -1.01
CA CYS A 23 -0.56 -3.22 -0.62
C CYS A 23 0.68 -3.02 -1.47
N SER A 24 0.98 -1.78 -1.80
CA SER A 24 2.10 -1.49 -2.68
C SER A 24 2.83 -0.22 -2.25
N TRP A 25 4.13 -0.16 -2.52
CA TRP A 25 4.96 0.96 -2.08
C TRP A 25 4.77 2.17 -2.99
N HIS A 26 5.49 3.24 -2.68
CA HIS A 26 5.30 4.53 -3.33
C HIS A 26 6.52 5.40 -3.02
N LYS A 27 7.68 4.98 -3.53
CA LYS A 27 8.97 5.59 -3.17
C LYS A 27 8.92 7.12 -3.25
N GLU A 28 8.59 7.64 -4.42
CA GLU A 28 8.37 9.06 -4.59
C GLU A 28 6.98 9.40 -4.07
N VAL A 29 6.84 10.48 -3.32
CA VAL A 29 5.54 10.78 -2.74
C VAL A 29 5.12 12.24 -2.95
N LYS A 30 3.89 12.39 -3.40
CA LYS A 30 3.24 13.70 -3.47
C LYS A 30 2.74 14.07 -2.08
N ALA A 31 2.73 15.35 -1.75
CA ALA A 31 2.21 15.78 -0.46
C ALA A 31 0.73 15.44 -0.37
N GLY A 32 0.41 14.44 0.44
CA GLY A 32 -0.95 13.94 0.52
C GLY A 32 -1.00 12.44 0.34
N GLU A 33 -0.04 11.90 -0.41
CA GLU A 33 0.04 10.47 -0.66
C GLU A 33 0.51 9.70 0.57
N LYS A 34 0.63 8.39 0.40
CA LYS A 34 1.19 7.51 1.42
C LYS A 34 2.15 6.55 0.76
N ASN A 35 3.27 6.26 1.41
CA ASN A 35 4.29 5.40 0.82
C ASN A 35 3.74 3.99 0.61
N CYS A 36 3.05 3.47 1.59
CA CYS A 36 2.33 2.22 1.38
C CYS A 36 0.87 2.53 1.16
N GLN A 37 0.34 2.11 0.03
CA GLN A 37 -1.01 2.48 -0.35
C GLN A 37 -1.74 1.28 -0.95
N PHE A 38 -3.06 1.37 -0.94
CA PHE A 38 -3.88 0.35 -1.56
C PHE A 38 -3.72 0.45 -3.08
N ASN A 39 -3.13 -0.58 -3.68
CA ASN A 39 -2.83 -0.51 -5.11
C ASN A 39 -4.09 -0.69 -5.95
N SER A 40 -5.14 -1.18 -5.30
CA SER A 40 -6.45 -1.38 -5.93
C SER A 40 -6.44 -2.52 -6.95
N THR A 41 -5.64 -2.41 -7.98
CA THR A 41 -5.60 -3.42 -9.02
C THR A 41 -4.23 -3.50 -9.69
N LYS A 42 -3.20 -3.14 -8.94
CA LYS A 42 -1.83 -3.39 -9.39
C LYS A 42 -1.53 -4.87 -9.20
N ALA A 43 -2.12 -5.43 -8.14
CA ALA A 43 -2.03 -6.86 -7.88
C ALA A 43 -2.73 -7.65 -8.97
N SER A 44 -1.97 -7.96 -10.02
CA SER A 44 -2.50 -8.59 -11.20
C SER A 44 -1.35 -8.99 -12.12
N LYS A 45 -0.38 -8.09 -12.27
CA LYS A 45 0.82 -8.36 -13.04
C LYS A 45 1.79 -7.18 -12.93
N SER A 46 3.07 -7.49 -12.78
CA SER A 46 4.12 -6.49 -12.65
C SER A 46 5.49 -7.17 -12.62
N GLY A 1 -12.04 1.15 10.69
CA GLY A 1 -12.54 0.38 9.52
C GLY A 1 -11.43 -0.39 8.84
N LYS A 2 -11.67 -1.67 8.59
CA LYS A 2 -10.67 -2.51 7.94
C LYS A 2 -10.74 -2.37 6.42
N SER A 3 -10.66 -1.14 5.95
CA SER A 3 -10.58 -0.87 4.53
C SER A 3 -9.18 -1.21 4.03
N PRO A 4 -9.05 -1.89 2.89
CA PRO A 4 -7.75 -2.34 2.38
C PRO A 4 -6.73 -1.20 2.29
N GLU A 5 -7.17 -0.04 1.82
CA GLU A 5 -6.30 1.13 1.74
C GLU A 5 -5.83 1.55 3.13
N ALA A 6 -6.78 1.64 4.05
CA ALA A 6 -6.49 1.99 5.43
C ALA A 6 -5.55 0.95 6.06
N GLU A 7 -5.76 -0.31 5.69
CA GLU A 7 -4.91 -1.39 6.18
C GLU A 7 -3.48 -1.19 5.70
N CYS A 8 -3.31 -0.96 4.40
CA CYS A 8 -1.99 -0.69 3.84
C CYS A 8 -1.33 0.49 4.53
N ASN A 9 -2.11 1.53 4.83
CA ASN A 9 -1.61 2.71 5.53
C ASN A 9 -0.93 2.36 6.86
N LYS A 10 -1.38 1.29 7.48
CA LYS A 10 -0.87 0.88 8.79
C LYS A 10 0.59 0.42 8.70
N ILE A 11 0.93 -0.25 7.59
CA ILE A 11 2.25 -0.86 7.43
C ILE A 11 3.38 0.17 7.59
N THR A 12 3.33 1.23 6.79
CA THR A 12 4.30 2.32 6.82
C THR A 12 5.74 1.81 6.67
N GLU A 13 5.91 0.74 5.92
CA GLU A 13 7.22 0.13 5.70
C GLU A 13 7.34 -0.39 4.29
N GLU A 14 8.40 -0.01 3.59
CA GLU A 14 8.58 -0.39 2.20
C GLU A 14 8.75 -1.90 2.03
N PRO A 15 9.72 -2.55 2.72
CA PRO A 15 9.93 -3.99 2.59
C PRO A 15 8.67 -4.79 2.93
N LYS A 16 8.01 -4.41 4.01
CA LYS A 16 6.77 -5.06 4.42
C LYS A 16 5.66 -4.85 3.41
N CYS A 17 5.46 -3.59 3.00
CA CYS A 17 4.41 -3.23 2.07
C CYS A 17 4.66 -3.83 0.68
N SER A 18 5.93 -4.01 0.35
CA SER A 18 6.34 -4.49 -0.95
C SER A 18 5.67 -5.81 -1.30
N GLU A 19 5.63 -6.74 -0.36
CA GLU A 19 4.95 -8.01 -0.57
C GLU A 19 3.75 -8.11 0.37
N GLU A 20 3.19 -6.97 0.72
CA GLU A 20 2.04 -6.92 1.60
C GLU A 20 0.78 -7.32 0.85
N LYS A 21 -0.18 -7.87 1.57
CA LYS A 21 -1.45 -8.32 0.99
C LYS A 21 -2.12 -7.21 0.20
N ILE A 22 -1.99 -7.30 -1.12
CA ILE A 22 -2.57 -6.36 -2.09
C ILE A 22 -2.30 -4.88 -1.71
N CYS A 23 -1.12 -4.63 -1.16
CA CYS A 23 -0.67 -3.26 -0.90
C CYS A 23 0.54 -2.94 -1.77
N SER A 24 0.84 -1.67 -1.92
CA SER A 24 1.95 -1.24 -2.78
C SER A 24 2.65 -0.03 -2.20
N TRP A 25 3.96 0.04 -2.39
CA TRP A 25 4.72 1.18 -1.92
C TRP A 25 4.71 2.30 -2.95
N HIS A 26 4.10 3.41 -2.58
CA HIS A 26 4.01 4.60 -3.40
C HIS A 26 5.34 5.34 -3.39
N LYS A 27 6.32 4.80 -4.11
CA LYS A 27 7.70 5.29 -4.05
C LYS A 27 7.77 6.80 -4.33
N GLU A 28 7.12 7.23 -5.40
CA GLU A 28 7.04 8.64 -5.73
C GLU A 28 6.21 9.37 -4.68
N VAL A 29 6.71 10.47 -4.16
CA VAL A 29 6.04 11.21 -3.10
C VAL A 29 6.31 12.70 -3.21
N LYS A 30 5.30 13.50 -2.86
CA LYS A 30 5.40 14.93 -2.90
C LYS A 30 4.65 15.53 -1.71
N ALA A 31 4.90 14.92 -0.57
CA ALA A 31 4.39 15.38 0.72
C ALA A 31 2.88 15.62 0.70
N GLY A 32 2.11 14.54 0.60
CA GLY A 32 0.66 14.66 0.60
C GLY A 32 -0.01 13.31 0.44
N GLU A 33 0.61 12.46 -0.35
CA GLU A 33 0.12 11.11 -0.61
C GLU A 33 0.26 10.20 0.62
N LYS A 34 0.18 8.91 0.36
CA LYS A 34 0.52 7.89 1.34
C LYS A 34 1.36 6.84 0.65
N ASN A 35 2.47 6.46 1.27
CA ASN A 35 3.41 5.56 0.62
C ASN A 35 2.82 4.15 0.53
N CYS A 36 2.54 3.53 1.66
CA CYS A 36 1.90 2.23 1.61
C CYS A 36 0.38 2.41 1.48
N GLN A 37 -0.14 2.07 0.31
CA GLN A 37 -1.55 2.27 0.03
C GLN A 37 -2.09 1.18 -0.90
N PHE A 38 -3.40 1.10 -0.98
CA PHE A 38 -4.07 0.10 -1.79
C PHE A 38 -3.79 0.35 -3.26
N ASN A 39 -3.24 -0.63 -3.94
CA ASN A 39 -2.88 -0.49 -5.34
C ASN A 39 -4.09 -0.68 -6.25
N SER A 40 -4.96 -1.61 -5.88
CA SER A 40 -6.12 -1.98 -6.69
C SER A 40 -5.67 -2.72 -7.95
N THR A 41 -6.08 -3.99 -8.05
CA THR A 41 -5.76 -4.87 -9.18
C THR A 41 -4.29 -4.73 -9.64
N LYS A 42 -3.38 -4.85 -8.68
CA LYS A 42 -1.96 -4.74 -8.96
C LYS A 42 -1.15 -5.56 -7.95
N ALA A 43 -1.78 -6.63 -7.47
CA ALA A 43 -1.14 -7.52 -6.50
C ALA A 43 -1.94 -8.80 -6.34
N SER A 44 -1.23 -9.89 -6.12
CA SER A 44 -1.84 -11.20 -5.95
C SER A 44 -2.69 -11.26 -4.69
N LYS A 45 -4.00 -11.33 -4.87
CA LYS A 45 -4.93 -11.40 -3.75
C LYS A 45 -6.36 -11.56 -4.26
N SER A 46 -6.69 -10.81 -5.29
CA SER A 46 -8.01 -10.87 -5.91
C SER A 46 -7.91 -10.43 -7.36
N GLY A 1 -13.43 2.29 9.65
CA GLY A 1 -13.31 0.97 10.31
C GLY A 1 -12.31 0.08 9.61
N LYS A 2 -12.66 -1.17 9.39
CA LYS A 2 -11.79 -2.09 8.67
C LYS A 2 -11.92 -1.90 7.16
N SER A 3 -10.80 -1.64 6.52
CA SER A 3 -10.76 -1.43 5.08
C SER A 3 -9.36 -1.68 4.55
N PRO A 4 -9.23 -2.35 3.40
CA PRO A 4 -7.94 -2.66 2.80
C PRO A 4 -7.06 -1.42 2.62
N GLU A 5 -7.69 -0.28 2.39
CA GLU A 5 -6.99 0.99 2.26
C GLU A 5 -6.23 1.29 3.54
N ALA A 6 -6.95 1.30 4.66
CA ALA A 6 -6.36 1.53 5.97
C ALA A 6 -5.38 0.42 6.32
N GLU A 7 -5.73 -0.82 5.95
CA GLU A 7 -4.88 -1.97 6.21
C GLU A 7 -3.53 -1.84 5.52
N CYS A 8 -3.51 -1.19 4.38
CA CYS A 8 -2.25 -0.91 3.69
C CYS A 8 -1.61 0.35 4.26
N ASN A 9 -2.43 1.36 4.54
CA ASN A 9 -1.96 2.64 5.08
C ASN A 9 -1.16 2.46 6.37
N LYS A 10 -1.57 1.53 7.21
CA LYS A 10 -0.95 1.32 8.51
C LYS A 10 0.54 0.94 8.37
N ILE A 11 0.90 0.30 7.27
CA ILE A 11 2.27 -0.15 7.05
C ILE A 11 3.21 1.05 6.92
N THR A 12 4.32 1.00 7.63
CA THR A 12 5.29 2.08 7.59
C THR A 12 6.58 1.63 6.91
N GLU A 13 6.90 0.35 7.04
CA GLU A 13 8.12 -0.19 6.46
C GLU A 13 7.89 -0.59 5.00
N GLU A 14 8.77 -0.12 4.12
CA GLU A 14 8.72 -0.46 2.70
C GLU A 14 8.73 -1.98 2.49
N PRO A 15 9.71 -2.73 3.09
CA PRO A 15 9.79 -4.19 2.90
C PRO A 15 8.47 -4.88 3.23
N LYS A 16 7.85 -4.48 4.33
CA LYS A 16 6.58 -5.05 4.75
C LYS A 16 5.46 -4.68 3.78
N CYS A 17 5.44 -3.42 3.38
CA CYS A 17 4.44 -2.94 2.42
C CYS A 17 4.62 -3.63 1.08
N SER A 18 5.88 -3.82 0.69
CA SER A 18 6.23 -4.50 -0.54
C SER A 18 5.84 -5.99 -0.46
N GLU A 19 5.93 -6.56 0.74
CA GLU A 19 5.59 -7.96 0.95
C GLU A 19 4.11 -8.21 0.74
N GLU A 20 3.29 -7.20 1.04
CA GLU A 20 1.85 -7.29 0.86
C GLU A 20 1.51 -7.56 -0.60
N LYS A 21 0.51 -8.41 -0.83
CA LYS A 21 0.15 -8.81 -2.18
C LYS A 21 -0.51 -7.66 -2.95
N ILE A 22 -1.69 -7.25 -2.50
CA ILE A 22 -2.40 -6.16 -3.14
C ILE A 22 -1.80 -4.83 -2.74
N CYS A 23 -1.55 -4.63 -1.45
CA CYS A 23 -0.94 -3.41 -0.95
C CYS A 23 0.47 -3.24 -1.53
N SER A 24 0.81 -1.99 -1.84
CA SER A 24 2.02 -1.69 -2.59
C SER A 24 2.66 -0.39 -2.13
N TRP A 25 3.99 -0.36 -2.08
CA TRP A 25 4.72 0.80 -1.60
C TRP A 25 4.89 1.85 -2.69
N HIS A 26 4.56 3.07 -2.34
CA HIS A 26 4.67 4.22 -3.21
C HIS A 26 5.98 4.95 -2.92
N LYS A 27 7.02 4.64 -3.67
CA LYS A 27 8.35 5.18 -3.41
C LYS A 27 8.41 6.68 -3.68
N GLU A 28 7.83 7.10 -4.79
CA GLU A 28 7.80 8.52 -5.12
C GLU A 28 6.66 9.20 -4.40
N VAL A 29 6.99 10.20 -3.58
CA VAL A 29 5.98 10.93 -2.82
C VAL A 29 6.41 12.38 -2.65
N LYS A 30 5.44 13.28 -2.69
CA LYS A 30 5.72 14.70 -2.61
C LYS A 30 4.59 15.42 -1.89
N ALA A 31 4.39 15.04 -0.64
CA ALA A 31 3.39 15.63 0.24
C ALA A 31 2.01 15.69 -0.42
N GLY A 32 1.54 14.55 -0.89
CA GLY A 32 0.23 14.49 -1.51
C GLY A 32 -0.30 13.07 -1.57
N GLU A 33 0.53 12.15 -2.03
CA GLU A 33 0.17 10.74 -2.09
C GLU A 33 0.54 10.02 -0.80
N LYS A 34 0.08 8.80 -0.69
CA LYS A 34 0.46 7.93 0.42
C LYS A 34 1.55 6.98 -0.04
N ASN A 35 2.50 6.67 0.83
CA ASN A 35 3.54 5.71 0.49
C ASN A 35 2.97 4.31 0.47
N CYS A 36 2.53 3.84 1.62
CA CYS A 36 1.82 2.57 1.65
C CYS A 36 0.33 2.83 1.54
N GLN A 37 -0.27 2.37 0.46
CA GLN A 37 -1.67 2.66 0.17
C GLN A 37 -2.30 1.57 -0.68
N PHE A 38 -3.60 1.37 -0.51
CA PHE A 38 -4.31 0.36 -1.27
C PHE A 38 -4.32 0.76 -2.74
N ASN A 39 -3.67 -0.03 -3.58
CA ASN A 39 -3.51 0.34 -4.97
C ASN A 39 -4.69 -0.18 -5.80
N SER A 40 -5.46 -1.09 -5.20
CA SER A 40 -6.72 -1.58 -5.76
C SER A 40 -6.50 -2.29 -7.11
N THR A 41 -6.78 -3.60 -7.11
CA THR A 41 -6.67 -4.44 -8.32
C THR A 41 -5.33 -4.23 -9.02
N LYS A 42 -4.28 -4.08 -8.23
CA LYS A 42 -2.96 -3.82 -8.77
C LYS A 42 -1.92 -4.67 -8.05
N ALA A 43 -2.33 -5.84 -7.60
CA ALA A 43 -1.41 -6.78 -6.94
C ALA A 43 -0.34 -7.24 -7.92
N SER A 44 -0.64 -7.10 -9.20
CA SER A 44 0.28 -7.44 -10.28
C SER A 44 1.59 -6.65 -10.15
N LYS A 45 1.49 -5.44 -9.61
CA LYS A 45 2.64 -4.57 -9.41
C LYS A 45 3.69 -5.26 -8.54
N SER A 46 4.91 -5.37 -9.07
CA SER A 46 6.01 -6.00 -8.37
C SER A 46 7.34 -5.55 -9.00
N GLY A 1 -9.29 -5.23 7.17
CA GLY A 1 -9.64 -4.36 8.31
C GLY A 1 -9.56 -2.89 7.98
N LYS A 2 -10.58 -2.14 8.42
CA LYS A 2 -10.69 -0.68 8.19
C LYS A 2 -10.34 -0.29 6.75
N SER A 3 -10.92 -1.02 5.78
CA SER A 3 -10.72 -0.76 4.36
C SER A 3 -9.30 -1.13 3.90
N PRO A 4 -9.19 -1.80 2.76
CA PRO A 4 -7.90 -2.19 2.18
C PRO A 4 -7.04 -0.97 1.84
N GLU A 5 -7.70 0.12 1.45
CA GLU A 5 -7.02 1.35 1.13
C GLU A 5 -6.28 1.90 2.36
N ALA A 6 -6.94 1.85 3.49
CA ALA A 6 -6.38 2.37 4.72
C ALA A 6 -5.38 1.40 5.35
N GLU A 7 -5.65 0.10 5.26
CA GLU A 7 -4.81 -0.89 5.95
C GLU A 7 -3.37 -0.83 5.46
N CYS A 8 -3.18 -0.79 4.15
CA CYS A 8 -1.84 -0.63 3.58
C CYS A 8 -1.21 0.69 3.99
N ASN A 9 -2.04 1.73 4.10
CA ASN A 9 -1.56 3.06 4.44
C ASN A 9 -0.86 3.11 5.80
N LYS A 10 -1.12 2.13 6.64
CA LYS A 10 -0.51 2.07 7.96
C LYS A 10 0.98 1.73 7.88
N ILE A 11 1.31 0.86 6.93
CA ILE A 11 2.67 0.38 6.73
C ILE A 11 3.60 1.51 6.29
N THR A 12 4.80 1.56 6.87
CA THR A 12 5.76 2.61 6.55
C THR A 12 7.11 2.03 6.13
N GLU A 13 7.08 0.85 5.52
CA GLU A 13 8.31 0.19 5.09
C GLU A 13 8.09 -0.57 3.78
N GLU A 14 8.99 -0.37 2.83
CA GLU A 14 8.92 -1.05 1.54
C GLU A 14 8.98 -2.58 1.70
N PRO A 15 9.98 -3.14 2.42
CA PRO A 15 10.09 -4.60 2.60
C PRO A 15 8.82 -5.22 3.15
N LYS A 16 8.24 -4.59 4.16
CA LYS A 16 6.98 -5.04 4.72
C LYS A 16 5.83 -4.85 3.73
N CYS A 17 5.73 -3.64 3.19
CA CYS A 17 4.62 -3.27 2.30
C CYS A 17 4.56 -4.15 1.07
N SER A 18 5.71 -4.43 0.49
CA SER A 18 5.77 -5.23 -0.73
C SER A 18 5.26 -6.64 -0.48
N GLU A 19 5.53 -7.17 0.71
CA GLU A 19 5.05 -8.48 1.10
C GLU A 19 3.57 -8.44 1.45
N GLU A 20 3.12 -7.29 1.97
CA GLU A 20 1.73 -7.11 2.38
C GLU A 20 0.77 -7.46 1.26
N LYS A 21 -0.32 -8.11 1.63
CA LYS A 21 -1.35 -8.51 0.68
C LYS A 21 -2.00 -7.28 0.06
N ILE A 22 -1.91 -7.20 -1.26
CA ILE A 22 -2.55 -6.14 -2.05
C ILE A 22 -2.11 -4.73 -1.57
N CYS A 23 -0.84 -4.60 -1.22
CA CYS A 23 -0.27 -3.29 -0.91
C CYS A 23 0.93 -3.03 -1.81
N SER A 24 1.05 -1.81 -2.32
CA SER A 24 2.16 -1.44 -3.18
C SER A 24 2.88 -0.22 -2.62
N TRP A 25 4.18 -0.19 -2.78
CA TRP A 25 4.99 0.87 -2.22
C TRP A 25 5.03 2.08 -3.13
N HIS A 26 4.65 3.22 -2.57
CA HIS A 26 4.68 4.50 -3.24
C HIS A 26 5.94 5.24 -2.80
N LYS A 27 7.04 4.96 -3.47
CA LYS A 27 8.37 5.41 -3.03
C LYS A 27 8.40 6.90 -2.70
N GLU A 28 7.86 7.71 -3.60
CA GLU A 28 7.86 9.16 -3.41
C GLU A 28 6.44 9.67 -3.26
N VAL A 29 6.19 10.45 -2.23
CA VAL A 29 4.86 11.02 -2.00
C VAL A 29 4.92 12.56 -1.96
N LYS A 30 4.07 13.18 -2.78
CA LYS A 30 4.07 14.63 -2.92
C LYS A 30 3.24 15.30 -1.82
N ALA A 31 3.64 15.02 -0.59
CA ALA A 31 3.04 15.63 0.60
C ALA A 31 1.51 15.60 0.57
N GLY A 32 0.96 14.39 0.64
CA GLY A 32 -0.48 14.22 0.61
C GLY A 32 -0.87 12.76 0.54
N GLU A 33 -0.06 11.98 -0.17
CA GLU A 33 -0.30 10.57 -0.35
C GLU A 33 0.19 9.76 0.86
N LYS A 34 0.55 8.52 0.62
CA LYS A 34 1.11 7.65 1.63
C LYS A 34 1.95 6.60 0.91
N ASN A 35 3.12 6.30 1.46
CA ASN A 35 4.06 5.41 0.77
C ASN A 35 3.46 4.03 0.58
N CYS A 36 3.11 3.34 1.64
CA CYS A 36 2.41 2.08 1.46
C CYS A 36 0.94 2.38 1.20
N GLN A 37 0.44 1.92 0.05
CA GLN A 37 -0.90 2.29 -0.35
C GLN A 37 -1.55 1.18 -1.17
N PHE A 38 -2.88 1.19 -1.16
CA PHE A 38 -3.68 0.19 -1.85
C PHE A 38 -3.55 0.35 -3.35
N ASN A 39 -2.97 -0.66 -4.00
CA ASN A 39 -2.76 -0.62 -5.45
C ASN A 39 -3.97 -1.11 -6.23
N SER A 40 -5.11 -1.20 -5.54
CA SER A 40 -6.38 -1.61 -6.15
C SER A 40 -6.21 -2.90 -6.96
N THR A 41 -6.76 -2.94 -8.17
CA THR A 41 -6.56 -4.11 -9.01
C THR A 41 -5.14 -4.13 -9.54
N LYS A 42 -4.41 -5.18 -9.18
CA LYS A 42 -3.01 -5.32 -9.55
C LYS A 42 -2.46 -6.62 -8.96
N ALA A 43 -2.74 -6.82 -7.67
CA ALA A 43 -2.30 -8.01 -6.97
C ALA A 43 -3.45 -8.99 -6.81
N SER A 44 -3.11 -10.28 -6.81
CA SER A 44 -4.11 -11.34 -6.62
C SER A 44 -4.52 -11.46 -5.15
N LYS A 45 -4.81 -10.33 -4.53
CA LYS A 45 -5.25 -10.30 -3.13
C LYS A 45 -6.30 -9.21 -2.93
N SER A 46 -7.12 -9.02 -3.95
CA SER A 46 -8.19 -8.04 -3.87
C SER A 46 -9.38 -8.61 -3.10
N GLY A 1 -16.20 -1.13 8.91
CA GLY A 1 -15.91 -1.12 7.46
C GLY A 1 -14.47 -1.46 7.17
N LYS A 2 -14.23 -2.35 6.23
CA LYS A 2 -12.86 -2.72 5.87
C LYS A 2 -12.32 -1.75 4.82
N SER A 3 -11.23 -1.09 5.16
CA SER A 3 -10.59 -0.16 4.25
C SER A 3 -9.17 -0.65 3.92
N PRO A 4 -9.05 -1.55 2.93
CA PRO A 4 -7.76 -2.14 2.55
C PRO A 4 -6.71 -1.09 2.20
N GLU A 5 -7.14 0.00 1.56
CA GLU A 5 -6.24 1.09 1.25
C GLU A 5 -5.64 1.68 2.51
N ALA A 6 -6.52 2.00 3.46
CA ALA A 6 -6.12 2.55 4.74
C ALA A 6 -5.23 1.57 5.50
N GLU A 7 -5.49 0.29 5.32
CA GLU A 7 -4.71 -0.74 5.99
C GLU A 7 -3.25 -0.70 5.51
N CYS A 8 -3.05 -0.65 4.20
CA CYS A 8 -1.70 -0.51 3.64
C CYS A 8 -1.05 0.80 4.10
N ASN A 9 -1.88 1.81 4.34
CA ASN A 9 -1.40 3.11 4.83
C ASN A 9 -0.70 2.96 6.18
N LYS A 10 -1.15 2.00 6.98
CA LYS A 10 -0.64 1.79 8.32
C LYS A 10 0.83 1.35 8.27
N ILE A 11 1.15 0.52 7.29
CA ILE A 11 2.50 0.00 7.14
C ILE A 11 3.45 1.12 6.70
N THR A 12 4.61 1.20 7.32
CA THR A 12 5.60 2.22 6.98
C THR A 12 6.83 1.60 6.33
N GLU A 13 7.08 0.32 6.61
CA GLU A 13 8.23 -0.36 6.03
C GLU A 13 7.94 -0.82 4.60
N GLU A 14 8.80 -0.41 3.68
CA GLU A 14 8.68 -0.76 2.26
C GLU A 14 8.75 -2.27 2.02
N PRO A 15 9.81 -2.97 2.49
CA PRO A 15 9.95 -4.42 2.27
C PRO A 15 8.75 -5.20 2.78
N LYS A 16 8.21 -4.78 3.91
CA LYS A 16 7.05 -5.42 4.49
C LYS A 16 5.79 -5.10 3.68
N CYS A 17 5.58 -3.82 3.39
CA CYS A 17 4.36 -3.37 2.73
C CYS A 17 4.28 -3.89 1.30
N SER A 18 5.42 -3.90 0.62
CA SER A 18 5.49 -4.38 -0.75
C SER A 18 5.16 -5.88 -0.80
N GLU A 19 5.51 -6.58 0.26
CA GLU A 19 5.25 -8.01 0.36
C GLU A 19 3.77 -8.27 0.64
N GLU A 20 3.18 -7.42 1.49
CA GLU A 20 1.77 -7.56 1.88
C GLU A 20 0.85 -7.68 0.66
N LYS A 21 -0.12 -8.57 0.78
CA LYS A 21 -1.10 -8.78 -0.28
C LYS A 21 -1.91 -7.52 -0.54
N ILE A 22 -2.05 -7.19 -1.82
CA ILE A 22 -2.88 -6.08 -2.30
C ILE A 22 -2.40 -4.70 -1.78
N CYS A 23 -1.23 -4.68 -1.17
CA CYS A 23 -0.58 -3.41 -0.82
C CYS A 23 0.60 -3.16 -1.76
N SER A 24 0.79 -1.91 -2.16
CA SER A 24 1.88 -1.56 -3.05
C SER A 24 2.59 -0.30 -2.55
N TRP A 25 3.91 -0.29 -2.69
CA TRP A 25 4.71 0.81 -2.21
C TRP A 25 4.67 1.99 -3.20
N HIS A 26 4.83 3.18 -2.64
CA HIS A 26 4.66 4.43 -3.36
C HIS A 26 5.78 5.39 -2.96
N LYS A 27 6.98 5.13 -3.47
CA LYS A 27 8.18 5.83 -3.02
C LYS A 27 8.05 7.34 -3.17
N GLU A 28 7.70 7.78 -4.36
CA GLU A 28 7.59 9.20 -4.65
C GLU A 28 6.31 9.78 -4.08
N VAL A 29 6.42 10.56 -3.02
CA VAL A 29 5.25 11.16 -2.38
C VAL A 29 5.51 12.62 -2.04
N LYS A 30 4.48 13.43 -2.16
CA LYS A 30 4.61 14.86 -1.92
C LYS A 30 3.63 15.28 -0.84
N ALA A 31 3.78 14.66 0.32
CA ALA A 31 2.97 14.95 1.51
C ALA A 31 1.51 14.53 1.37
N GLY A 32 0.90 14.83 0.23
CA GLY A 32 -0.49 14.49 0.02
C GLY A 32 -0.73 13.00 -0.06
N GLU A 33 0.18 12.29 -0.71
CA GLU A 33 0.04 10.85 -0.93
C GLU A 33 0.42 10.06 0.32
N LYS A 34 0.79 8.81 0.11
CA LYS A 34 1.22 7.95 1.20
C LYS A 34 2.14 6.87 0.62
N ASN A 35 3.24 6.60 1.31
CA ASN A 35 4.26 5.70 0.77
C ASN A 35 3.74 4.31 0.51
N CYS A 36 2.65 3.94 1.14
CA CYS A 36 2.06 2.66 0.83
C CYS A 36 0.55 2.81 0.71
N GLN A 37 0.00 2.22 -0.33
CA GLN A 37 -1.40 2.38 -0.64
C GLN A 37 -1.95 1.18 -1.39
N PHE A 38 -3.26 1.13 -1.50
CA PHE A 38 -3.97 0.04 -2.13
C PHE A 38 -3.61 -0.03 -3.61
N ASN A 39 -3.12 -1.17 -4.07
CA ASN A 39 -2.75 -1.31 -5.47
C ASN A 39 -3.95 -1.70 -6.33
N SER A 40 -5.14 -1.65 -5.72
CA SER A 40 -6.38 -1.96 -6.41
C SER A 40 -6.34 -3.39 -6.96
N THR A 41 -6.68 -3.56 -8.23
CA THR A 41 -6.75 -4.88 -8.84
C THR A 41 -5.37 -5.37 -9.32
N LYS A 42 -4.32 -4.94 -8.64
CA LYS A 42 -2.98 -5.38 -8.97
C LYS A 42 -2.60 -6.59 -8.14
N ALA A 43 -2.83 -6.49 -6.83
CA ALA A 43 -2.46 -7.51 -5.87
C ALA A 43 -0.94 -7.69 -5.81
N SER A 44 -0.49 -8.55 -4.93
CA SER A 44 0.94 -8.74 -4.73
C SER A 44 1.35 -10.17 -5.06
N LYS A 45 2.15 -10.29 -6.11
CA LYS A 45 2.66 -11.57 -6.57
C LYS A 45 3.70 -11.32 -7.66
N SER A 46 4.49 -10.29 -7.44
CA SER A 46 5.49 -9.88 -8.39
C SER A 46 6.87 -10.34 -7.94
N GLY A 1 -9.70 5.58 -0.18
CA GLY A 1 -10.14 4.27 -0.71
C GLY A 1 -11.39 3.76 -0.02
N LYS A 2 -11.36 2.51 0.38
CA LYS A 2 -12.50 1.90 1.06
C LYS A 2 -12.17 1.62 2.52
N SER A 3 -11.11 0.85 2.74
CA SER A 3 -10.67 0.49 4.08
C SER A 3 -9.34 -0.29 4.06
N PRO A 4 -9.14 -1.28 3.14
CA PRO A 4 -7.86 -1.99 3.06
C PRO A 4 -6.71 -1.03 2.79
N GLU A 5 -7.03 0.03 2.07
CA GLU A 5 -6.10 1.12 1.82
C GLU A 5 -5.63 1.72 3.13
N ALA A 6 -6.59 2.02 4.01
CA ALA A 6 -6.30 2.55 5.34
C ALA A 6 -5.40 1.62 6.13
N GLU A 7 -5.64 0.32 5.99
CA GLU A 7 -4.82 -0.68 6.66
C GLU A 7 -3.38 -0.63 6.16
N CYS A 8 -3.22 -0.66 4.84
CA CYS A 8 -1.90 -0.62 4.22
C CYS A 8 -1.18 0.69 4.54
N ASN A 9 -1.93 1.77 4.68
CA ASN A 9 -1.38 3.07 5.08
C ASN A 9 -0.60 2.96 6.39
N LYS A 10 -1.02 2.04 7.25
CA LYS A 10 -0.41 1.87 8.57
C LYS A 10 1.01 1.31 8.50
N ILE A 11 1.24 0.42 7.53
CA ILE A 11 2.52 -0.28 7.40
C ILE A 11 3.69 0.69 7.41
N THR A 12 3.66 1.67 6.50
CA THR A 12 4.68 2.73 6.40
C THR A 12 6.10 2.16 6.32
N GLU A 13 6.24 0.97 5.75
CA GLU A 13 7.53 0.33 5.59
C GLU A 13 7.58 -0.43 4.26
N GLU A 14 8.66 -0.24 3.53
CA GLU A 14 8.82 -0.83 2.21
C GLU A 14 8.81 -2.36 2.25
N PRO A 15 9.67 -3.03 3.06
CA PRO A 15 9.73 -4.49 3.12
C PRO A 15 8.38 -5.13 3.47
N LYS A 16 7.70 -4.56 4.45
CA LYS A 16 6.41 -5.07 4.87
C LYS A 16 5.33 -4.83 3.80
N CYS A 17 5.33 -3.62 3.25
CA CYS A 17 4.34 -3.25 2.24
C CYS A 17 4.58 -4.01 0.94
N SER A 18 5.84 -4.19 0.59
CA SER A 18 6.20 -4.90 -0.63
C SER A 18 5.77 -6.36 -0.53
N GLU A 19 5.86 -6.90 0.68
CA GLU A 19 5.41 -8.26 0.95
C GLU A 19 3.89 -8.35 0.79
N GLU A 20 3.19 -7.27 1.11
CA GLU A 20 1.75 -7.18 0.87
C GLU A 20 1.47 -7.29 -0.62
N LYS A 21 0.51 -8.12 -0.99
CA LYS A 21 0.25 -8.39 -2.39
C LYS A 21 -0.65 -7.34 -3.02
N ILE A 22 -1.75 -7.00 -2.33
CA ILE A 22 -2.74 -6.10 -2.89
C ILE A 22 -2.48 -4.65 -2.43
N CYS A 23 -1.25 -4.38 -2.05
CA CYS A 23 -0.80 -3.03 -1.76
C CYS A 23 0.64 -2.85 -2.22
N SER A 24 0.98 -1.66 -2.66
CA SER A 24 2.26 -1.42 -3.30
C SER A 24 2.93 -0.19 -2.72
N TRP A 25 4.26 -0.18 -2.75
CA TRP A 25 5.02 0.93 -2.18
C TRP A 25 5.09 2.10 -3.15
N HIS A 26 4.77 3.28 -2.62
CA HIS A 26 4.79 4.52 -3.37
C HIS A 26 5.92 5.39 -2.84
N LYS A 27 7.05 5.39 -3.54
CA LYS A 27 8.25 6.05 -3.02
C LYS A 27 8.12 7.57 -3.02
N GLU A 28 7.96 8.15 -4.20
CA GLU A 28 7.96 9.60 -4.35
C GLU A 28 6.60 10.21 -4.04
N VAL A 29 6.17 10.10 -2.80
CA VAL A 29 4.92 10.72 -2.37
C VAL A 29 5.06 12.23 -2.34
N LYS A 30 4.12 12.93 -2.96
CA LYS A 30 4.19 14.38 -3.08
C LYS A 30 3.62 15.04 -1.83
N ALA A 31 4.21 14.68 -0.68
CA ALA A 31 3.88 15.25 0.62
C ALA A 31 2.37 15.40 0.82
N GLY A 32 1.69 14.28 0.96
CA GLY A 32 0.25 14.30 1.14
C GLY A 32 -0.37 12.95 0.89
N GLU A 33 0.24 12.20 -0.02
CA GLU A 33 -0.22 10.87 -0.38
C GLU A 33 0.10 9.87 0.73
N LYS A 34 0.36 8.63 0.34
CA LYS A 34 0.77 7.60 1.28
C LYS A 34 1.73 6.65 0.60
N ASN A 35 2.79 6.28 1.31
CA ASN A 35 3.83 5.44 0.73
C ASN A 35 3.31 4.04 0.54
N CYS A 36 2.79 3.44 1.60
CA CYS A 36 2.12 2.16 1.46
C CYS A 36 0.65 2.42 1.17
N GLN A 37 0.20 2.02 -0.01
CA GLN A 37 -1.15 2.33 -0.43
C GLN A 37 -1.74 1.21 -1.27
N PHE A 38 -3.05 1.09 -1.19
CA PHE A 38 -3.78 0.03 -1.87
C PHE A 38 -3.62 0.16 -3.38
N ASN A 39 -3.24 -0.94 -4.04
CA ASN A 39 -3.08 -0.92 -5.49
C ASN A 39 -4.39 -1.23 -6.18
N SER A 40 -5.25 -1.97 -5.48
CA SER A 40 -6.58 -2.34 -5.98
C SER A 40 -6.48 -3.27 -7.18
N THR A 41 -6.95 -4.50 -6.99
CA THR A 41 -7.03 -5.52 -8.05
C THR A 41 -5.73 -5.65 -8.83
N LYS A 42 -4.60 -5.53 -8.14
CA LYS A 42 -3.31 -5.64 -8.79
C LYS A 42 -2.37 -6.52 -7.97
N ALA A 43 -2.94 -7.45 -7.22
CA ALA A 43 -2.15 -8.37 -6.42
C ALA A 43 -1.47 -9.40 -7.30
N SER A 44 -2.28 -10.17 -8.01
CA SER A 44 -1.79 -11.16 -8.96
C SER A 44 -2.98 -11.84 -9.63
N LYS A 45 -3.08 -11.69 -10.95
CA LYS A 45 -4.18 -12.28 -11.70
C LYS A 45 -4.00 -12.08 -13.21
N SER A 46 -3.52 -10.92 -13.59
CA SER A 46 -3.38 -10.58 -15.00
C SER A 46 -2.25 -9.58 -15.19
N GLY A 1 -15.26 -3.14 -0.59
CA GLY A 1 -13.97 -3.39 0.09
C GLY A 1 -14.03 -3.03 1.56
N LYS A 2 -13.45 -3.87 2.40
CA LYS A 2 -13.42 -3.63 3.84
C LYS A 2 -12.30 -2.66 4.20
N SER A 3 -12.30 -1.51 3.51
CA SER A 3 -11.25 -0.50 3.69
C SER A 3 -9.84 -1.10 3.48
N PRO A 4 -9.59 -1.70 2.31
CA PRO A 4 -8.27 -2.30 2.01
C PRO A 4 -7.17 -1.25 1.95
N GLU A 5 -7.53 -0.04 1.54
CA GLU A 5 -6.59 1.07 1.48
C GLU A 5 -6.08 1.39 2.88
N ALA A 6 -7.01 1.42 3.84
CA ALA A 6 -6.68 1.67 5.23
C ALA A 6 -5.72 0.60 5.76
N GLU A 7 -5.90 -0.64 5.29
CA GLU A 7 -5.01 -1.73 5.67
C GLU A 7 -3.57 -1.40 5.29
N CYS A 8 -3.36 -1.07 4.03
CA CYS A 8 -2.03 -0.71 3.53
C CYS A 8 -1.51 0.57 4.20
N ASN A 9 -2.42 1.52 4.45
CA ASN A 9 -2.05 2.80 5.06
C ASN A 9 -1.35 2.61 6.39
N LYS A 10 -1.71 1.55 7.12
CA LYS A 10 -1.10 1.25 8.41
C LYS A 10 0.39 1.02 8.26
N ILE A 11 0.77 0.35 7.17
CA ILE A 11 2.16 0.04 6.88
C ILE A 11 2.97 1.33 6.64
N THR A 12 4.09 1.44 7.33
CA THR A 12 4.97 2.58 7.13
C THR A 12 6.39 2.12 6.82
N GLU A 13 6.49 0.98 6.12
CA GLU A 13 7.78 0.41 5.73
C GLU A 13 7.70 -0.12 4.30
N GLU A 14 8.68 0.24 3.48
CA GLU A 14 8.73 -0.22 2.10
C GLU A 14 8.90 -1.74 2.01
N PRO A 15 9.86 -2.34 2.75
CA PRO A 15 10.09 -3.79 2.69
C PRO A 15 8.84 -4.59 3.04
N LYS A 16 8.09 -4.13 4.04
CA LYS A 16 6.87 -4.79 4.44
C LYS A 16 5.77 -4.55 3.41
N CYS A 17 5.61 -3.30 3.00
CA CYS A 17 4.57 -2.93 2.04
C CYS A 17 4.76 -3.64 0.71
N SER A 18 6.01 -3.78 0.30
CA SER A 18 6.34 -4.44 -0.95
C SER A 18 5.96 -5.92 -0.90
N GLU A 19 6.17 -6.54 0.27
CA GLU A 19 5.79 -7.94 0.46
C GLU A 19 4.27 -8.09 0.45
N GLU A 20 3.58 -7.05 0.92
CA GLU A 20 2.13 -7.01 0.84
C GLU A 20 1.69 -7.05 -0.63
N LYS A 21 0.73 -7.92 -0.92
CA LYS A 21 0.32 -8.14 -2.30
C LYS A 21 -0.50 -6.97 -2.83
N ILE A 22 -1.60 -6.68 -2.15
CA ILE A 22 -2.52 -5.64 -2.60
C ILE A 22 -2.13 -4.26 -2.05
N CYS A 23 -0.91 -4.17 -1.54
CA CYS A 23 -0.37 -2.89 -1.13
C CYS A 23 0.82 -2.54 -2.01
N SER A 24 0.99 -1.25 -2.26
CA SER A 24 2.05 -0.78 -3.14
C SER A 24 2.75 0.41 -2.51
N TRP A 25 4.07 0.44 -2.60
CA TRP A 25 4.85 1.50 -1.96
C TRP A 25 4.96 2.72 -2.87
N HIS A 26 4.60 3.85 -2.31
CA HIS A 26 4.64 5.13 -3.00
C HIS A 26 6.01 5.78 -2.85
N LYS A 27 7.02 5.20 -3.49
CA LYS A 27 8.40 5.68 -3.35
C LYS A 27 8.49 7.17 -3.63
N GLU A 28 7.88 7.61 -4.73
CA GLU A 28 7.85 9.01 -5.08
C GLU A 28 6.57 9.65 -4.55
N VAL A 29 6.42 9.65 -3.24
CA VAL A 29 5.24 10.22 -2.62
C VAL A 29 5.17 11.72 -2.82
N LYS A 30 3.98 12.18 -3.09
CA LYS A 30 3.74 13.59 -3.34
C LYS A 30 3.56 14.32 -2.02
N ALA A 31 4.64 14.89 -1.52
CA ALA A 31 4.65 15.65 -0.29
C ALA A 31 3.96 14.87 0.85
N GLY A 32 2.93 15.46 1.47
CA GLY A 32 2.29 14.84 2.61
C GLY A 32 1.21 13.82 2.24
N GLU A 33 1.50 12.97 1.25
CA GLU A 33 0.60 11.89 0.90
C GLU A 33 0.87 10.66 1.76
N LYS A 34 0.67 9.48 1.19
CA LYS A 34 0.95 8.24 1.89
C LYS A 34 1.73 7.30 1.00
N ASN A 35 2.70 6.62 1.59
CA ASN A 35 3.58 5.76 0.85
C ASN A 35 2.94 4.39 0.61
N CYS A 36 2.59 3.69 1.68
CA CYS A 36 1.91 2.42 1.50
C CYS A 36 0.42 2.65 1.33
N GLN A 37 -0.09 2.26 0.18
CA GLN A 37 -1.49 2.49 -0.14
C GLN A 37 -2.02 1.42 -1.09
N PHE A 38 -3.34 1.40 -1.23
CA PHE A 38 -4.04 0.36 -1.96
C PHE A 38 -3.55 0.25 -3.40
N ASN A 39 -3.08 -0.94 -3.74
CA ASN A 39 -2.58 -1.23 -5.09
C ASN A 39 -3.72 -1.18 -6.10
N SER A 40 -4.82 -1.81 -5.72
CA SER A 40 -6.00 -1.97 -6.58
C SER A 40 -5.72 -3.00 -7.67
N THR A 41 -6.43 -4.12 -7.63
CA THR A 41 -6.30 -5.20 -8.60
C THR A 41 -4.87 -5.77 -8.60
N LYS A 42 -4.63 -6.69 -7.69
CA LYS A 42 -3.33 -7.34 -7.56
C LYS A 42 -3.49 -8.65 -6.80
N ALA A 43 -4.21 -8.59 -5.68
CA ALA A 43 -4.54 -9.78 -4.91
C ALA A 43 -5.83 -10.41 -5.43
N SER A 44 -5.83 -10.74 -6.71
CA SER A 44 -7.02 -11.24 -7.37
C SER A 44 -7.29 -12.70 -6.97
N LYS A 45 -6.27 -13.53 -7.01
CA LYS A 45 -6.42 -14.95 -6.65
C LYS A 45 -5.15 -15.50 -5.99
N SER A 46 -4.01 -15.31 -6.62
CA SER A 46 -2.76 -15.86 -6.11
C SER A 46 -1.70 -14.77 -5.93
N GLY A 1 -17.30 -0.65 8.08
CA GLY A 1 -17.18 -0.09 6.71
C GLY A 1 -16.17 -0.84 5.87
N LYS A 2 -15.28 -0.10 5.23
CA LYS A 2 -14.23 -0.70 4.41
C LYS A 2 -13.19 0.36 4.06
N SER A 3 -11.93 0.03 4.28
CA SER A 3 -10.84 0.94 4.03
C SER A 3 -9.56 0.19 3.66
N PRO A 4 -9.55 -0.45 2.47
CA PRO A 4 -8.41 -1.25 2.02
C PRO A 4 -7.12 -0.43 1.95
N GLU A 5 -7.23 0.83 1.53
CA GLU A 5 -6.09 1.71 1.46
C GLU A 5 -5.59 2.06 2.85
N ALA A 6 -6.51 2.49 3.71
CA ALA A 6 -6.18 2.89 5.07
C ALA A 6 -5.48 1.77 5.82
N GLU A 7 -5.92 0.54 5.60
CA GLU A 7 -5.32 -0.62 6.26
C GLU A 7 -3.84 -0.74 5.91
N CYS A 8 -3.50 -0.57 4.63
CA CYS A 8 -2.11 -0.66 4.20
C CYS A 8 -1.33 0.62 4.47
N ASN A 9 -2.03 1.75 4.59
CA ASN A 9 -1.40 3.04 4.87
C ASN A 9 -0.50 2.99 6.10
N LYS A 10 -0.82 2.08 7.02
CA LYS A 10 -0.08 1.93 8.26
C LYS A 10 1.36 1.49 8.02
N ILE A 11 1.58 0.72 6.96
CA ILE A 11 2.89 0.11 6.70
C ILE A 11 3.96 1.17 6.46
N THR A 12 5.07 1.02 7.16
CA THR A 12 6.17 1.97 7.07
C THR A 12 7.31 1.43 6.22
N GLU A 13 7.52 0.12 6.27
CA GLU A 13 8.60 -0.51 5.53
C GLU A 13 8.20 -0.86 4.10
N GLU A 14 9.09 -0.56 3.16
CA GLU A 14 8.94 -0.95 1.78
C GLU A 14 8.90 -2.48 1.64
N PRO A 15 9.87 -3.22 2.25
CA PRO A 15 9.88 -4.69 2.20
C PRO A 15 8.56 -5.30 2.66
N LYS A 16 7.94 -4.71 3.67
CA LYS A 16 6.65 -5.19 4.15
C LYS A 16 5.53 -4.81 3.19
N CYS A 17 5.47 -3.55 2.81
CA CYS A 17 4.39 -3.06 1.94
C CYS A 17 4.44 -3.76 0.58
N SER A 18 5.64 -3.99 0.09
CA SER A 18 5.84 -4.60 -1.21
C SER A 18 5.28 -6.03 -1.23
N GLU A 19 5.38 -6.73 -0.09
CA GLU A 19 4.86 -8.09 0.00
C GLU A 19 3.39 -8.11 0.44
N GLU A 20 2.89 -6.96 0.90
CA GLU A 20 1.49 -6.84 1.28
C GLU A 20 0.59 -7.16 0.10
N LYS A 21 -0.35 -8.06 0.31
CA LYS A 21 -1.25 -8.47 -0.74
C LYS A 21 -2.08 -7.30 -1.21
N ILE A 22 -2.07 -7.10 -2.54
CA ILE A 22 -2.81 -6.03 -3.22
C ILE A 22 -2.54 -4.64 -2.61
N CYS A 23 -1.31 -4.40 -2.18
CA CYS A 23 -0.89 -3.08 -1.74
C CYS A 23 0.50 -2.76 -2.28
N SER A 24 0.70 -1.50 -2.63
CA SER A 24 1.89 -1.08 -3.36
C SER A 24 2.64 0.01 -2.60
N TRP A 25 3.95 0.03 -2.77
CA TRP A 25 4.78 1.08 -2.21
C TRP A 25 4.72 2.32 -3.10
N HIS A 26 5.28 3.42 -2.61
CA HIS A 26 5.21 4.72 -3.25
C HIS A 26 6.42 5.53 -2.80
N LYS A 27 7.56 5.28 -3.44
CA LYS A 27 8.85 5.79 -2.96
C LYS A 27 8.84 7.31 -2.80
N GLU A 28 8.52 8.03 -3.86
CA GLU A 28 8.39 9.48 -3.76
C GLU A 28 6.93 9.83 -3.53
N VAL A 29 6.66 10.69 -2.57
CA VAL A 29 5.29 11.04 -2.24
C VAL A 29 5.12 12.53 -1.99
N LYS A 30 4.14 13.12 -2.65
CA LYS A 30 3.74 14.48 -2.36
C LYS A 30 2.94 14.47 -1.06
N ALA A 31 3.23 15.44 -0.18
CA ALA A 31 2.57 15.49 1.12
C ALA A 31 1.06 15.51 0.95
N GLY A 32 0.43 14.43 1.36
CA GLY A 32 -1.00 14.27 1.15
C GLY A 32 -1.35 12.83 0.86
N GLU A 33 -0.54 12.17 0.05
CA GLU A 33 -0.73 10.76 -0.26
C GLU A 33 -0.15 9.87 0.83
N LYS A 34 0.42 8.73 0.44
CA LYS A 34 1.01 7.82 1.40
C LYS A 34 1.94 6.84 0.69
N ASN A 35 3.07 6.54 1.32
CA ASN A 35 4.06 5.64 0.72
C ASN A 35 3.47 4.25 0.52
N CYS A 36 2.85 3.71 1.56
CA CYS A 36 2.16 2.45 1.40
C CYS A 36 0.67 2.69 1.21
N GLN A 37 0.11 2.15 0.14
CA GLN A 37 -1.30 2.37 -0.17
C GLN A 37 -1.86 1.19 -0.94
N PHE A 38 -3.19 1.14 -1.04
CA PHE A 38 -3.88 0.06 -1.72
C PHE A 38 -3.50 0.04 -3.20
N ASN A 39 -3.12 -1.13 -3.69
CA ASN A 39 -2.72 -1.28 -5.09
C ASN A 39 -3.96 -1.36 -5.98
N SER A 40 -4.96 -2.12 -5.51
CA SER A 40 -6.22 -2.35 -6.23
C SER A 40 -6.08 -3.48 -7.24
N THR A 41 -4.90 -3.67 -7.79
CA THR A 41 -4.65 -4.80 -8.69
C THR A 41 -3.26 -5.37 -8.46
N LYS A 42 -3.21 -6.52 -7.80
CA LYS A 42 -1.95 -7.17 -7.46
C LYS A 42 -2.18 -8.53 -6.82
N ALA A 43 -3.30 -8.66 -6.10
CA ALA A 43 -3.61 -9.90 -5.36
C ALA A 43 -3.98 -11.06 -6.28
N SER A 44 -3.18 -11.26 -7.33
CA SER A 44 -3.38 -12.38 -8.24
C SER A 44 -2.91 -13.68 -7.58
N LYS A 45 -1.68 -13.68 -7.09
CA LYS A 45 -1.13 -14.84 -6.40
C LYS A 45 -1.72 -14.95 -5.00
N SER A 46 -2.49 -16.00 -4.77
CA SER A 46 -3.11 -16.21 -3.48
C SER A 46 -3.67 -17.63 -3.40
N GLY A 1 -9.21 -7.18 6.89
CA GLY A 1 -9.49 -6.41 8.13
C GLY A 1 -10.49 -5.30 7.88
N LYS A 2 -10.17 -4.09 8.31
CA LYS A 2 -11.02 -2.93 8.08
C LYS A 2 -10.84 -2.42 6.64
N SER A 3 -10.73 -1.11 6.48
CA SER A 3 -10.47 -0.53 5.15
C SER A 3 -9.12 -1.00 4.63
N PRO A 4 -9.08 -1.56 3.41
CA PRO A 4 -7.86 -2.14 2.83
C PRO A 4 -6.74 -1.12 2.61
N GLU A 5 -7.10 0.07 2.16
CA GLU A 5 -6.11 1.12 1.98
C GLU A 5 -5.58 1.56 3.34
N ALA A 6 -6.50 1.71 4.27
CA ALA A 6 -6.16 2.12 5.64
C ALA A 6 -5.26 1.10 6.32
N GLU A 7 -5.56 -0.18 6.13
CA GLU A 7 -4.79 -1.24 6.78
C GLU A 7 -3.35 -1.21 6.29
N CYS A 8 -3.18 -1.02 4.99
CA CYS A 8 -1.85 -0.90 4.40
C CYS A 8 -1.20 0.43 4.81
N ASN A 9 -2.00 1.49 4.88
CA ASN A 9 -1.52 2.81 5.32
C ASN A 9 -0.79 2.69 6.66
N LYS A 10 -1.28 1.82 7.53
CA LYS A 10 -0.71 1.64 8.86
C LYS A 10 0.63 0.91 8.83
N ILE A 11 0.95 0.23 7.74
CA ILE A 11 2.21 -0.53 7.63
C ILE A 11 3.40 0.41 7.82
N THR A 12 3.43 1.47 7.03
CA THR A 12 4.45 2.53 7.10
C THR A 12 5.87 1.98 7.02
N GLU A 13 6.03 0.90 6.29
CA GLU A 13 7.33 0.26 6.12
C GLU A 13 7.43 -0.42 4.76
N GLU A 14 8.51 -0.15 4.04
CA GLU A 14 8.74 -0.70 2.71
C GLU A 14 8.76 -2.24 2.71
N PRO A 15 9.56 -2.89 3.59
CA PRO A 15 9.69 -4.35 3.59
C PRO A 15 8.34 -5.07 3.62
N LYS A 16 7.51 -4.77 4.61
CA LYS A 16 6.19 -5.39 4.71
C LYS A 16 5.26 -4.93 3.59
N CYS A 17 5.25 -3.63 3.32
CA CYS A 17 4.32 -3.06 2.35
C CYS A 17 4.57 -3.60 0.95
N SER A 18 5.84 -3.69 0.58
CA SER A 18 6.22 -4.18 -0.73
C SER A 18 5.79 -5.63 -0.90
N GLU A 19 5.84 -6.39 0.20
CA GLU A 19 5.42 -7.79 0.20
C GLU A 19 3.90 -7.90 0.05
N GLU A 20 3.16 -6.92 0.55
CA GLU A 20 1.71 -6.91 0.44
C GLU A 20 1.32 -6.99 -1.03
N LYS A 21 0.36 -7.87 -1.34
CA LYS A 21 0.02 -8.16 -2.71
C LYS A 21 -0.94 -7.11 -3.28
N ILE A 22 -1.99 -6.84 -2.54
CA ILE A 22 -3.01 -5.90 -2.98
C ILE A 22 -2.67 -4.47 -2.51
N CYS A 23 -1.40 -4.30 -2.15
CA CYS A 23 -0.86 -2.98 -1.83
C CYS A 23 0.57 -2.90 -2.33
N SER A 24 1.12 -1.69 -2.41
CA SER A 24 2.42 -1.49 -2.99
C SER A 24 3.08 -0.27 -2.39
N TRP A 25 4.40 -0.28 -2.29
CA TRP A 25 5.13 0.83 -1.70
C TRP A 25 5.23 1.98 -2.70
N HIS A 26 4.73 3.12 -2.29
CA HIS A 26 4.72 4.33 -3.09
C HIS A 26 6.04 5.07 -2.91
N LYS A 27 7.07 4.64 -3.61
CA LYS A 27 8.42 5.14 -3.40
C LYS A 27 8.52 6.64 -3.67
N GLU A 28 8.06 7.05 -4.84
CA GLU A 28 8.01 8.46 -5.19
C GLU A 28 6.75 9.08 -4.62
N VAL A 29 6.88 10.06 -3.75
CA VAL A 29 5.71 10.65 -3.13
C VAL A 29 5.75 12.18 -3.12
N LYS A 30 4.64 12.77 -3.50
CA LYS A 30 4.42 14.18 -3.36
C LYS A 30 3.57 14.39 -2.11
N ALA A 31 3.83 15.46 -1.36
CA ALA A 31 3.12 15.70 -0.10
C ALA A 31 1.62 15.69 -0.32
N GLY A 32 0.94 14.75 0.35
CA GLY A 32 -0.48 14.58 0.16
C GLY A 32 -0.87 13.13 0.08
N GLU A 33 -0.03 12.33 -0.57
CA GLU A 33 -0.29 10.91 -0.75
C GLU A 33 0.08 10.09 0.49
N LYS A 34 0.55 8.87 0.25
CA LYS A 34 0.94 7.96 1.31
C LYS A 34 1.85 6.90 0.71
N ASN A 35 2.94 6.57 1.39
CA ASN A 35 3.90 5.62 0.85
C ASN A 35 3.32 4.21 0.82
N CYS A 36 2.86 3.71 1.94
CA CYS A 36 2.20 2.42 1.94
C CYS A 36 0.73 2.62 1.64
N GLN A 37 0.28 2.09 0.50
CA GLN A 37 -1.06 2.37 0.05
C GLN A 37 -1.60 1.25 -0.85
N PHE A 38 -2.92 1.22 -0.93
CA PHE A 38 -3.64 0.23 -1.74
C PHE A 38 -3.31 0.43 -3.21
N ASN A 39 -3.01 -0.67 -3.92
CA ASN A 39 -2.72 -0.56 -5.35
C ASN A 39 -4.01 -0.66 -6.16
N SER A 40 -4.96 -1.43 -5.64
CA SER A 40 -6.25 -1.67 -6.30
C SER A 40 -6.06 -2.48 -7.58
N THR A 41 -6.65 -3.67 -7.58
CA THR A 41 -6.65 -4.58 -8.74
C THR A 41 -5.25 -4.77 -9.34
N LYS A 42 -4.25 -4.94 -8.49
CA LYS A 42 -2.90 -5.17 -8.95
C LYS A 42 -2.22 -6.25 -8.11
N ALA A 43 -3.01 -7.16 -7.58
CA ALA A 43 -2.50 -8.30 -6.84
C ALA A 43 -2.46 -9.54 -7.75
N SER A 44 -2.03 -9.33 -8.98
CA SER A 44 -1.98 -10.39 -9.97
C SER A 44 -0.86 -11.38 -9.66
N LYS A 45 0.32 -10.84 -9.37
CA LYS A 45 1.51 -11.66 -9.07
C LYS A 45 1.82 -12.61 -10.23
N SER A 46 1.69 -13.90 -9.98
CA SER A 46 1.96 -14.91 -10.99
C SER A 46 1.31 -16.22 -10.59
N GLY A 1 -14.71 -0.09 8.80
CA GLY A 1 -14.73 -1.41 8.15
C GLY A 1 -13.36 -2.04 8.11
N LYS A 2 -12.94 -2.48 6.94
CA LYS A 2 -11.61 -3.05 6.77
C LYS A 2 -11.07 -2.69 5.39
N SER A 3 -11.03 -1.40 5.10
CA SER A 3 -10.55 -0.92 3.82
C SER A 3 -9.07 -1.25 3.65
N PRO A 4 -8.73 -1.96 2.57
CA PRO A 4 -7.36 -2.39 2.30
C PRO A 4 -6.40 -1.21 2.17
N GLU A 5 -6.89 -0.09 1.63
CA GLU A 5 -6.06 1.11 1.51
C GLU A 5 -5.59 1.55 2.88
N ALA A 6 -6.53 1.58 3.83
CA ALA A 6 -6.21 1.92 5.21
C ALA A 6 -5.19 0.95 5.79
N GLU A 7 -5.33 -0.32 5.43
CA GLU A 7 -4.41 -1.36 5.91
C GLU A 7 -3.00 -1.10 5.36
N CYS A 8 -2.91 -0.78 4.07
CA CYS A 8 -1.64 -0.44 3.46
C CYS A 8 -1.06 0.82 4.09
N ASN A 9 -1.91 1.84 4.26
CA ASN A 9 -1.49 3.12 4.82
C ASN A 9 -0.80 2.94 6.18
N LYS A 10 -1.34 2.03 6.99
CA LYS A 10 -0.82 1.76 8.32
C LYS A 10 0.54 1.08 8.30
N ILE A 11 0.81 0.31 7.23
CA ILE A 11 2.04 -0.46 7.13
C ILE A 11 3.28 0.41 7.33
N THR A 12 3.41 1.44 6.51
CA THR A 12 4.49 2.44 6.59
C THR A 12 5.88 1.80 6.58
N GLU A 13 6.02 0.73 5.79
CA GLU A 13 7.30 0.06 5.59
C GLU A 13 7.38 -0.52 4.19
N GLU A 14 8.50 -0.29 3.51
CA GLU A 14 8.70 -0.76 2.16
C GLU A 14 8.60 -2.29 2.07
N PRO A 15 9.38 -3.05 2.88
CA PRO A 15 9.33 -4.53 2.82
C PRO A 15 7.94 -5.07 3.12
N LYS A 16 7.33 -4.61 4.21
CA LYS A 16 6.00 -5.05 4.59
C LYS A 16 4.98 -4.74 3.49
N CYS A 17 5.06 -3.51 2.96
CA CYS A 17 4.15 -3.06 1.93
C CYS A 17 4.34 -3.87 0.65
N SER A 18 5.60 -4.15 0.35
CA SER A 18 5.98 -4.92 -0.83
C SER A 18 5.46 -6.35 -0.72
N GLU A 19 5.54 -6.92 0.48
CA GLU A 19 5.09 -8.28 0.72
C GLU A 19 3.57 -8.38 0.77
N GLU A 20 2.91 -7.28 1.15
CA GLU A 20 1.45 -7.24 1.15
C GLU A 20 0.91 -7.51 -0.25
N LYS A 21 -0.01 -8.46 -0.35
CA LYS A 21 -0.50 -8.93 -1.64
C LYS A 21 -1.11 -7.80 -2.47
N ILE A 22 -1.82 -6.88 -1.83
CA ILE A 22 -2.48 -5.81 -2.56
C ILE A 22 -2.14 -4.44 -1.97
N CYS A 23 -0.89 -4.29 -1.59
CA CYS A 23 -0.35 -2.98 -1.24
C CYS A 23 0.84 -2.67 -2.16
N SER A 24 1.12 -1.40 -2.37
CA SER A 24 2.18 -1.01 -3.28
C SER A 24 2.93 0.19 -2.70
N TRP A 25 4.25 0.16 -2.83
CA TRP A 25 5.08 1.22 -2.28
C TRP A 25 5.18 2.37 -3.26
N HIS A 26 5.06 3.56 -2.72
CA HIS A 26 4.99 4.80 -3.48
C HIS A 26 6.25 5.63 -3.21
N LYS A 27 7.32 5.35 -3.97
CA LYS A 27 8.61 6.00 -3.75
C LYS A 27 8.63 7.46 -4.23
N GLU A 28 7.60 8.22 -3.86
CA GLU A 28 7.52 9.63 -4.19
C GLU A 28 6.30 10.22 -3.49
N VAL A 29 6.50 11.30 -2.76
CA VAL A 29 5.40 11.94 -2.04
C VAL A 29 5.59 13.45 -1.97
N LYS A 30 4.56 14.19 -2.35
CA LYS A 30 4.59 15.64 -2.31
C LYS A 30 3.84 16.14 -1.09
N ALA A 31 4.27 15.66 0.06
CA ALA A 31 3.70 16.05 1.35
C ALA A 31 2.18 15.98 1.34
N GLY A 32 1.65 14.80 1.05
CA GLY A 32 0.22 14.60 1.01
C GLY A 32 -0.15 13.18 0.68
N GLU A 33 0.56 12.59 -0.28
CA GLU A 33 0.31 11.22 -0.69
C GLU A 33 0.77 10.23 0.38
N LYS A 34 0.55 8.95 0.13
CA LYS A 34 0.99 7.92 1.04
C LYS A 34 1.99 7.00 0.37
N ASN A 35 3.07 6.70 1.06
CA ASN A 35 4.10 5.83 0.51
C ASN A 35 3.57 4.40 0.41
N CYS A 36 3.00 3.89 1.47
CA CYS A 36 2.32 2.60 1.37
C CYS A 36 0.85 2.83 1.14
N GLN A 37 0.36 2.39 0.00
CA GLN A 37 -1.00 2.66 -0.38
C GLN A 37 -1.58 1.50 -1.17
N PHE A 38 -2.90 1.53 -1.35
CA PHE A 38 -3.62 0.45 -1.98
C PHE A 38 -3.07 0.17 -3.38
N ASN A 39 -2.71 -1.09 -3.62
CA ASN A 39 -2.17 -1.49 -4.91
C ASN A 39 -3.27 -1.45 -5.96
N SER A 40 -4.45 -1.93 -5.56
CA SER A 40 -5.64 -1.94 -6.42
C SER A 40 -5.49 -2.94 -7.57
N THR A 41 -6.36 -3.95 -7.58
CA THR A 41 -6.38 -4.97 -8.63
C THR A 41 -5.03 -5.69 -8.71
N LYS A 42 -4.78 -6.57 -7.75
CA LYS A 42 -3.51 -7.29 -7.71
C LYS A 42 -3.65 -8.64 -6.98
N ALA A 43 -4.14 -8.60 -5.76
CA ALA A 43 -4.26 -9.81 -4.96
C ALA A 43 -5.43 -10.67 -5.43
N SER A 44 -6.64 -10.29 -5.04
CA SER A 44 -7.82 -11.04 -5.39
C SER A 44 -9.07 -10.19 -5.21
N LYS A 45 -8.92 -8.90 -5.47
CA LYS A 45 -10.04 -7.96 -5.41
C LYS A 45 -9.95 -6.99 -6.58
N SER A 46 -11.06 -6.75 -7.23
CA SER A 46 -11.11 -5.85 -8.37
C SER A 46 -12.55 -5.47 -8.68
N GLY A 1 -8.06 -5.91 7.99
CA GLY A 1 -9.42 -5.47 8.41
C GLY A 1 -10.41 -5.57 7.27
N LYS A 2 -11.32 -4.62 7.21
CA LYS A 2 -12.30 -4.61 6.14
C LYS A 2 -11.78 -3.88 4.92
N SER A 3 -11.36 -2.63 5.11
CA SER A 3 -10.83 -1.83 4.02
C SER A 3 -9.34 -2.10 3.82
N PRO A 4 -8.96 -2.58 2.62
CA PRO A 4 -7.57 -2.85 2.28
C PRO A 4 -6.76 -1.56 2.16
N GLU A 5 -7.44 -0.47 1.78
CA GLU A 5 -6.82 0.85 1.73
C GLU A 5 -6.38 1.27 3.13
N ALA A 6 -7.26 1.10 4.10
CA ALA A 6 -6.95 1.37 5.49
C ALA A 6 -5.85 0.45 5.98
N GLU A 7 -5.85 -0.79 5.47
CA GLU A 7 -4.83 -1.76 5.82
C GLU A 7 -3.46 -1.28 5.37
N CYS A 8 -3.29 -1.09 4.06
CA CYS A 8 -2.01 -0.66 3.51
C CYS A 8 -1.53 0.66 4.11
N ASN A 9 -2.46 1.57 4.37
CA ASN A 9 -2.12 2.91 4.83
C ASN A 9 -1.23 2.94 6.07
N LYS A 10 -1.37 1.96 6.95
CA LYS A 10 -0.62 1.95 8.20
C LYS A 10 0.84 1.52 7.98
N ILE A 11 1.08 0.74 6.94
CA ILE A 11 2.41 0.27 6.63
C ILE A 11 3.34 1.46 6.31
N THR A 12 4.53 1.43 6.88
CA THR A 12 5.49 2.51 6.70
C THR A 12 6.76 2.00 6.02
N GLU A 13 7.03 0.71 6.14
CA GLU A 13 8.21 0.10 5.51
C GLU A 13 7.89 -0.39 4.10
N GLU A 14 8.84 -0.20 3.19
CA GLU A 14 8.69 -0.67 1.82
C GLU A 14 8.56 -2.19 1.74
N PRO A 15 9.47 -2.97 2.38
CA PRO A 15 9.42 -4.45 2.33
C PRO A 15 8.08 -4.99 2.81
N LYS A 16 7.57 -4.41 3.89
CA LYS A 16 6.28 -4.82 4.44
C LYS A 16 5.14 -4.48 3.49
N CYS A 17 5.17 -3.28 2.94
CA CYS A 17 4.13 -2.84 2.00
C CYS A 17 4.14 -3.71 0.76
N SER A 18 5.35 -3.96 0.25
CA SER A 18 5.52 -4.79 -0.92
C SER A 18 5.12 -6.23 -0.62
N GLU A 19 5.36 -6.66 0.62
CA GLU A 19 5.00 -8.01 1.04
C GLU A 19 3.50 -8.18 1.13
N GLU A 20 2.82 -7.15 1.66
CA GLU A 20 1.37 -7.19 1.84
C GLU A 20 0.65 -7.55 0.54
N LYS A 21 -0.37 -8.39 0.69
CA LYS A 21 -1.11 -8.97 -0.42
C LYS A 21 -1.38 -8.00 -1.57
N ILE A 22 -2.01 -6.88 -1.25
CA ILE A 22 -2.48 -5.96 -2.29
C ILE A 22 -2.10 -4.50 -1.98
N CYS A 23 -0.90 -4.34 -1.45
CA CYS A 23 -0.38 -3.01 -1.19
C CYS A 23 0.78 -2.69 -2.14
N SER A 24 0.79 -1.49 -2.68
CA SER A 24 1.86 -1.07 -3.59
C SER A 24 2.59 0.12 -3.01
N TRP A 25 3.91 0.13 -3.16
CA TRP A 25 4.73 1.17 -2.58
C TRP A 25 4.72 2.43 -3.44
N HIS A 26 4.61 3.55 -2.77
CA HIS A 26 4.62 4.88 -3.38
C HIS A 26 5.96 5.53 -3.06
N LYS A 27 6.97 5.24 -3.88
CA LYS A 27 8.35 5.63 -3.58
C LYS A 27 8.49 7.12 -3.31
N GLU A 28 7.99 7.94 -4.21
CA GLU A 28 8.05 9.38 -4.01
C GLU A 28 6.67 9.93 -3.72
N VAL A 29 6.51 10.51 -2.53
CA VAL A 29 5.23 11.10 -2.16
C VAL A 29 5.28 12.61 -2.33
N LYS A 30 4.26 13.15 -2.97
CA LYS A 30 4.20 14.58 -3.23
C LYS A 30 3.63 15.32 -2.04
N ALA A 31 4.38 16.32 -1.56
CA ALA A 31 3.96 17.21 -0.48
C ALA A 31 3.68 16.49 0.84
N GLY A 32 2.67 15.63 0.85
CA GLY A 32 2.32 14.90 2.06
C GLY A 32 1.36 13.77 1.79
N GLU A 33 1.65 13.01 0.74
CA GLU A 33 0.83 11.87 0.35
C GLU A 33 1.03 10.68 1.31
N LYS A 34 1.07 9.49 0.76
CA LYS A 34 1.25 8.28 1.55
C LYS A 34 2.05 7.27 0.75
N ASN A 35 3.00 6.61 1.41
CA ASN A 35 3.89 5.69 0.72
C ASN A 35 3.25 4.33 0.51
N CYS A 36 2.39 3.89 1.42
CA CYS A 36 1.76 2.60 1.25
C CYS A 36 0.25 2.76 1.13
N GLN A 37 -0.32 2.14 0.10
CA GLN A 37 -1.74 2.26 -0.17
C GLN A 37 -2.24 1.08 -0.99
N PHE A 38 -3.56 0.91 -0.98
CA PHE A 38 -4.22 -0.15 -1.72
C PHE A 38 -3.99 0.05 -3.22
N ASN A 39 -3.38 -0.93 -3.88
CA ASN A 39 -3.08 -0.81 -5.30
C ASN A 39 -4.30 -1.16 -6.16
N SER A 40 -5.29 -1.79 -5.52
CA SER A 40 -6.55 -2.17 -6.17
C SER A 40 -6.35 -3.37 -7.10
N THR A 41 -5.37 -3.30 -7.97
CA THR A 41 -5.10 -4.39 -8.89
C THR A 41 -3.64 -4.80 -8.85
N LYS A 42 -3.38 -5.98 -8.31
CA LYS A 42 -2.05 -6.58 -8.27
C LYS A 42 -2.10 -7.90 -7.51
N ALA A 43 -2.86 -7.91 -6.41
CA ALA A 43 -2.97 -9.11 -5.58
C ALA A 43 -3.71 -10.22 -6.31
N SER A 44 -3.17 -11.43 -6.23
CA SER A 44 -3.80 -12.59 -6.84
C SER A 44 -4.95 -13.07 -5.96
N LYS A 45 -6.11 -13.30 -6.58
CA LYS A 45 -7.29 -13.76 -5.87
C LYS A 45 -7.72 -12.76 -4.79
N SER A 46 -7.76 -11.49 -5.16
CA SER A 46 -8.14 -10.43 -4.25
C SER A 46 -8.75 -9.26 -5.03
N GLY A 1 -15.35 -2.39 8.96
CA GLY A 1 -14.54 -2.95 7.86
C GLY A 1 -13.12 -2.40 7.89
N LYS A 2 -12.14 -3.28 7.84
CA LYS A 2 -10.74 -2.88 7.93
C LYS A 2 -10.35 -2.04 6.73
N SER A 3 -10.81 -2.47 5.56
CA SER A 3 -10.51 -1.83 4.28
C SER A 3 -9.05 -2.03 3.90
N PRO A 4 -8.81 -2.66 2.73
CA PRO A 4 -7.45 -2.93 2.25
C PRO A 4 -6.66 -1.64 2.05
N GLU A 5 -7.32 -0.62 1.51
CA GLU A 5 -6.70 0.68 1.29
C GLU A 5 -6.21 1.26 2.60
N ALA A 6 -7.09 1.28 3.59
CA ALA A 6 -6.75 1.80 4.91
C ALA A 6 -5.66 0.96 5.56
N GLU A 7 -5.74 -0.36 5.37
CA GLU A 7 -4.75 -1.28 5.91
C GLU A 7 -3.38 -1.06 5.27
N CYS A 8 -3.36 -0.82 3.96
CA CYS A 8 -2.12 -0.53 3.27
C CYS A 8 -1.52 0.77 3.79
N ASN A 9 -2.37 1.78 3.96
CA ASN A 9 -1.94 3.08 4.48
C ASN A 9 -1.26 2.94 5.84
N LYS A 10 -1.66 1.94 6.61
CA LYS A 10 -1.08 1.70 7.93
C LYS A 10 0.41 1.37 7.83
N ILE A 11 0.78 0.66 6.78
CA ILE A 11 2.17 0.24 6.56
C ILE A 11 3.04 1.44 6.14
N THR A 12 4.22 1.54 6.73
CA THR A 12 5.12 2.66 6.42
C THR A 12 6.52 2.17 6.05
N GLU A 13 6.60 1.02 5.37
CA GLU A 13 7.88 0.48 4.92
C GLU A 13 7.72 -0.25 3.60
N GLU A 14 8.61 0.04 2.65
CA GLU A 14 8.57 -0.54 1.31
C GLU A 14 8.59 -2.08 1.35
N PRO A 15 9.58 -2.73 2.02
CA PRO A 15 9.68 -4.20 2.07
C PRO A 15 8.42 -4.85 2.64
N LYS A 16 7.82 -4.20 3.63
CA LYS A 16 6.61 -4.72 4.26
C LYS A 16 5.39 -4.46 3.38
N CYS A 17 5.30 -3.26 2.84
CA CYS A 17 4.18 -2.88 1.99
C CYS A 17 4.12 -3.75 0.74
N SER A 18 5.27 -4.01 0.14
CA SER A 18 5.36 -4.84 -1.05
C SER A 18 4.95 -6.28 -0.71
N GLU A 19 5.23 -6.68 0.52
CA GLU A 19 4.86 -7.99 1.03
C GLU A 19 3.34 -8.08 1.23
N GLU A 20 2.76 -7.00 1.75
CA GLU A 20 1.34 -6.96 2.07
C GLU A 20 0.48 -7.24 0.84
N LYS A 21 -0.61 -7.97 1.07
CA LYS A 21 -1.57 -8.29 0.04
C LYS A 21 -2.20 -7.03 -0.52
N ILE A 22 -2.09 -6.88 -1.85
CA ILE A 22 -2.68 -5.77 -2.60
C ILE A 22 -2.31 -4.39 -2.03
N CYS A 23 -1.11 -4.30 -1.47
CA CYS A 23 -0.55 -3.02 -1.06
C CYS A 23 0.62 -2.67 -1.97
N SER A 24 0.72 -1.40 -2.34
CA SER A 24 1.76 -0.96 -3.25
C SER A 24 2.48 0.26 -2.70
N TRP A 25 3.78 0.34 -2.95
CA TRP A 25 4.59 1.41 -2.41
C TRP A 25 4.56 2.64 -3.32
N HIS A 26 4.72 3.79 -2.70
CA HIS A 26 4.63 5.08 -3.35
C HIS A 26 5.84 5.92 -2.95
N LYS A 27 7.01 5.51 -3.44
CA LYS A 27 8.29 6.11 -3.03
C LYS A 27 8.25 7.63 -3.16
N GLU A 28 7.86 8.12 -4.33
CA GLU A 28 7.88 9.54 -4.62
C GLU A 28 6.63 10.25 -4.12
N VAL A 29 6.44 10.25 -2.80
CA VAL A 29 5.33 10.95 -2.19
C VAL A 29 5.54 12.46 -2.23
N LYS A 30 4.50 13.18 -2.63
CA LYS A 30 4.54 14.63 -2.66
C LYS A 30 3.99 15.19 -1.36
N ALA A 31 4.74 16.13 -0.76
CA ALA A 31 4.34 16.83 0.45
C ALA A 31 4.16 15.89 1.67
N GLY A 32 3.19 15.00 1.60
CA GLY A 32 2.94 14.09 2.69
C GLY A 32 1.81 13.13 2.37
N GLU A 33 1.88 12.52 1.20
CA GLU A 33 0.87 11.57 0.75
C GLU A 33 0.98 10.25 1.51
N LYS A 34 0.53 9.17 0.89
CA LYS A 34 0.69 7.86 1.50
C LYS A 34 1.72 7.05 0.75
N ASN A 35 2.70 6.56 1.48
CA ASN A 35 3.76 5.76 0.87
C ASN A 35 3.24 4.37 0.56
N CYS A 36 2.48 3.79 1.47
CA CYS A 36 1.83 2.53 1.18
C CYS A 36 0.34 2.76 0.97
N GLN A 37 -0.17 2.32 -0.16
CA GLN A 37 -1.56 2.55 -0.52
C GLN A 37 -2.12 1.42 -1.36
N PHE A 38 -3.45 1.39 -1.46
CA PHE A 38 -4.15 0.29 -2.12
C PHE A 38 -3.65 0.09 -3.54
N ASN A 39 -3.19 -1.12 -3.82
CA ASN A 39 -2.62 -1.45 -5.12
C ASN A 39 -3.72 -1.57 -6.17
N SER A 40 -4.77 -2.31 -5.82
CA SER A 40 -5.90 -2.58 -6.71
C SER A 40 -5.53 -3.60 -7.79
N THR A 41 -6.19 -4.75 -7.76
CA THR A 41 -6.07 -5.78 -8.79
C THR A 41 -4.61 -6.19 -9.03
N LYS A 42 -3.87 -6.37 -7.93
CA LYS A 42 -2.46 -6.76 -8.00
C LYS A 42 -2.06 -7.52 -6.75
N ALA A 43 -3.01 -8.24 -6.18
CA ALA A 43 -2.75 -9.03 -4.99
C ALA A 43 -2.34 -10.45 -5.37
N SER A 44 -2.70 -11.41 -4.53
CA SER A 44 -2.46 -12.81 -4.82
C SER A 44 -3.79 -13.56 -4.85
N LYS A 45 -4.71 -13.03 -5.65
CA LYS A 45 -6.05 -13.57 -5.75
C LYS A 45 -6.75 -13.00 -6.97
N SER A 46 -7.19 -13.89 -7.84
CA SER A 46 -7.89 -13.49 -9.05
C SER A 46 -9.00 -14.48 -9.35
N GLY A 1 -11.98 -3.91 6.69
CA GLY A 1 -11.89 -2.86 7.74
C GLY A 1 -12.49 -1.55 7.26
N LYS A 2 -11.85 -0.45 7.64
CA LYS A 2 -12.31 0.87 7.22
C LYS A 2 -12.04 1.09 5.73
N SER A 3 -10.84 0.74 5.30
CA SER A 3 -10.45 0.91 3.91
C SER A 3 -9.19 0.12 3.61
N PRO A 4 -9.16 -0.60 2.47
CA PRO A 4 -7.98 -1.37 2.05
C PRO A 4 -6.79 -0.45 1.78
N GLU A 5 -7.08 0.73 1.26
CA GLU A 5 -6.04 1.72 1.04
C GLU A 5 -5.51 2.20 2.38
N ALA A 6 -6.44 2.52 3.28
CA ALA A 6 -6.09 2.99 4.62
C ALA A 6 -5.28 1.96 5.40
N GLU A 7 -5.63 0.68 5.25
CA GLU A 7 -4.95 -0.37 5.98
C GLU A 7 -3.50 -0.51 5.54
N CYS A 8 -3.27 -0.48 4.22
CA CYS A 8 -1.92 -0.47 3.67
C CYS A 8 -1.19 0.79 4.10
N ASN A 9 -1.93 1.90 4.19
CA ASN A 9 -1.35 3.20 4.60
C ASN A 9 -0.65 3.11 5.95
N LYS A 10 -1.11 2.20 6.80
CA LYS A 10 -0.52 2.01 8.12
C LYS A 10 0.91 1.48 8.01
N ILE A 11 1.15 0.67 6.98
CA ILE A 11 2.48 0.14 6.71
C ILE A 11 3.41 1.28 6.26
N THR A 12 4.58 1.35 6.87
CA THR A 12 5.51 2.43 6.58
C THR A 12 6.88 1.90 6.15
N GLU A 13 6.89 0.71 5.56
CA GLU A 13 8.12 0.10 5.07
C GLU A 13 7.88 -0.60 3.74
N GLU A 14 8.81 -0.42 2.81
CA GLU A 14 8.70 -1.00 1.48
C GLU A 14 8.63 -2.54 1.54
N PRO A 15 9.61 -3.22 2.19
CA PRO A 15 9.61 -4.68 2.30
C PRO A 15 8.32 -5.20 2.91
N LYS A 16 7.86 -4.54 3.97
CA LYS A 16 6.63 -4.93 4.64
C LYS A 16 5.42 -4.71 3.74
N CYS A 17 5.40 -3.59 3.03
CA CYS A 17 4.30 -3.27 2.13
C CYS A 17 4.26 -4.24 0.95
N SER A 18 5.43 -4.50 0.39
CA SER A 18 5.57 -5.40 -0.73
C SER A 18 5.22 -6.84 -0.33
N GLU A 19 5.53 -7.20 0.91
CA GLU A 19 5.19 -8.53 1.43
C GLU A 19 3.68 -8.71 1.49
N GLU A 20 2.98 -7.63 1.82
CA GLU A 20 1.52 -7.63 1.77
C GLU A 20 1.06 -7.90 0.35
N LYS A 21 0.28 -8.96 0.18
CA LYS A 21 -0.06 -9.45 -1.16
C LYS A 21 -1.16 -8.61 -1.82
N ILE A 22 -1.23 -7.34 -1.49
CA ILE A 22 -2.23 -6.45 -2.07
C ILE A 22 -1.97 -4.97 -1.72
N CYS A 23 -0.79 -4.71 -1.17
CA CYS A 23 -0.37 -3.32 -0.91
C CYS A 23 0.81 -2.98 -1.81
N SER A 24 0.81 -1.77 -2.36
CA SER A 24 1.88 -1.33 -3.24
C SER A 24 2.64 -0.16 -2.63
N TRP A 25 3.90 -0.04 -2.99
CA TRP A 25 4.73 1.03 -2.47
C TRP A 25 4.60 2.29 -3.35
N HIS A 26 5.02 3.41 -2.80
CA HIS A 26 4.87 4.72 -3.43
C HIS A 26 6.04 5.59 -2.97
N LYS A 27 7.24 5.20 -3.38
CA LYS A 27 8.49 5.77 -2.87
C LYS A 27 8.43 7.28 -2.73
N GLU A 28 8.18 7.97 -3.84
CA GLU A 28 8.06 9.40 -3.83
C GLU A 28 6.63 9.82 -3.52
N VAL A 29 6.43 10.59 -2.47
CA VAL A 29 5.09 11.03 -2.11
C VAL A 29 5.02 12.53 -1.90
N LYS A 30 4.01 13.15 -2.49
CA LYS A 30 3.71 14.54 -2.25
C LYS A 30 3.06 14.66 -0.88
N ALA A 31 3.32 15.76 -0.17
CA ALA A 31 2.78 15.93 1.18
C ALA A 31 1.26 15.75 1.19
N GLY A 32 0.82 14.61 1.70
CA GLY A 32 -0.58 14.26 1.66
C GLY A 32 -0.77 12.82 1.22
N GLU A 33 0.08 12.37 0.31
CA GLU A 33 0.03 11.00 -0.20
C GLU A 33 0.59 10.03 0.83
N LYS A 34 0.55 8.73 0.52
CA LYS A 34 1.08 7.72 1.41
C LYS A 34 1.93 6.73 0.63
N ASN A 35 3.03 6.31 1.23
CA ASN A 35 3.97 5.40 0.57
C ASN A 35 3.34 4.03 0.35
N CYS A 36 2.91 3.38 1.42
CA CYS A 36 2.21 2.12 1.26
C CYS A 36 0.74 2.38 1.04
N GLN A 37 0.21 1.90 -0.08
CA GLN A 37 -1.18 2.13 -0.42
C GLN A 37 -1.74 1.02 -1.31
N PHE A 38 -3.05 0.84 -1.23
CA PHE A 38 -3.74 -0.25 -1.91
C PHE A 38 -3.57 -0.16 -3.42
N ASN A 39 -3.15 -1.26 -4.03
CA ASN A 39 -3.00 -1.32 -5.48
C ASN A 39 -4.26 -1.90 -6.13
N SER A 40 -5.26 -2.16 -5.28
CA SER A 40 -6.53 -2.73 -5.74
C SER A 40 -6.31 -4.14 -6.29
N THR A 41 -6.78 -4.41 -7.49
CA THR A 41 -6.67 -5.75 -8.08
C THR A 41 -5.35 -5.91 -8.83
N LYS A 42 -4.35 -5.15 -8.44
CA LYS A 42 -3.02 -5.25 -9.04
C LYS A 42 -2.30 -6.46 -8.47
N ALA A 43 -2.22 -6.53 -7.15
CA ALA A 43 -1.60 -7.67 -6.49
C ALA A 43 -2.67 -8.70 -6.15
N SER A 44 -2.40 -9.95 -6.55
CA SER A 44 -3.35 -11.04 -6.37
C SER A 44 -4.65 -10.75 -7.15
N LYS A 45 -5.79 -11.03 -6.53
CA LYS A 45 -7.08 -10.80 -7.19
C LYS A 45 -8.20 -10.90 -6.16
N SER A 46 -9.32 -10.26 -6.47
CA SER A 46 -10.48 -10.25 -5.59
C SER A 46 -11.74 -10.13 -6.43
N GLY A 1 -14.52 1.49 10.51
CA GLY A 1 -13.68 1.50 9.29
C GLY A 1 -13.01 0.15 9.06
N LYS A 2 -12.97 -0.29 7.81
CA LYS A 2 -12.39 -1.57 7.46
C LYS A 2 -11.99 -1.56 5.99
N SER A 3 -11.41 -0.45 5.55
CA SER A 3 -11.00 -0.30 4.17
C SER A 3 -9.63 -0.93 3.93
N PRO A 4 -9.47 -1.72 2.86
CA PRO A 4 -8.22 -2.39 2.53
C PRO A 4 -7.05 -1.42 2.37
N GLU A 5 -7.34 -0.27 1.76
CA GLU A 5 -6.33 0.76 1.55
C GLU A 5 -5.85 1.30 2.89
N ALA A 6 -6.79 1.59 3.78
CA ALA A 6 -6.49 2.12 5.11
C ALA A 6 -5.60 1.15 5.88
N GLU A 7 -5.85 -0.14 5.73
CA GLU A 7 -5.04 -1.16 6.39
C GLU A 7 -3.57 -1.04 5.99
N CYS A 8 -3.31 -0.86 4.71
CA CYS A 8 -1.95 -0.74 4.22
C CYS A 8 -1.37 0.66 4.50
N ASN A 9 -2.23 1.64 4.70
CA ASN A 9 -1.80 3.02 4.97
C ASN A 9 -0.90 3.14 6.20
N LYS A 10 -1.14 2.30 7.22
CA LYS A 10 -0.34 2.36 8.44
C LYS A 10 1.10 1.96 8.18
N ILE A 11 1.31 1.08 7.20
CA ILE A 11 2.64 0.64 6.82
C ILE A 11 3.48 1.83 6.34
N THR A 12 4.70 1.95 6.85
CA THR A 12 5.60 3.00 6.43
C THR A 12 6.96 2.40 6.13
N GLU A 13 6.95 1.18 5.62
CA GLU A 13 8.15 0.46 5.25
C GLU A 13 7.94 -0.26 3.93
N GLU A 14 8.88 -0.11 3.02
CA GLU A 14 8.80 -0.73 1.70
C GLU A 14 8.70 -2.25 1.82
N PRO A 15 9.60 -2.94 2.57
CA PRO A 15 9.53 -4.39 2.73
C PRO A 15 8.20 -4.85 3.33
N LYS A 16 7.67 -4.06 4.25
CA LYS A 16 6.37 -4.34 4.86
C LYS A 16 5.24 -4.23 3.84
N CYS A 17 5.25 -3.14 3.09
CA CYS A 17 4.19 -2.87 2.12
C CYS A 17 4.31 -3.80 0.92
N SER A 18 5.54 -4.08 0.51
CA SER A 18 5.80 -4.95 -0.62
C SER A 18 5.35 -6.37 -0.30
N GLU A 19 5.44 -6.74 0.97
CA GLU A 19 5.01 -8.05 1.43
C GLU A 19 3.49 -8.15 1.45
N GLU A 20 2.83 -7.02 1.76
CA GLU A 20 1.37 -6.96 1.78
C GLU A 20 0.78 -7.43 0.46
N LYS A 21 -0.29 -8.20 0.55
CA LYS A 21 -1.00 -8.65 -0.63
C LYS A 21 -1.90 -7.54 -1.16
N ILE A 22 -1.92 -7.42 -2.50
CA ILE A 22 -2.71 -6.41 -3.22
C ILE A 22 -2.54 -4.99 -2.63
N CYS A 23 -1.33 -4.71 -2.16
CA CYS A 23 -0.92 -3.36 -1.80
C CYS A 23 0.48 -3.10 -2.34
N SER A 24 0.76 -1.85 -2.70
CA SER A 24 2.02 -1.53 -3.37
C SER A 24 2.63 -0.25 -2.80
N TRP A 25 3.94 -0.14 -2.92
CA TRP A 25 4.69 0.99 -2.39
C TRP A 25 4.60 2.20 -3.31
N HIS A 26 4.35 3.35 -2.72
CA HIS A 26 4.26 4.62 -3.41
C HIS A 26 5.59 5.34 -3.27
N LYS A 27 6.53 5.03 -4.14
CA LYS A 27 7.88 5.58 -4.02
C LYS A 27 7.89 7.10 -4.23
N GLU A 28 7.23 7.55 -5.29
CA GLU A 28 7.19 8.97 -5.61
C GLU A 28 6.13 9.71 -4.79
N VAL A 29 6.31 9.74 -3.48
CA VAL A 29 5.36 10.43 -2.61
C VAL A 29 5.60 11.94 -2.58
N LYS A 30 4.51 12.68 -2.59
CA LYS A 30 4.54 14.11 -2.35
C LYS A 30 4.09 14.36 -0.92
N ALA A 31 4.72 15.33 -0.25
CA ALA A 31 4.43 15.60 1.15
C ALA A 31 2.93 15.80 1.39
N GLY A 32 2.32 14.84 2.05
CA GLY A 32 0.90 14.87 2.25
C GLY A 32 0.24 13.55 1.92
N GLU A 33 0.82 12.83 0.96
CA GLU A 33 0.29 11.55 0.53
C GLU A 33 0.70 10.44 1.51
N LYS A 34 0.79 9.22 1.02
CA LYS A 34 1.16 8.07 1.84
C LYS A 34 1.95 7.09 1.01
N ASN A 35 2.99 6.50 1.59
CA ASN A 35 3.87 5.61 0.85
C ASN A 35 3.23 4.24 0.65
N CYS A 36 2.44 3.76 1.60
CA CYS A 36 1.82 2.46 1.43
C CYS A 36 0.32 2.60 1.27
N GLN A 37 -0.22 1.93 0.27
CA GLN A 37 -1.64 1.99 -0.03
C GLN A 37 -2.06 0.80 -0.89
N PHE A 38 -3.36 0.65 -1.05
CA PHE A 38 -3.92 -0.41 -1.88
C PHE A 38 -3.54 -0.18 -3.34
N ASN A 39 -3.13 -1.24 -4.03
CA ASN A 39 -2.81 -1.12 -5.44
C ASN A 39 -4.05 -1.36 -6.29
N SER A 40 -4.91 -2.25 -5.82
CA SER A 40 -6.16 -2.61 -6.50
C SER A 40 -5.86 -3.35 -7.82
N THR A 41 -6.31 -4.60 -7.88
CA THR A 41 -6.15 -5.45 -9.06
C THR A 41 -4.72 -5.39 -9.62
N LYS A 42 -3.75 -5.49 -8.72
CA LYS A 42 -2.35 -5.44 -9.08
C LYS A 42 -1.54 -6.29 -8.11
N ALA A 43 -2.20 -7.35 -7.63
CA ALA A 43 -1.60 -8.23 -6.64
C ALA A 43 -0.63 -9.22 -7.28
N SER A 44 -0.90 -9.57 -8.53
CA SER A 44 -0.05 -10.53 -9.25
C SER A 44 1.34 -9.94 -9.46
N LYS A 45 1.36 -8.67 -9.85
CA LYS A 45 2.60 -7.92 -10.00
C LYS A 45 2.27 -6.44 -10.00
N SER A 46 2.76 -5.74 -9.00
CA SER A 46 2.43 -4.34 -8.83
C SER A 46 3.09 -3.48 -9.88
N GLY A 1 -16.62 -1.18 6.38
CA GLY A 1 -15.43 -1.76 7.04
C GLY A 1 -14.34 -2.08 6.05
N LYS A 2 -13.58 -3.14 6.34
CA LYS A 2 -12.49 -3.61 5.48
C LYS A 2 -11.37 -2.58 5.36
N SER A 3 -11.62 -1.51 4.61
CA SER A 3 -10.69 -0.39 4.46
C SER A 3 -9.30 -0.89 4.03
N PRO A 4 -9.19 -1.49 2.83
CA PRO A 4 -7.92 -2.02 2.31
C PRO A 4 -6.84 -0.95 2.21
N GLU A 5 -7.24 0.27 1.88
CA GLU A 5 -6.32 1.39 1.79
C GLU A 5 -5.67 1.64 3.15
N ALA A 6 -6.49 1.81 4.18
CA ALA A 6 -6.00 2.03 5.53
C ALA A 6 -5.15 0.85 6.00
N GLU A 7 -5.58 -0.36 5.64
CA GLU A 7 -4.87 -1.57 6.01
C GLU A 7 -3.43 -1.55 5.50
N CYS A 8 -3.24 -1.10 4.27
CA CYS A 8 -1.90 -0.99 3.70
C CYS A 8 -1.21 0.30 4.19
N ASN A 9 -1.98 1.36 4.35
CA ASN A 9 -1.45 2.67 4.79
C ASN A 9 -0.67 2.58 6.10
N LYS A 10 -1.09 1.67 6.98
CA LYS A 10 -0.47 1.59 8.31
C LYS A 10 0.95 1.03 8.24
N ILE A 11 1.26 0.25 7.21
CA ILE A 11 2.60 -0.28 7.02
C ILE A 11 3.59 0.86 6.76
N THR A 12 4.70 0.87 7.47
CA THR A 12 5.67 1.93 7.33
C THR A 12 6.92 1.45 6.60
N GLU A 13 7.25 0.18 6.77
CA GLU A 13 8.45 -0.38 6.16
C GLU A 13 8.20 -0.80 4.71
N GLU A 14 9.18 -0.52 3.85
CA GLU A 14 9.13 -0.96 2.46
C GLU A 14 9.05 -2.50 2.36
N PRO A 15 9.92 -3.25 3.07
CA PRO A 15 9.88 -4.72 3.03
C PRO A 15 8.52 -5.28 3.42
N LYS A 16 7.92 -4.69 4.45
CA LYS A 16 6.59 -5.10 4.89
C LYS A 16 5.55 -4.80 3.82
N CYS A 17 5.61 -3.59 3.29
CA CYS A 17 4.66 -3.15 2.27
C CYS A 17 4.84 -3.98 0.99
N SER A 18 6.09 -4.29 0.69
CA SER A 18 6.44 -5.11 -0.46
C SER A 18 6.24 -6.60 -0.16
N GLU A 19 5.18 -6.91 0.58
CA GLU A 19 4.84 -8.28 0.92
C GLU A 19 3.35 -8.38 1.24
N GLU A 20 2.82 -7.34 1.86
CA GLU A 20 1.41 -7.28 2.23
C GLU A 20 0.51 -7.57 1.04
N LYS A 21 -0.50 -8.39 1.28
CA LYS A 21 -1.46 -8.76 0.25
C LYS A 21 -2.16 -7.52 -0.32
N ILE A 22 -2.16 -7.41 -1.64
CA ILE A 22 -2.75 -6.29 -2.38
C ILE A 22 -2.32 -4.93 -1.82
N CYS A 23 -1.10 -4.88 -1.31
CA CYS A 23 -0.51 -3.65 -0.83
C CYS A 23 0.87 -3.47 -1.48
N SER A 24 1.24 -2.23 -1.76
CA SER A 24 2.42 -1.96 -2.57
C SER A 24 3.09 -0.65 -2.14
N TRP A 25 4.42 -0.64 -2.21
CA TRP A 25 5.20 0.54 -1.84
C TRP A 25 5.14 1.60 -2.93
N HIS A 26 5.27 2.85 -2.51
CA HIS A 26 5.14 4.01 -3.39
C HIS A 26 6.34 4.92 -3.18
N LYS A 27 7.36 4.75 -4.00
CA LYS A 27 8.63 5.46 -3.83
C LYS A 27 8.55 6.91 -4.30
N GLU A 28 7.49 7.60 -3.91
CA GLU A 28 7.29 9.00 -4.27
C GLU A 28 6.03 9.51 -3.59
N VAL A 29 6.09 10.69 -3.00
CA VAL A 29 4.92 11.27 -2.33
C VAL A 29 4.92 12.78 -2.47
N LYS A 30 3.75 13.33 -2.75
CA LYS A 30 3.63 14.74 -3.07
C LYS A 30 2.43 15.37 -2.35
N ALA A 31 2.61 15.60 -1.05
CA ALA A 31 1.62 16.26 -0.21
C ALA A 31 0.20 15.73 -0.44
N GLY A 32 0.05 14.42 -0.42
CA GLY A 32 -1.26 13.83 -0.64
C GLY A 32 -1.19 12.32 -0.74
N GLU A 33 -0.12 11.84 -1.35
CA GLU A 33 0.09 10.41 -1.54
C GLU A 33 0.47 9.73 -0.23
N LYS A 34 0.87 8.48 -0.34
CA LYS A 34 1.40 7.71 0.80
C LYS A 34 2.34 6.65 0.26
N ASN A 35 3.41 6.39 0.98
CA ASN A 35 4.40 5.43 0.50
C ASN A 35 3.80 4.02 0.51
N CYS A 36 3.25 3.60 1.63
CA CYS A 36 2.52 2.36 1.63
C CYS A 36 1.05 2.66 1.40
N GLN A 37 0.49 2.08 0.35
CA GLN A 37 -0.86 2.44 -0.06
C GLN A 37 -1.51 1.35 -0.91
N PHE A 38 -2.84 1.35 -0.91
CA PHE A 38 -3.60 0.38 -1.66
C PHE A 38 -3.33 0.54 -3.15
N ASN A 39 -2.89 -0.53 -3.79
CA ASN A 39 -2.51 -0.48 -5.19
C ASN A 39 -3.73 -0.35 -6.10
N SER A 40 -4.91 -0.59 -5.53
CA SER A 40 -6.18 -0.43 -6.24
C SER A 40 -6.31 -1.44 -7.39
N THR A 41 -6.33 -2.72 -7.04
CA THR A 41 -6.50 -3.80 -8.01
C THR A 41 -5.39 -3.81 -9.05
N LYS A 42 -4.22 -3.31 -8.65
CA LYS A 42 -3.03 -3.42 -9.47
C LYS A 42 -2.50 -4.83 -9.35
N ALA A 43 -2.61 -5.36 -8.13
CA ALA A 43 -2.23 -6.74 -7.85
C ALA A 43 -3.27 -7.69 -8.42
N SER A 44 -2.84 -8.52 -9.35
CA SER A 44 -3.69 -9.54 -9.94
C SER A 44 -3.72 -10.75 -9.04
N LYS A 45 -2.57 -11.09 -8.48
CA LYS A 45 -2.46 -12.18 -7.54
C LYS A 45 -1.23 -11.99 -6.67
N SER A 46 -1.45 -11.78 -5.39
CA SER A 46 -0.38 -11.52 -4.44
C SER A 46 -0.97 -11.51 -3.03
N GLY A 1 -16.16 1.51 7.87
CA GLY A 1 -16.53 0.62 6.75
C GLY A 1 -15.32 0.00 6.08
N LYS A 2 -15.42 -0.23 4.78
CA LYS A 2 -14.31 -0.80 4.02
C LYS A 2 -13.22 0.23 3.83
N SER A 3 -11.99 -0.16 4.14
CA SER A 3 -10.85 0.73 4.02
C SER A 3 -9.57 -0.07 3.73
N PRO A 4 -9.51 -0.76 2.58
CA PRO A 4 -8.34 -1.58 2.22
C PRO A 4 -7.07 -0.76 2.10
N GLU A 5 -7.20 0.47 1.61
CA GLU A 5 -6.06 1.36 1.48
C GLU A 5 -5.50 1.72 2.85
N ALA A 6 -6.40 2.08 3.77
CA ALA A 6 -6.03 2.43 5.14
C ALA A 6 -5.22 1.32 5.79
N GLU A 7 -5.54 0.07 5.44
CA GLU A 7 -4.84 -1.08 5.97
C GLU A 7 -3.35 -1.05 5.60
N CYS A 8 -3.05 -0.93 4.30
CA CYS A 8 -1.67 -0.84 3.85
C CYS A 8 -1.03 0.47 4.31
N ASN A 9 -1.84 1.51 4.47
CA ASN A 9 -1.36 2.83 4.90
C ASN A 9 -0.63 2.75 6.24
N LYS A 10 -1.08 1.85 7.10
CA LYS A 10 -0.51 1.70 8.44
C LYS A 10 0.98 1.33 8.38
N ILE A 11 1.32 0.50 7.40
CA ILE A 11 2.68 0.01 7.25
C ILE A 11 3.61 1.13 6.80
N THR A 12 4.68 1.37 7.56
CA THR A 12 5.61 2.45 7.23
C THR A 12 6.93 1.93 6.66
N GLU A 13 6.98 0.63 6.36
CA GLU A 13 8.19 0.05 5.79
C GLU A 13 7.89 -0.63 4.47
N GLU A 14 8.74 -0.39 3.48
CA GLU A 14 8.57 -1.00 2.17
C GLU A 14 8.75 -2.52 2.21
N PRO A 15 9.88 -3.04 2.78
CA PRO A 15 10.12 -4.49 2.81
C PRO A 15 8.93 -5.26 3.38
N LYS A 16 8.34 -4.73 4.43
CA LYS A 16 7.16 -5.33 5.06
C LYS A 16 5.94 -5.21 4.17
N CYS A 17 5.68 -4.01 3.66
CA CYS A 17 4.46 -3.76 2.90
C CYS A 17 4.53 -4.36 1.50
N SER A 18 5.73 -4.45 0.96
CA SER A 18 5.95 -5.09 -0.32
C SER A 18 5.69 -6.59 -0.18
N GLU A 19 6.02 -7.10 1.00
CA GLU A 19 5.76 -8.48 1.36
C GLU A 19 4.25 -8.71 1.46
N GLU A 20 3.54 -7.69 1.92
CA GLU A 20 2.08 -7.72 1.99
C GLU A 20 1.50 -7.91 0.59
N LYS A 21 0.50 -8.76 0.49
CA LYS A 21 -0.18 -8.99 -0.76
C LYS A 21 -1.08 -7.79 -1.08
N ILE A 22 -1.16 -7.44 -2.37
CA ILE A 22 -2.00 -6.35 -2.87
C ILE A 22 -1.51 -4.95 -2.46
N CYS A 23 -0.93 -4.81 -1.28
CA CYS A 23 -0.38 -3.52 -0.86
C CYS A 23 0.80 -3.14 -1.75
N SER A 24 0.87 -1.88 -2.14
CA SER A 24 1.92 -1.42 -3.03
C SER A 24 2.62 -0.19 -2.46
N TRP A 25 3.94 -0.16 -2.57
CA TRP A 25 4.71 0.93 -2.02
C TRP A 25 4.84 2.07 -3.01
N HIS A 26 4.49 3.25 -2.55
CA HIS A 26 4.63 4.47 -3.33
C HIS A 26 5.91 5.17 -2.88
N LYS A 27 6.89 5.25 -3.76
CA LYS A 27 8.19 5.80 -3.37
C LYS A 27 8.20 7.32 -3.42
N GLU A 28 8.01 7.87 -4.61
CA GLU A 28 8.06 9.32 -4.82
C GLU A 28 6.78 10.00 -4.33
N VAL A 29 6.50 9.84 -3.05
CA VAL A 29 5.28 10.37 -2.46
C VAL A 29 5.25 11.90 -2.48
N LYS A 30 4.19 12.42 -3.06
CA LYS A 30 3.93 13.85 -3.08
C LYS A 30 3.25 14.23 -1.76
N ALA A 31 3.45 15.48 -1.34
CA ALA A 31 2.87 15.93 -0.07
C ALA A 31 1.36 15.73 -0.08
N GLY A 32 0.86 15.03 0.92
CA GLY A 32 -0.55 14.73 0.98
C GLY A 32 -0.85 13.26 0.75
N GLU A 33 0.00 12.60 -0.06
CA GLU A 33 -0.21 11.20 -0.41
C GLU A 33 0.15 10.25 0.74
N LYS A 34 0.57 9.04 0.39
CA LYS A 34 0.92 8.02 1.35
C LYS A 34 1.83 7.01 0.67
N ASN A 35 2.81 6.49 1.40
CA ASN A 35 3.77 5.56 0.80
C ASN A 35 3.10 4.24 0.45
N CYS A 36 2.78 3.42 1.43
CA CYS A 36 2.10 2.17 1.10
C CYS A 36 0.61 2.38 1.02
N GLN A 37 0.02 1.91 -0.06
CA GLN A 37 -1.41 2.08 -0.28
C GLN A 37 -1.97 0.93 -1.10
N PHE A 38 -3.29 0.75 -0.99
CA PHE A 38 -3.98 -0.34 -1.65
C PHE A 38 -3.85 -0.22 -3.16
N ASN A 39 -3.36 -1.27 -3.81
CA ASN A 39 -3.19 -1.27 -5.27
C ASN A 39 -4.52 -1.05 -5.97
N SER A 40 -5.59 -1.60 -5.41
CA SER A 40 -6.93 -1.47 -5.95
C SER A 40 -7.04 -2.17 -7.31
N THR A 41 -7.09 -3.50 -7.28
CA THR A 41 -7.16 -4.31 -8.48
C THR A 41 -5.96 -4.07 -9.38
N LYS A 42 -4.85 -4.72 -9.04
CA LYS A 42 -3.62 -4.55 -9.78
C LYS A 42 -2.62 -5.62 -9.40
N ALA A 43 -2.49 -5.86 -8.09
CA ALA A 43 -1.50 -6.79 -7.58
C ALA A 43 -1.93 -8.24 -7.76
N SER A 44 -2.93 -8.66 -6.98
CA SER A 44 -3.40 -10.04 -7.00
C SER A 44 -4.75 -10.14 -6.31
N LYS A 45 -5.68 -9.29 -6.72
CA LYS A 45 -7.02 -9.31 -6.16
C LYS A 45 -7.95 -8.43 -7.00
N SER A 46 -9.13 -8.94 -7.29
CA SER A 46 -10.13 -8.21 -8.05
C SER A 46 -11.48 -8.87 -7.86
N GLY A 1 -13.74 -1.67 9.93
CA GLY A 1 -14.21 -2.80 9.09
C GLY A 1 -13.26 -3.08 7.95
N LYS A 2 -13.80 -3.30 6.77
CA LYS A 2 -12.99 -3.51 5.58
C LYS A 2 -12.33 -2.21 5.16
N SER A 3 -11.00 -2.21 5.13
CA SER A 3 -10.25 -1.02 4.79
C SER A 3 -8.79 -1.37 4.46
N PRO A 4 -8.55 -2.04 3.32
CA PRO A 4 -7.21 -2.47 2.91
C PRO A 4 -6.25 -1.29 2.78
N GLU A 5 -6.72 -0.21 2.16
CA GLU A 5 -5.92 0.98 1.98
C GLU A 5 -5.50 1.56 3.33
N ALA A 6 -6.47 1.74 4.22
CA ALA A 6 -6.20 2.27 5.55
C ALA A 6 -5.23 1.38 6.33
N GLU A 7 -5.41 0.08 6.19
CA GLU A 7 -4.52 -0.89 6.85
C GLU A 7 -3.09 -0.75 6.33
N CYS A 8 -2.94 -0.75 5.01
CA CYS A 8 -1.62 -0.64 4.39
C CYS A 8 -1.00 0.73 4.64
N ASN A 9 -1.83 1.76 4.68
CA ASN A 9 -1.37 3.13 4.93
C ASN A 9 -0.48 3.23 6.16
N LYS A 10 -0.78 2.44 7.18
CA LYS A 10 -0.06 2.49 8.44
C LYS A 10 1.35 1.90 8.32
N ILE A 11 1.58 1.07 7.31
CA ILE A 11 2.88 0.47 7.10
C ILE A 11 3.88 1.53 6.59
N THR A 12 5.03 1.63 7.23
CA THR A 12 6.03 2.62 6.87
C THR A 12 7.31 1.96 6.38
N GLU A 13 7.18 0.72 5.90
CA GLU A 13 8.33 -0.03 5.41
C GLU A 13 7.99 -0.75 4.12
N GLU A 14 8.85 -0.61 3.11
CA GLU A 14 8.66 -1.27 1.83
C GLU A 14 8.64 -2.81 1.99
N PRO A 15 9.59 -3.41 2.72
CA PRO A 15 9.63 -4.87 2.90
C PRO A 15 8.33 -5.42 3.47
N LYS A 16 7.75 -4.71 4.43
CA LYS A 16 6.49 -5.13 5.03
C LYS A 16 5.31 -4.80 4.12
N CYS A 17 5.35 -3.62 3.51
CA CYS A 17 4.26 -3.17 2.65
C CYS A 17 4.15 -4.05 1.41
N SER A 18 5.30 -4.39 0.84
CA SER A 18 5.35 -5.23 -0.35
C SER A 18 4.80 -6.63 -0.05
N GLU A 19 5.01 -7.06 1.20
CA GLU A 19 4.50 -8.35 1.66
C GLU A 19 2.97 -8.37 1.63
N GLU A 20 2.37 -7.23 1.93
CA GLU A 20 0.91 -7.09 1.90
C GLU A 20 0.37 -7.44 0.52
N LYS A 21 -0.65 -8.29 0.49
CA LYS A 21 -1.29 -8.64 -0.75
C LYS A 21 -2.11 -7.47 -1.28
N ILE A 22 -1.98 -7.24 -2.58
CA ILE A 22 -2.65 -6.16 -3.30
C ILE A 22 -2.45 -4.78 -2.65
N CYS A 23 -1.26 -4.59 -2.08
CA CYS A 23 -0.82 -3.26 -1.67
C CYS A 23 0.56 -2.97 -2.26
N SER A 24 0.82 -1.71 -2.56
CA SER A 24 2.03 -1.35 -3.28
C SER A 24 2.78 -0.24 -2.56
N TRP A 25 4.11 -0.28 -2.63
CA TRP A 25 4.93 0.76 -2.03
C TRP A 25 5.04 1.96 -2.96
N HIS A 26 4.99 3.13 -2.37
CA HIS A 26 5.05 4.38 -3.10
C HIS A 26 6.26 5.17 -2.60
N LYS A 27 7.37 5.07 -3.31
CA LYS A 27 8.62 5.67 -2.84
C LYS A 27 8.52 7.19 -2.77
N GLU A 28 8.60 7.87 -3.91
CA GLU A 28 8.48 9.31 -3.95
C GLU A 28 7.01 9.72 -3.85
N VAL A 29 6.52 9.91 -2.63
CA VAL A 29 5.13 10.23 -2.41
C VAL A 29 4.83 11.70 -2.70
N LYS A 30 3.72 11.93 -3.36
CA LYS A 30 3.22 13.28 -3.55
C LYS A 30 2.55 13.73 -2.27
N ALA A 31 2.77 14.99 -1.88
CA ALA A 31 2.23 15.51 -0.63
C ALA A 31 0.72 15.30 -0.58
N GLY A 32 0.29 14.47 0.37
CA GLY A 32 -1.11 14.11 0.46
C GLY A 32 -1.30 12.61 0.37
N GLU A 33 -0.42 11.95 -0.37
CA GLU A 33 -0.51 10.50 -0.54
C GLU A 33 0.13 9.76 0.64
N LYS A 34 0.52 8.52 0.40
CA LYS A 34 1.15 7.69 1.44
C LYS A 34 2.12 6.73 0.79
N ASN A 35 3.18 6.37 1.51
CA ASN A 35 4.18 5.46 0.97
C ASN A 35 3.59 4.08 0.79
N CYS A 36 3.01 3.53 1.84
CA CYS A 36 2.29 2.29 1.67
C CYS A 36 0.83 2.58 1.39
N GLN A 37 0.34 2.12 0.26
CA GLN A 37 -0.99 2.46 -0.19
C GLN A 37 -1.56 1.40 -1.10
N PHE A 38 -2.89 1.33 -1.12
CA PHE A 38 -3.58 0.37 -1.95
C PHE A 38 -3.41 0.73 -3.42
N ASN A 39 -3.20 -0.28 -4.25
CA ASN A 39 -3.27 -0.06 -5.68
C ASN A 39 -4.74 -0.12 -6.12
N SER A 40 -5.05 -0.98 -7.07
CA SER A 40 -6.43 -1.20 -7.49
C SER A 40 -6.49 -2.29 -8.56
N THR A 41 -6.42 -3.54 -8.10
CA THR A 41 -6.38 -4.70 -8.99
C THR A 41 -5.08 -4.71 -9.80
N LYS A 42 -4.02 -4.22 -9.18
CA LYS A 42 -2.70 -4.27 -9.79
C LYS A 42 -1.94 -5.48 -9.26
N ALA A 43 -1.79 -5.53 -7.94
CA ALA A 43 -1.18 -6.68 -7.29
C ALA A 43 -2.26 -7.66 -6.82
N SER A 44 -3.27 -7.85 -7.67
CA SER A 44 -4.38 -8.75 -7.36
C SER A 44 -3.89 -10.20 -7.30
N LYS A 45 -3.12 -10.58 -8.32
CA LYS A 45 -2.53 -11.91 -8.38
C LYS A 45 -1.42 -11.92 -9.42
N SER A 46 -1.75 -11.47 -10.62
CA SER A 46 -0.78 -11.40 -11.71
C SER A 46 -1.26 -10.43 -12.79
N GLY A 1 -9.61 -2.17 9.40
CA GLY A 1 -10.04 -1.23 8.35
C GLY A 1 -10.83 -1.93 7.27
N LYS A 2 -12.03 -1.42 6.97
CA LYS A 2 -12.89 -2.05 5.99
C LYS A 2 -12.25 -2.02 4.60
N SER A 3 -11.71 -0.87 4.23
CA SER A 3 -11.00 -0.74 2.97
C SER A 3 -9.54 -1.15 3.12
N PRO A 4 -9.03 -1.97 2.19
CA PRO A 4 -7.64 -2.42 2.20
C PRO A 4 -6.66 -1.26 2.10
N GLU A 5 -7.10 -0.17 1.47
CA GLU A 5 -6.30 1.05 1.36
C GLU A 5 -5.91 1.55 2.74
N ALA A 6 -6.88 1.56 3.64
CA ALA A 6 -6.69 2.01 5.01
C ALA A 6 -5.65 1.15 5.72
N GLU A 7 -5.63 -0.13 5.38
CA GLU A 7 -4.67 -1.05 5.99
C GLU A 7 -3.27 -0.79 5.47
N CYS A 8 -3.10 -0.78 4.15
CA CYS A 8 -1.81 -0.54 3.51
C CYS A 8 -1.20 0.77 3.99
N ASN A 9 -2.03 1.79 4.19
CA ASN A 9 -1.55 3.11 4.60
C ASN A 9 -0.80 3.06 5.93
N LYS A 10 -1.11 2.08 6.76
CA LYS A 10 -0.45 1.94 8.05
C LYS A 10 1.02 1.56 7.88
N ILE A 11 1.27 0.71 6.89
CA ILE A 11 2.61 0.27 6.57
C ILE A 11 3.47 1.45 6.10
N THR A 12 4.71 1.51 6.54
CA THR A 12 5.57 2.62 6.18
C THR A 12 6.98 2.13 5.79
N GLU A 13 7.05 0.90 5.30
CA GLU A 13 8.30 0.32 4.85
C GLU A 13 8.07 -0.54 3.62
N GLU A 14 8.91 -0.35 2.60
CA GLU A 14 8.81 -1.09 1.35
C GLU A 14 8.85 -2.60 1.57
N PRO A 15 9.84 -3.15 2.31
CA PRO A 15 9.91 -4.59 2.57
C PRO A 15 8.60 -5.14 3.18
N LYS A 16 8.03 -4.38 4.10
CA LYS A 16 6.76 -4.76 4.73
C LYS A 16 5.60 -4.58 3.78
N CYS A 17 5.58 -3.47 3.05
CA CYS A 17 4.51 -3.19 2.10
C CYS A 17 4.52 -4.22 0.97
N SER A 18 5.72 -4.64 0.58
CA SER A 18 5.90 -5.62 -0.47
C SER A 18 5.27 -6.96 -0.09
N GLU A 19 5.49 -7.40 1.16
CA GLU A 19 4.94 -8.67 1.61
C GLU A 19 3.45 -8.55 1.91
N GLU A 20 3.02 -7.36 2.33
CA GLU A 20 1.61 -7.11 2.63
C GLU A 20 0.73 -7.42 1.43
N LYS A 21 -0.35 -8.14 1.69
CA LYS A 21 -1.29 -8.50 0.64
C LYS A 21 -1.96 -7.25 0.05
N ILE A 22 -1.98 -7.21 -1.27
CA ILE A 22 -2.64 -6.15 -2.06
C ILE A 22 -2.19 -4.72 -1.67
N CYS A 23 -1.00 -4.62 -1.10
CA CYS A 23 -0.39 -3.33 -0.85
C CYS A 23 0.79 -3.12 -1.78
N SER A 24 1.11 -1.87 -2.09
CA SER A 24 2.18 -1.56 -3.02
C SER A 24 2.88 -0.25 -2.63
N TRP A 25 4.18 -0.19 -2.89
CA TRP A 25 4.98 0.95 -2.50
C TRP A 25 4.77 2.15 -3.43
N HIS A 26 5.06 3.31 -2.91
CA HIS A 26 4.89 4.59 -3.58
C HIS A 26 6.03 5.49 -3.14
N LYS A 27 7.23 5.13 -3.61
CA LYS A 27 8.49 5.68 -3.10
C LYS A 27 8.42 7.19 -2.85
N GLU A 28 8.12 7.96 -3.90
CA GLU A 28 8.02 9.40 -3.76
C GLU A 28 6.59 9.79 -3.39
N VAL A 29 6.45 10.67 -2.40
CA VAL A 29 5.14 11.10 -1.96
C VAL A 29 5.06 12.62 -1.87
N LYS A 30 4.06 13.19 -2.53
CA LYS A 30 3.91 14.63 -2.62
C LYS A 30 3.11 15.18 -1.46
N ALA A 31 3.57 14.84 -0.26
CA ALA A 31 3.00 15.35 0.99
C ALA A 31 1.47 15.32 0.99
N GLY A 32 0.91 14.14 0.78
CA GLY A 32 -0.53 14.00 0.73
C GLY A 32 -0.95 12.56 0.61
N GLU A 33 -0.27 11.83 -0.26
CA GLU A 33 -0.53 10.41 -0.44
C GLU A 33 0.08 9.59 0.72
N LYS A 34 0.54 8.40 0.42
CA LYS A 34 1.17 7.54 1.40
C LYS A 34 2.06 6.55 0.67
N ASN A 35 3.24 6.29 1.23
CA ASN A 35 4.22 5.45 0.55
C ASN A 35 3.67 4.04 0.36
N CYS A 36 3.18 3.42 1.42
CA CYS A 36 2.48 2.16 1.24
C CYS A 36 1.01 2.46 1.01
N GLN A 37 0.52 2.06 -0.15
CA GLN A 37 -0.84 2.39 -0.53
C GLN A 37 -1.48 1.25 -1.31
N PHE A 38 -2.80 1.28 -1.35
CA PHE A 38 -3.58 0.25 -2.00
C PHE A 38 -3.32 0.29 -3.50
N ASN A 39 -2.91 -0.84 -4.07
CA ASN A 39 -2.59 -0.90 -5.49
C ASN A 39 -3.85 -1.07 -6.35
N SER A 40 -5.00 -0.92 -5.73
CA SER A 40 -6.30 -0.96 -6.42
C SER A 40 -6.45 -2.19 -7.34
N THR A 41 -6.47 -3.37 -6.73
CA THR A 41 -6.71 -4.62 -7.44
C THR A 41 -5.60 -4.92 -8.46
N LYS A 42 -4.42 -4.36 -8.22
CA LYS A 42 -3.26 -4.66 -9.02
C LYS A 42 -2.68 -6.00 -8.60
N ALA A 43 -2.71 -6.24 -7.30
CA ALA A 43 -2.18 -7.48 -6.74
C ALA A 43 -3.17 -8.62 -6.86
N SER A 44 -3.64 -8.89 -8.08
CA SER A 44 -4.53 -10.02 -8.32
C SER A 44 -3.72 -11.30 -8.54
N LYS A 45 -2.76 -11.54 -7.65
CA LYS A 45 -1.92 -12.74 -7.75
C LYS A 45 -1.06 -12.90 -6.49
N SER A 46 -0.56 -11.79 -5.97
CA SER A 46 0.32 -11.80 -4.80
C SER A 46 -0.35 -12.51 -3.62
N GLY A 1 -12.81 1.52 -1.92
CA GLY A 1 -13.02 1.31 -0.47
C GLY A 1 -11.89 1.90 0.34
N LYS A 2 -12.24 2.53 1.46
CA LYS A 2 -11.25 3.17 2.31
C LYS A 2 -10.46 2.15 3.12
N SER A 3 -11.15 1.17 3.69
CA SER A 3 -10.53 0.21 4.60
C SER A 3 -9.33 -0.53 3.98
N PRO A 4 -9.46 -1.13 2.78
CA PRO A 4 -8.34 -1.86 2.16
C PRO A 4 -7.14 -0.95 1.90
N GLU A 5 -7.41 0.32 1.64
CA GLU A 5 -6.35 1.29 1.50
C GLU A 5 -5.77 1.62 2.88
N ALA A 6 -6.68 1.79 3.84
CA ALA A 6 -6.32 2.07 5.22
C ALA A 6 -5.40 0.99 5.79
N GLU A 7 -5.72 -0.27 5.52
CA GLU A 7 -4.95 -1.37 6.06
C GLU A 7 -3.51 -1.32 5.56
N CYS A 8 -3.34 -1.05 4.27
CA CYS A 8 -2.00 -0.86 3.69
C CYS A 8 -1.35 0.40 4.26
N ASN A 9 -2.14 1.45 4.46
CA ASN A 9 -1.64 2.72 5.01
C ASN A 9 -0.95 2.51 6.35
N LYS A 10 -1.38 1.48 7.08
CA LYS A 10 -0.80 1.16 8.38
C LYS A 10 0.67 0.80 8.26
N ILE A 11 1.01 0.11 7.19
CA ILE A 11 2.38 -0.33 6.94
C ILE A 11 3.28 0.88 6.69
N THR A 12 4.38 0.95 7.43
CA THR A 12 5.31 2.07 7.32
C THR A 12 6.62 1.64 6.66
N GLU A 13 6.97 0.37 6.82
CA GLU A 13 8.20 -0.17 6.24
C GLU A 13 8.00 -0.55 4.77
N GLU A 14 9.00 -0.23 3.94
CA GLU A 14 8.98 -0.62 2.53
C GLU A 14 8.91 -2.14 2.37
N PRO A 15 9.82 -2.91 3.01
CA PRO A 15 9.85 -4.38 2.87
C PRO A 15 8.52 -5.02 3.26
N LYS A 16 7.94 -4.54 4.35
CA LYS A 16 6.67 -5.06 4.81
C LYS A 16 5.56 -4.78 3.80
N CYS A 17 5.54 -3.57 3.27
CA CYS A 17 4.53 -3.19 2.27
C CYS A 17 4.75 -3.97 0.98
N SER A 18 6.01 -4.08 0.58
CA SER A 18 6.36 -4.79 -0.63
C SER A 18 5.99 -6.26 -0.50
N GLU A 19 6.12 -6.81 0.70
CA GLU A 19 5.74 -8.19 0.97
C GLU A 19 4.25 -8.39 0.73
N GLU A 20 3.45 -7.43 1.17
CA GLU A 20 2.02 -7.48 0.97
C GLU A 20 1.70 -7.42 -0.52
N LYS A 21 0.75 -8.24 -0.96
CA LYS A 21 0.41 -8.33 -2.37
C LYS A 21 -0.52 -7.20 -2.77
N ILE A 22 -1.52 -6.94 -1.93
CA ILE A 22 -2.54 -5.93 -2.25
C ILE A 22 -2.12 -4.53 -1.81
N CYS A 23 -0.89 -4.43 -1.33
CA CYS A 23 -0.32 -3.14 -0.96
C CYS A 23 0.90 -2.85 -1.83
N SER A 24 1.03 -1.61 -2.26
CA SER A 24 2.15 -1.21 -3.10
C SER A 24 2.86 0.00 -2.48
N TRP A 25 4.18 0.00 -2.54
CA TRP A 25 4.95 1.09 -1.94
C TRP A 25 5.03 2.29 -2.88
N HIS A 26 4.62 3.43 -2.36
CA HIS A 26 4.59 4.70 -3.07
C HIS A 26 5.80 5.53 -2.64
N LYS A 27 6.94 5.28 -3.28
CA LYS A 27 8.21 5.88 -2.87
C LYS A 27 8.17 7.41 -2.94
N GLU A 28 7.99 7.93 -4.14
CA GLU A 28 7.98 9.37 -4.36
C GLU A 28 6.62 9.96 -4.02
N VAL A 29 6.41 10.24 -2.74
CA VAL A 29 5.15 10.81 -2.29
C VAL A 29 5.00 12.27 -2.73
N LYS A 30 3.82 12.61 -3.24
CA LYS A 30 3.54 13.96 -3.72
C LYS A 30 2.74 14.73 -2.67
N ALA A 31 3.26 15.89 -2.27
CA ALA A 31 2.60 16.80 -1.35
C ALA A 31 2.33 16.19 0.03
N GLY A 32 1.49 15.17 0.08
CA GLY A 32 1.17 14.51 1.33
C GLY A 32 0.50 13.18 1.11
N GLU A 33 1.08 12.38 0.23
CA GLU A 33 0.53 11.07 -0.11
C GLU A 33 0.88 10.01 0.93
N LYS A 34 0.41 8.81 0.69
CA LYS A 34 0.73 7.68 1.54
C LYS A 34 1.69 6.75 0.84
N ASN A 35 2.71 6.31 1.58
CA ASN A 35 3.74 5.47 1.01
C ASN A 35 3.18 4.07 0.77
N CYS A 36 2.79 3.37 1.81
CA CYS A 36 2.13 2.10 1.60
C CYS A 36 0.65 2.35 1.32
N GLN A 37 0.19 1.87 0.18
CA GLN A 37 -1.15 2.19 -0.26
C GLN A 37 -1.75 1.09 -1.14
N PHE A 38 -3.08 1.06 -1.17
CA PHE A 38 -3.84 0.05 -1.89
C PHE A 38 -3.52 0.09 -3.38
N ASN A 39 -3.11 -1.04 -3.94
CA ASN A 39 -2.83 -1.12 -5.37
C ASN A 39 -4.05 -1.59 -6.14
N SER A 40 -5.23 -1.33 -5.57
CA SER A 40 -6.50 -1.70 -6.17
C SER A 40 -6.53 -3.17 -6.59
N THR A 41 -6.95 -3.45 -7.83
CA THR A 41 -7.09 -4.83 -8.28
C THR A 41 -5.78 -5.37 -8.89
N LYS A 42 -4.65 -4.89 -8.37
CA LYS A 42 -3.35 -5.37 -8.83
C LYS A 42 -3.06 -6.76 -8.26
N ALA A 43 -3.47 -6.98 -7.02
CA ALA A 43 -3.25 -8.25 -6.34
C ALA A 43 -4.23 -9.32 -6.80
N SER A 44 -4.41 -9.44 -8.10
CA SER A 44 -5.26 -10.47 -8.66
C SER A 44 -4.53 -11.80 -8.61
N LYS A 45 -3.24 -11.78 -8.94
CA LYS A 45 -2.39 -12.94 -8.87
C LYS A 45 -0.97 -12.53 -8.49
N SER A 46 -0.29 -13.41 -7.77
CA SER A 46 1.06 -13.12 -7.29
C SER A 46 2.03 -12.99 -8.46
N GLY A 1 -8.35 -1.49 11.32
CA GLY A 1 -8.92 -0.89 10.09
C GLY A 1 -9.33 -1.94 9.09
N LYS A 2 -10.57 -1.85 8.62
CA LYS A 2 -11.09 -2.78 7.62
C LYS A 2 -10.78 -2.27 6.22
N SER A 3 -10.78 -0.95 6.08
CA SER A 3 -10.54 -0.30 4.81
C SER A 3 -9.21 -0.75 4.19
N PRO A 4 -9.24 -1.18 2.92
CA PRO A 4 -8.06 -1.71 2.22
C PRO A 4 -6.91 -0.72 2.17
N GLU A 5 -7.23 0.55 2.01
CA GLU A 5 -6.22 1.61 2.00
C GLU A 5 -5.56 1.70 3.37
N ALA A 6 -6.37 1.64 4.42
CA ALA A 6 -5.88 1.68 5.80
C ALA A 6 -4.95 0.51 6.09
N GLU A 7 -5.29 -0.67 5.57
CA GLU A 7 -4.49 -1.87 5.77
C GLU A 7 -3.07 -1.65 5.26
N CYS A 8 -2.95 -1.05 4.10
CA CYS A 8 -1.65 -0.74 3.54
C CYS A 8 -1.01 0.44 4.28
N ASN A 9 -1.82 1.45 4.57
CA ASN A 9 -1.35 2.67 5.23
C ASN A 9 -0.57 2.38 6.51
N LYS A 10 -1.09 1.48 7.34
CA LYS A 10 -0.52 1.20 8.65
C LYS A 10 0.87 0.56 8.56
N ILE A 11 1.18 -0.06 7.43
CA ILE A 11 2.44 -0.79 7.27
C ILE A 11 3.64 0.15 7.47
N THR A 12 3.68 1.22 6.69
CA THR A 12 4.73 2.25 6.78
C THR A 12 6.13 1.65 6.67
N GLU A 13 6.25 0.58 5.89
CA GLU A 13 7.53 -0.08 5.68
C GLU A 13 7.56 -0.73 4.29
N GLU A 14 8.63 -0.47 3.54
CA GLU A 14 8.75 -0.91 2.16
C GLU A 14 8.68 -2.44 2.02
N PRO A 15 9.55 -3.20 2.72
CA PRO A 15 9.57 -4.66 2.60
C PRO A 15 8.21 -5.30 2.86
N LYS A 16 7.61 -4.95 3.98
CA LYS A 16 6.29 -5.50 4.34
C LYS A 16 5.23 -5.09 3.34
N CYS A 17 5.21 -3.81 2.98
CA CYS A 17 4.22 -3.29 2.03
C CYS A 17 4.35 -3.98 0.68
N SER A 18 5.58 -4.19 0.25
CA SER A 18 5.85 -4.83 -1.02
C SER A 18 5.38 -6.28 -1.01
N GLU A 19 5.45 -6.91 0.16
CA GLU A 19 5.02 -8.29 0.33
C GLU A 19 3.50 -8.41 0.44
N GLU A 20 2.88 -7.44 1.11
CA GLU A 20 1.43 -7.44 1.31
C GLU A 20 0.69 -7.45 -0.02
N LYS A 21 -0.25 -8.37 -0.17
CA LYS A 21 -1.06 -8.44 -1.38
C LYS A 21 -1.81 -7.12 -1.59
N ILE A 22 -1.96 -6.73 -2.86
CA ILE A 22 -2.66 -5.50 -3.24
C ILE A 22 -1.92 -4.22 -2.81
N CYS A 23 -1.27 -4.23 -1.65
CA CYS A 23 -0.50 -3.08 -1.19
C CYS A 23 0.72 -2.89 -2.08
N SER A 24 1.15 -1.64 -2.24
CA SER A 24 2.28 -1.32 -3.08
C SER A 24 2.94 -0.05 -2.59
N TRP A 25 4.27 -0.03 -2.61
CA TRP A 25 5.01 1.08 -2.04
C TRP A 25 5.03 2.28 -2.98
N HIS A 26 4.90 3.46 -2.39
CA HIS A 26 4.85 4.71 -3.12
C HIS A 26 6.08 5.54 -2.75
N LYS A 27 7.24 5.12 -3.26
CA LYS A 27 8.53 5.70 -2.85
C LYS A 27 8.53 7.22 -2.97
N GLU A 28 8.38 7.73 -4.18
CA GLU A 28 8.36 9.17 -4.41
C GLU A 28 6.99 9.73 -4.02
N VAL A 29 6.79 9.94 -2.73
CA VAL A 29 5.49 10.37 -2.22
C VAL A 29 5.11 11.75 -2.76
N LYS A 30 3.88 11.83 -3.26
CA LYS A 30 3.30 13.09 -3.68
C LYS A 30 2.72 13.79 -2.47
N ALA A 31 2.73 15.13 -2.48
CA ALA A 31 2.22 15.91 -1.36
C ALA A 31 0.79 15.50 -1.05
N GLY A 32 0.51 15.22 0.22
CA GLY A 32 -0.81 14.76 0.60
C GLY A 32 -0.93 13.25 0.58
N GLU A 33 -0.29 12.61 -0.38
CA GLU A 33 -0.31 11.15 -0.50
C GLU A 33 0.51 10.49 0.61
N LYS A 34 0.70 9.19 0.50
CA LYS A 34 1.45 8.43 1.48
C LYS A 34 2.25 7.33 0.81
N ASN A 35 3.05 6.64 1.60
CA ASN A 35 3.96 5.64 1.07
C ASN A 35 3.25 4.33 0.76
N CYS A 36 2.86 3.59 1.78
CA CYS A 36 2.12 2.37 1.53
C CYS A 36 0.65 2.70 1.39
N GLN A 37 0.09 2.40 0.23
CA GLN A 37 -1.28 2.78 -0.08
C GLN A 37 -1.94 1.73 -0.96
N PHE A 38 -3.27 1.79 -1.03
CA PHE A 38 -4.02 0.82 -1.81
C PHE A 38 -3.70 0.99 -3.29
N ASN A 39 -3.02 0.00 -3.84
CA ASN A 39 -2.61 0.03 -5.24
C ASN A 39 -3.81 -0.15 -6.16
N SER A 40 -4.80 -0.88 -5.65
CA SER A 40 -6.07 -1.10 -6.34
C SER A 40 -5.90 -1.90 -7.63
N THR A 41 -4.82 -2.68 -7.74
CA THR A 41 -4.59 -3.49 -8.93
C THR A 41 -3.30 -4.33 -8.81
N LYS A 42 -3.27 -5.23 -7.84
CA LYS A 42 -2.14 -6.15 -7.71
C LYS A 42 -2.57 -7.45 -7.03
N ALA A 43 -3.00 -7.31 -5.78
CA ALA A 43 -3.38 -8.45 -4.95
C ALA A 43 -2.27 -9.48 -4.90
N SER A 44 -2.60 -10.74 -5.14
CA SER A 44 -1.59 -11.80 -5.16
C SER A 44 -2.06 -12.94 -6.07
N LYS A 45 -2.20 -14.14 -5.51
CA LYS A 45 -2.63 -15.29 -6.30
C LYS A 45 -3.68 -16.08 -5.53
N SER A 46 -4.61 -15.34 -4.92
CA SER A 46 -5.66 -15.94 -4.11
C SER A 46 -5.06 -16.69 -2.92
N GLY A 1 -11.15 -3.49 11.05
CA GLY A 1 -10.57 -2.74 9.91
C GLY A 1 -11.44 -1.58 9.48
N LYS A 2 -11.45 -1.29 8.19
CA LYS A 2 -12.26 -0.20 7.64
C LYS A 2 -12.20 -0.21 6.12
N SER A 3 -11.01 -0.43 5.58
CA SER A 3 -10.82 -0.48 4.14
C SER A 3 -9.38 -0.91 3.83
N PRO A 4 -9.19 -1.70 2.76
CA PRO A 4 -7.88 -2.23 2.38
C PRO A 4 -6.83 -1.14 2.23
N GLU A 5 -7.21 -0.02 1.63
CA GLU A 5 -6.31 1.10 1.44
C GLU A 5 -5.83 1.62 2.78
N ALA A 6 -6.78 1.91 3.67
CA ALA A 6 -6.46 2.45 5.00
C ALA A 6 -5.62 1.48 5.80
N GLU A 7 -5.90 0.18 5.67
CA GLU A 7 -5.14 -0.84 6.37
C GLU A 7 -3.68 -0.83 5.92
N CYS A 8 -3.46 -0.84 4.60
CA CYS A 8 -2.12 -0.77 4.07
C CYS A 8 -1.47 0.58 4.35
N ASN A 9 -2.28 1.63 4.46
CA ASN A 9 -1.79 2.97 4.79
C ASN A 9 -1.02 2.97 6.11
N LYS A 10 -1.40 2.07 7.02
CA LYS A 10 -0.76 1.97 8.33
C LYS A 10 0.72 1.60 8.18
N ILE A 11 1.01 0.76 7.19
CA ILE A 11 2.36 0.32 6.91
C ILE A 11 3.24 1.52 6.55
N THR A 12 4.40 1.62 7.19
CA THR A 12 5.30 2.74 6.97
C THR A 12 6.70 2.26 6.63
N GLU A 13 6.77 1.04 6.09
CA GLU A 13 8.04 0.49 5.61
C GLU A 13 7.83 -0.22 4.28
N GLU A 14 8.72 0.02 3.33
CA GLU A 14 8.66 -0.60 2.01
C GLU A 14 8.66 -2.14 2.14
N PRO A 15 9.62 -2.74 2.89
CA PRO A 15 9.68 -4.20 3.05
C PRO A 15 8.37 -4.81 3.53
N LYS A 16 7.70 -4.11 4.43
CA LYS A 16 6.42 -4.56 4.96
C LYS A 16 5.32 -4.42 3.91
N CYS A 17 5.33 -3.29 3.21
CA CYS A 17 4.31 -3.03 2.19
C CYS A 17 4.50 -3.95 0.99
N SER A 18 5.75 -4.14 0.59
CA SER A 18 6.08 -5.00 -0.53
C SER A 18 5.70 -6.45 -0.22
N GLU A 19 5.75 -6.79 1.07
CA GLU A 19 5.34 -8.10 1.55
C GLU A 19 3.85 -8.30 1.29
N GLU A 20 3.09 -7.23 1.47
CA GLU A 20 1.66 -7.25 1.20
C GLU A 20 1.42 -7.50 -0.29
N LYS A 21 0.85 -8.66 -0.59
CA LYS A 21 0.66 -9.08 -1.98
C LYS A 21 -0.56 -8.44 -2.63
N ILE A 22 -0.83 -7.19 -2.29
CA ILE A 22 -1.96 -6.48 -2.84
C ILE A 22 -1.90 -5.00 -2.46
N CYS A 23 -0.71 -4.54 -2.09
CA CYS A 23 -0.47 -3.13 -1.83
C CYS A 23 0.94 -2.76 -2.26
N SER A 24 1.08 -1.61 -2.87
CA SER A 24 2.36 -1.20 -3.43
C SER A 24 2.92 -0.01 -2.68
N TRP A 25 4.23 0.08 -2.61
CA TRP A 25 4.87 1.18 -1.92
C TRP A 25 4.99 2.39 -2.86
N HIS A 26 4.33 3.47 -2.46
CA HIS A 26 4.37 4.72 -3.20
C HIS A 26 5.67 5.44 -2.88
N LYS A 27 6.76 4.92 -3.41
CA LYS A 27 8.12 5.37 -3.06
C LYS A 27 8.26 6.90 -3.14
N GLU A 28 7.70 7.49 -4.19
CA GLU A 28 7.86 8.93 -4.43
C GLU A 28 6.57 9.68 -4.11
N VAL A 29 6.26 9.83 -2.82
CA VAL A 29 5.04 10.50 -2.41
C VAL A 29 5.14 12.01 -2.56
N LYS A 30 4.15 12.59 -3.21
CA LYS A 30 4.06 14.05 -3.33
C LYS A 30 3.13 14.59 -2.26
N ALA A 31 3.52 15.70 -1.64
CA ALA A 31 2.73 16.34 -0.59
C ALA A 31 2.38 15.35 0.52
N GLY A 32 3.36 14.54 0.90
CA GLY A 32 3.17 13.57 1.96
C GLY A 32 2.44 12.32 1.49
N GLU A 33 1.27 12.51 0.86
CA GLU A 33 0.48 11.42 0.30
C GLU A 33 0.39 10.23 1.25
N LYS A 34 0.47 9.03 0.69
CA LYS A 34 0.53 7.81 1.47
C LYS A 34 1.44 6.82 0.76
N ASN A 35 2.48 6.38 1.44
CA ASN A 35 3.46 5.51 0.81
C ASN A 35 2.87 4.12 0.59
N CYS A 36 2.54 3.41 1.65
CA CYS A 36 1.87 2.13 1.49
C CYS A 36 0.40 2.35 1.24
N GLN A 37 -0.13 1.74 0.19
CA GLN A 37 -1.51 1.96 -0.19
C GLN A 37 -2.02 0.82 -1.07
N PHE A 38 -3.33 0.63 -1.01
CA PHE A 38 -3.98 -0.44 -1.76
C PHE A 38 -3.88 -0.18 -3.25
N ASN A 39 -3.39 -1.15 -4.00
CA ASN A 39 -3.31 -1.01 -5.45
C ASN A 39 -4.66 -1.29 -6.09
N SER A 40 -5.55 -1.91 -5.30
CA SER A 40 -6.92 -2.17 -5.71
C SER A 40 -6.98 -3.16 -6.87
N THR A 41 -6.68 -4.42 -6.57
CA THR A 41 -6.79 -5.52 -7.53
C THR A 41 -5.79 -5.37 -8.69
N LYS A 42 -4.65 -4.75 -8.39
CA LYS A 42 -3.55 -4.73 -9.35
C LYS A 42 -2.66 -5.94 -9.12
N ALA A 43 -2.35 -6.21 -7.85
CA ALA A 43 -1.57 -7.38 -7.49
C ALA A 43 -2.39 -8.66 -7.66
N SER A 44 -3.31 -8.88 -6.73
CA SER A 44 -4.22 -10.01 -6.82
C SER A 44 -5.44 -9.66 -7.65
N LYS A 45 -5.53 -10.22 -8.84
CA LYS A 45 -6.62 -9.93 -9.75
C LYS A 45 -7.80 -10.85 -9.46
N SER A 46 -7.51 -12.13 -9.32
CA SER A 46 -8.53 -13.13 -9.04
C SER A 46 -7.86 -14.40 -8.55
N GLY A 1 -15.81 -2.45 9.87
CA GLY A 1 -14.56 -2.04 10.55
C GLY A 1 -13.33 -2.56 9.84
N LYS A 2 -13.20 -2.21 8.56
CA LYS A 2 -12.05 -2.64 7.77
C LYS A 2 -11.96 -1.82 6.49
N SER A 3 -10.74 -1.51 6.09
CA SER A 3 -10.49 -0.74 4.88
C SER A 3 -9.11 -1.08 4.33
N PRO A 4 -9.06 -1.72 3.16
CA PRO A 4 -7.80 -2.17 2.56
C PRO A 4 -6.81 -1.04 2.28
N GLU A 5 -7.33 0.11 1.86
CA GLU A 5 -6.46 1.25 1.63
C GLU A 5 -5.86 1.73 2.94
N ALA A 6 -6.69 1.79 3.98
CA ALA A 6 -6.25 2.20 5.30
C ALA A 6 -5.20 1.24 5.85
N GLU A 7 -5.45 -0.06 5.69
CA GLU A 7 -4.54 -1.07 6.22
C GLU A 7 -3.18 -0.97 5.51
N CYS A 8 -3.21 -0.71 4.22
CA CYS A 8 -1.98 -0.52 3.46
C CYS A 8 -1.28 0.78 3.87
N ASN A 9 -2.06 1.86 3.98
CA ASN A 9 -1.52 3.21 4.21
C ASN A 9 -0.64 3.29 5.46
N LYS A 10 -1.03 2.59 6.52
CA LYS A 10 -0.31 2.67 7.79
C LYS A 10 1.09 2.08 7.71
N ILE A 11 1.30 1.15 6.78
CA ILE A 11 2.61 0.52 6.62
C ILE A 11 3.67 1.55 6.20
N THR A 12 4.79 1.56 6.91
CA THR A 12 5.86 2.51 6.62
C THR A 12 7.10 1.81 6.08
N GLU A 13 7.12 0.48 6.19
CA GLU A 13 8.24 -0.30 5.71
C GLU A 13 7.98 -0.84 4.32
N GLU A 14 8.95 -0.66 3.41
CA GLU A 14 8.85 -1.17 2.05
C GLU A 14 8.76 -2.70 2.05
N PRO A 15 9.66 -3.43 2.78
CA PRO A 15 9.60 -4.90 2.84
C PRO A 15 8.24 -5.41 3.29
N LYS A 16 7.67 -4.76 4.31
CA LYS A 16 6.36 -5.15 4.80
C LYS A 16 5.28 -4.90 3.77
N CYS A 17 5.27 -3.69 3.21
CA CYS A 17 4.26 -3.30 2.24
C CYS A 17 4.32 -4.20 1.01
N SER A 18 5.54 -4.49 0.57
CA SER A 18 5.75 -5.35 -0.58
C SER A 18 5.22 -6.76 -0.31
N GLU A 19 5.34 -7.20 0.94
CA GLU A 19 4.83 -8.50 1.34
C GLU A 19 3.30 -8.50 1.40
N GLU A 20 2.74 -7.43 1.98
CA GLU A 20 1.29 -7.31 2.11
C GLU A 20 0.63 -7.32 0.73
N LYS A 21 -0.29 -8.24 0.53
CA LYS A 21 -0.99 -8.35 -0.74
C LYS A 21 -1.95 -7.18 -0.89
N ILE A 22 -2.04 -6.67 -2.12
CA ILE A 22 -2.92 -5.54 -2.47
C ILE A 22 -2.36 -4.20 -2.01
N CYS A 23 -1.29 -4.24 -1.24
CA CYS A 23 -0.55 -3.04 -0.91
C CYS A 23 0.66 -2.93 -1.83
N SER A 24 1.05 -1.71 -2.17
CA SER A 24 2.18 -1.49 -3.04
C SER A 24 2.94 -0.24 -2.62
N TRP A 25 4.25 -0.27 -2.79
CA TRP A 25 5.10 0.83 -2.34
C TRP A 25 4.98 2.03 -3.27
N HIS A 26 5.32 3.19 -2.72
CA HIS A 26 5.11 4.47 -3.38
C HIS A 26 6.19 5.45 -2.92
N LYS A 27 7.44 5.16 -3.25
CA LYS A 27 8.60 5.95 -2.79
C LYS A 27 8.43 7.44 -3.04
N GLU A 28 7.96 7.80 -4.23
CA GLU A 28 7.82 9.21 -4.63
C GLU A 28 6.55 9.83 -4.05
N VAL A 29 6.50 9.99 -2.74
CA VAL A 29 5.30 10.50 -2.08
C VAL A 29 5.17 12.01 -2.19
N LYS A 30 4.04 12.43 -2.75
CA LYS A 30 3.63 13.82 -2.73
C LYS A 30 2.75 14.04 -1.50
N ALA A 31 2.65 15.27 -1.02
CA ALA A 31 1.85 15.54 0.17
C ALA A 31 0.43 15.00 0.01
N GLY A 32 0.00 14.17 0.95
CA GLY A 32 -1.29 13.54 0.86
C GLY A 32 -1.18 12.06 0.52
N GLU A 33 -0.18 11.72 -0.29
CA GLU A 33 0.06 10.33 -0.65
C GLU A 33 0.65 9.56 0.52
N LYS A 34 0.74 8.24 0.35
CA LYS A 34 1.36 7.39 1.36
C LYS A 34 2.35 6.47 0.69
N ASN A 35 3.42 6.13 1.41
CA ASN A 35 4.45 5.27 0.85
C ASN A 35 3.90 3.88 0.61
N CYS A 36 3.12 3.38 1.55
CA CYS A 36 2.38 2.16 1.31
C CYS A 36 0.93 2.52 1.06
N GLN A 37 0.38 2.05 -0.04
CA GLN A 37 -0.96 2.43 -0.43
C GLN A 37 -1.64 1.38 -1.26
N PHE A 38 -2.97 1.40 -1.22
CA PHE A 38 -3.81 0.45 -1.93
C PHE A 38 -3.55 0.55 -3.42
N ASN A 39 -3.13 -0.54 -4.03
CA ASN A 39 -2.77 -0.51 -5.46
C ASN A 39 -4.01 -0.55 -6.35
N SER A 40 -5.09 -1.15 -5.84
CA SER A 40 -6.34 -1.28 -6.59
C SER A 40 -6.19 -2.21 -7.79
N THR A 41 -6.54 -3.48 -7.57
CA THR A 41 -6.52 -4.50 -8.63
C THR A 41 -5.15 -4.56 -9.33
N LYS A 42 -4.10 -4.53 -8.51
CA LYS A 42 -2.74 -4.62 -9.00
C LYS A 42 -1.88 -5.41 -8.02
N ALA A 43 -2.54 -6.26 -7.24
CA ALA A 43 -1.86 -7.06 -6.21
C ALA A 43 -0.96 -8.10 -6.83
N SER A 44 0.30 -7.72 -7.05
CA SER A 44 1.30 -8.58 -7.69
C SER A 44 0.82 -8.96 -9.10
N LYS A 45 -0.10 -8.18 -9.62
CA LYS A 45 -0.64 -8.39 -10.96
C LYS A 45 0.34 -7.87 -11.99
N SER A 46 0.83 -6.66 -11.74
CA SER A 46 1.80 -6.02 -12.59
C SER A 46 2.40 -4.83 -11.86
#